data_3GWC
#
_entry.id   3GWC
#
_cell.length_a   81.044
_cell.length_b   78.447
_cell.length_c   168.959
_cell.angle_alpha   90.00
_cell.angle_beta   96.80
_cell.angle_gamma   90.00
#
_symmetry.space_group_name_H-M   'P 1 21 1'
#
loop_
_entity.id
_entity.type
_entity.pdbx_description
1 polymer 'Thymidylate synthase thyX'
2 non-polymer 'FLAVIN-ADENINE DINUCLEOTIDE'
3 non-polymer "5-FLUORO-2'-DEOXYURIDINE-5'-MONOPHOSPHATE"
4 non-polymer GLYCEROL
5 water water
#
_entity_poly.entity_id   1
_entity_poly.type   'polypeptide(L)'
_entity_poly.pdbx_seq_one_letter_code
;MAETAPLRVQLIAKTDFLAPPDVPWTTDADGGPALVEFAGRACYQSWSKPNPKTATNAGYLRHIIDVGHFSVLEHASVSF
YITGISRSCTHELIRHRHFSYSQLSQRYVPEKDSRVVVPPGMEDDADLRHILTEAADAARATYSELLAKLEAKFADQPNA
ILRRKQARQAARAVLPNATETRIVVTGNYRAWRHFIAMRASEHADVEIRRLAIECLRQLAAVAPAVFADFEVTTLADGTE
VATSPLATEALEHHHHHH
;
_entity_poly.pdbx_strand_id   A,B,C,D,E,F,G,H
#
# COMPACT_ATOMS: atom_id res chain seq x y z
N ALA A 2 35.26 45.84 -1.75
CA ALA A 2 35.78 46.86 -2.70
C ALA A 2 36.75 46.24 -3.68
N GLU A 3 37.56 45.30 -3.19
CA GLU A 3 38.50 44.55 -4.04
C GLU A 3 37.85 43.25 -4.46
N THR A 4 37.88 42.94 -5.76
CA THR A 4 37.26 41.70 -6.22
C THR A 4 38.30 40.59 -6.42
N ALA A 5 37.87 39.34 -6.26
CA ALA A 5 38.77 38.20 -6.34
C ALA A 5 38.35 37.34 -7.52
N PRO A 6 39.27 37.07 -8.46
CA PRO A 6 38.92 36.20 -9.59
C PRO A 6 39.08 34.72 -9.22
N LEU A 7 38.27 33.84 -9.81
CA LEU A 7 38.37 32.40 -9.55
C LEU A 7 39.77 31.95 -9.94
N ARG A 8 40.46 31.24 -9.07
CA ARG A 8 41.72 30.58 -9.44
C ARG A 8 41.75 29.17 -8.86
N VAL A 9 42.09 28.19 -9.72
CA VAL A 9 42.13 26.77 -9.36
C VAL A 9 43.53 26.25 -9.66
N GLN A 10 44.24 25.86 -8.63
CA GLN A 10 45.60 25.41 -8.79
C GLN A 10 45.66 23.96 -8.34
N LEU A 11 46.15 23.10 -9.24
CA LEU A 11 46.33 21.70 -8.93
C LEU A 11 47.60 21.57 -8.08
N ILE A 12 47.45 20.98 -6.89
CA ILE A 12 48.54 20.95 -5.92
C ILE A 12 48.96 19.52 -5.55
N ALA A 13 48.16 18.51 -5.89
CA ALA A 13 48.58 17.15 -5.62
C ALA A 13 47.92 16.15 -6.55
N LYS A 14 48.65 15.09 -6.87
CA LYS A 14 48.15 13.97 -7.65
C LYS A 14 48.85 12.71 -7.17
N THR A 15 48.51 11.58 -7.75
CA THR A 15 49.06 10.31 -7.34
C THR A 15 50.38 9.98 -8.04
N ASP A 16 51.33 9.46 -7.27
CA ASP A 16 52.61 8.90 -7.76
C ASP A 16 52.51 7.36 -7.67
N PHE A 17 52.76 6.65 -8.78
CA PHE A 17 52.59 5.19 -8.84
C PHE A 17 53.93 4.46 -9.03
N LEU A 18 54.17 3.39 -8.28
CA LEU A 18 55.31 2.50 -8.60
C LEU A 18 54.84 1.06 -8.66
N ALA A 19 54.82 0.52 -9.87
CA ALA A 19 54.37 -0.82 -10.14
C ALA A 19 55.18 -1.81 -9.28
N PRO A 20 54.52 -2.81 -8.70
CA PRO A 20 55.28 -3.87 -8.01
C PRO A 20 56.11 -4.69 -9.00
N PRO A 21 57.44 -4.74 -8.80
CA PRO A 21 58.30 -5.34 -9.84
C PRO A 21 57.97 -6.80 -10.20
N ASP A 22 57.53 -7.60 -9.23
CA ASP A 22 57.21 -8.99 -9.50
C ASP A 22 55.96 -9.25 -10.34
N VAL A 23 55.12 -8.25 -10.55
CA VAL A 23 53.91 -8.45 -11.31
C VAL A 23 54.20 -8.29 -12.80
N PRO A 24 53.86 -9.31 -13.62
CA PRO A 24 54.34 -9.29 -15.00
C PRO A 24 53.47 -8.39 -15.88
N TRP A 25 53.62 -7.09 -15.70
CA TRP A 25 52.77 -6.13 -16.34
C TRP A 25 53.46 -4.79 -16.39
N THR A 26 53.22 -4.10 -17.49
CA THR A 26 53.67 -2.73 -17.64
C THR A 26 52.61 -2.02 -18.44
N THR A 27 52.61 -0.71 -18.41
CA THR A 27 51.68 0.03 -19.24
C THR A 27 52.23 1.34 -19.71
N ASP A 28 51.43 1.83 -20.65
CA ASP A 28 51.49 3.07 -21.37
C ASP A 28 51.46 4.41 -20.59
N ALA A 29 51.54 4.39 -19.27
CA ALA A 29 51.27 5.61 -18.51
C ALA A 29 51.89 5.49 -17.16
N ASP A 30 51.84 6.58 -16.42
CA ASP A 30 52.30 6.57 -15.04
C ASP A 30 51.24 7.25 -14.13
N GLY A 31 51.60 7.44 -12.86
CA GLY A 31 50.70 8.11 -11.90
C GLY A 31 49.33 7.44 -11.79
N GLY A 32 48.32 8.27 -11.50
CA GLY A 32 46.94 7.83 -11.26
C GLY A 32 46.36 6.89 -12.30
N PRO A 33 46.40 7.29 -13.59
CA PRO A 33 45.82 6.42 -14.61
C PRO A 33 46.46 5.03 -14.64
N ALA A 34 47.76 4.93 -14.35
CA ALA A 34 48.42 3.60 -14.31
C ALA A 34 47.99 2.80 -13.10
N LEU A 35 47.95 3.46 -11.93
CA LEU A 35 47.37 2.87 -10.70
C LEU A 35 46.00 2.27 -10.95
N VAL A 36 45.10 3.04 -11.58
CA VAL A 36 43.75 2.56 -11.82
C VAL A 36 43.73 1.32 -12.72
N GLU A 37 44.56 1.32 -13.77
CA GLU A 37 44.65 0.12 -14.61
C GLU A 37 45.14 -1.04 -13.76
N PHE A 38 46.18 -0.81 -12.96
CA PHE A 38 46.72 -1.87 -12.14
C PHE A 38 45.66 -2.49 -11.19
N ALA A 39 44.93 -1.61 -10.51
CA ALA A 39 43.83 -2.07 -9.62
C ALA A 39 42.74 -2.89 -10.36
N GLY A 40 42.32 -2.42 -11.52
CA GLY A 40 41.35 -3.15 -12.34
C GLY A 40 41.82 -4.54 -12.76
N ARG A 41 43.07 -4.62 -13.17
CA ARG A 41 43.65 -5.92 -13.57
C ARG A 41 43.87 -6.87 -12.38
N ALA A 42 44.09 -6.29 -11.20
CA ALA A 42 44.21 -7.07 -9.98
C ALA A 42 42.94 -7.88 -9.65
N CYS A 43 41.75 -7.37 -9.99
CA CYS A 43 40.50 -8.08 -9.73
C CYS A 43 40.41 -9.38 -10.55
N TYR A 44 41.01 -9.34 -11.73
CA TYR A 44 40.93 -10.45 -12.69
C TYR A 44 42.25 -11.21 -12.82
N GLN A 45 43.30 -10.71 -12.14
CA GLN A 45 44.70 -11.14 -12.37
C GLN A 45 44.98 -11.25 -13.87
N SER A 46 44.58 -10.24 -14.63
CA SER A 46 44.62 -10.25 -16.10
C SER A 46 45.79 -9.42 -16.61
N TRP A 47 47.01 -9.82 -16.30
CA TRP A 47 48.16 -8.97 -16.56
C TRP A 47 48.54 -8.87 -18.05
N SER A 48 48.05 -9.78 -18.88
CA SER A 48 48.43 -9.81 -20.29
C SER A 48 47.43 -9.03 -21.16
N LYS A 49 47.75 -8.86 -22.44
CA LYS A 49 47.02 -7.87 -23.25
C LYS A 49 46.56 -8.41 -24.61
N PRO A 50 45.46 -9.19 -24.60
CA PRO A 50 44.94 -9.81 -25.82
C PRO A 50 44.25 -8.86 -26.82
N ASN A 51 43.65 -7.77 -26.32
CA ASN A 51 42.78 -6.91 -27.12
C ASN A 51 43.45 -5.57 -27.50
N PRO A 52 43.66 -5.33 -28.82
CA PRO A 52 44.16 -4.02 -29.26
C PRO A 52 43.48 -2.83 -28.56
N LYS A 53 42.15 -2.88 -28.47
CA LYS A 53 41.35 -1.78 -27.93
C LYS A 53 41.51 -1.54 -26.43
N THR A 54 41.85 -2.57 -25.63
CA THR A 54 42.14 -2.37 -24.19
C THR A 54 43.60 -2.69 -23.80
N ALA A 55 44.47 -2.84 -24.79
CA ALA A 55 45.90 -3.10 -24.55
C ALA A 55 46.72 -1.83 -24.31
N THR A 56 46.08 -0.66 -24.34
CA THR A 56 46.75 0.58 -23.92
C THR A 56 46.04 1.12 -22.67
N ASN A 57 46.73 1.95 -21.90
CA ASN A 57 46.14 2.51 -20.67
C ASN A 57 44.83 3.27 -20.95
N ALA A 58 44.87 4.18 -21.92
CA ALA A 58 43.66 4.95 -22.27
C ALA A 58 42.56 4.01 -22.69
N GLY A 59 42.92 2.96 -23.45
CA GLY A 59 41.95 1.95 -23.86
C GLY A 59 41.30 1.19 -22.70
N TYR A 60 42.11 0.68 -21.77
CA TYR A 60 41.61 -0.04 -20.58
C TYR A 60 40.70 0.86 -19.73
N LEU A 61 41.14 2.09 -19.49
CA LEU A 61 40.37 3.04 -18.67
C LEU A 61 39.02 3.38 -19.29
N ARG A 62 39.00 3.58 -20.60
CA ARG A 62 37.77 3.87 -21.31
C ARG A 62 36.80 2.67 -21.21
N HIS A 63 37.36 1.48 -21.18
CA HIS A 63 36.62 0.25 -21.01
C HIS A 63 36.01 0.12 -19.60
N ILE A 64 36.83 0.33 -18.56
CA ILE A 64 36.34 0.37 -17.17
C ILE A 64 35.14 1.28 -16.98
N ILE A 65 35.20 2.45 -17.59
CA ILE A 65 34.14 3.46 -17.49
C ILE A 65 32.89 3.01 -18.24
N ASP A 66 33.08 2.43 -19.43
CA ASP A 66 31.95 1.99 -20.24
C ASP A 66 31.20 0.83 -19.59
N VAL A 67 31.92 -0.10 -18.99
CA VAL A 67 31.26 -1.20 -18.26
C VAL A 67 30.86 -0.84 -16.82
N GLY A 68 31.13 0.38 -16.38
CA GLY A 68 30.66 0.90 -15.09
C GLY A 68 31.33 0.36 -13.83
N HIS A 69 32.61 0.01 -13.92
CA HIS A 69 33.37 -0.41 -12.75
C HIS A 69 34.00 0.81 -12.06
N PHE A 70 33.16 1.71 -11.57
CA PHE A 70 33.63 3.00 -11.08
C PHE A 70 34.44 2.89 -9.78
N SER A 71 34.23 1.82 -8.99
CA SER A 71 34.99 1.66 -7.72
C SER A 71 36.53 1.60 -7.93
N VAL A 72 36.94 1.10 -9.08
CA VAL A 72 38.37 1.04 -9.47
C VAL A 72 39.00 2.45 -9.55
N LEU A 73 38.21 3.45 -9.94
CA LEU A 73 38.70 4.84 -10.08
C LEU A 73 39.03 5.54 -8.76
N GLU A 74 38.55 4.97 -7.65
CA GLU A 74 38.74 5.56 -6.34
C GLU A 74 40.20 5.54 -5.85
N HIS A 75 41.06 4.70 -6.43
CA HIS A 75 42.46 4.60 -5.95
C HIS A 75 43.36 5.84 -6.17
N ALA A 76 43.04 6.65 -7.16
CA ALA A 76 43.81 7.87 -7.50
C ALA A 76 43.06 9.12 -7.10
N SER A 77 43.82 10.08 -6.56
CA SER A 77 43.29 11.32 -6.04
C SER A 77 43.95 12.57 -6.62
N VAL A 78 43.23 13.69 -6.62
CA VAL A 78 43.76 14.98 -7.03
C VAL A 78 43.31 16.02 -6.01
N SER A 79 44.22 16.94 -5.64
CA SER A 79 43.89 18.05 -4.73
C SER A 79 44.06 19.37 -5.49
N PHE A 80 43.16 20.32 -5.21
CA PHE A 80 43.26 21.69 -5.72
C PHE A 80 43.28 22.66 -4.57
N TYR A 81 43.98 23.79 -4.75
CA TYR A 81 43.82 24.92 -3.88
C TYR A 81 43.00 25.91 -4.68
N ILE A 82 41.83 26.23 -4.17
CA ILE A 82 40.90 27.08 -4.86
C ILE A 82 40.74 28.43 -4.14
N THR A 83 40.87 29.51 -4.89
CA THR A 83 40.67 30.85 -4.33
C THR A 83 39.75 31.62 -5.24
N GLY A 84 39.28 32.78 -4.77
CA GLY A 84 38.31 33.55 -5.59
C GLY A 84 36.98 32.79 -5.73
N ILE A 85 36.57 32.12 -4.65
CA ILE A 85 35.34 31.39 -4.56
C ILE A 85 34.53 31.99 -3.35
N SER A 86 33.23 32.16 -3.50
CA SER A 86 32.42 32.78 -2.46
C SER A 86 32.07 31.76 -1.36
N ARG A 87 31.60 32.31 -0.25
CA ARG A 87 31.06 31.57 0.84
C ARG A 87 29.75 30.83 0.49
N SER A 88 28.91 31.44 -0.32
CA SER A 88 27.73 30.73 -0.81
C SER A 88 28.13 29.59 -1.76
N CYS A 89 29.22 29.76 -2.52
CA CYS A 89 29.73 28.65 -3.33
C CYS A 89 30.30 27.50 -2.51
N THR A 90 31.07 27.80 -1.47
CA THR A 90 31.60 26.72 -0.61
C THR A 90 30.49 25.99 0.18
N HIS A 91 29.40 26.70 0.50
CA HIS A 91 28.28 26.12 1.29
C HIS A 91 27.59 25.02 0.43
N GLU A 92 27.58 25.24 -0.88
CA GLU A 92 27.12 24.21 -1.83
C GLU A 92 28.18 23.09 -2.02
N LEU A 93 29.41 23.50 -2.30
CA LEU A 93 30.52 22.56 -2.53
C LEU A 93 30.63 21.50 -1.45
N ILE A 94 30.60 21.90 -0.18
CA ILE A 94 30.91 20.97 0.90
C ILE A 94 29.76 19.97 1.21
N ARG A 95 28.61 20.13 0.56
CA ARG A 95 27.56 19.11 0.55
C ARG A 95 28.01 17.81 -0.11
N HIS A 96 29.09 17.84 -0.91
CA HIS A 96 29.66 16.62 -1.46
C HIS A 96 30.49 15.94 -0.40
N ARG A 97 30.03 14.78 0.05
CA ARG A 97 30.59 14.21 1.24
C ARG A 97 31.74 13.25 0.99
N HIS A 98 32.08 12.91 -0.26
CA HIS A 98 33.24 12.07 -0.50
C HIS A 98 34.44 12.89 -0.98
N PHE A 99 34.58 14.11 -0.47
CA PHE A 99 35.78 14.89 -0.61
C PHE A 99 36.32 15.22 0.80
N SER A 100 37.58 15.67 0.83
CA SER A 100 38.19 16.20 2.03
C SER A 100 38.50 17.67 1.79
N TYR A 101 38.27 18.47 2.83
CA TYR A 101 38.35 19.91 2.73
C TYR A 101 39.22 20.48 3.85
N SER A 102 39.91 21.58 3.54
CA SER A 102 40.54 22.43 4.56
C SER A 102 40.31 23.86 4.05
N GLN A 103 39.61 24.68 4.82
CA GLN A 103 39.09 25.95 4.33
C GLN A 103 39.44 27.07 5.30
N LEU A 104 39.65 28.25 4.73
CA LEU A 104 39.91 29.48 5.47
C LEU A 104 38.82 29.69 6.51
N SER A 105 39.23 29.85 7.77
CA SER A 105 38.33 30.03 8.90
C SER A 105 38.10 31.51 9.22
N GLN A 106 36.85 31.95 9.13
CA GLN A 106 36.47 33.31 9.56
C GLN A 106 36.47 33.44 11.08
N ARG A 107 36.47 32.33 11.81
CA ARG A 107 36.66 32.41 13.28
C ARG A 107 38.06 32.91 13.62
N TYR A 108 39.04 32.63 12.76
CA TYR A 108 40.43 33.00 13.04
C TYR A 108 41.04 34.11 12.14
N VAL A 109 40.80 34.02 10.84
CA VAL A 109 41.55 34.83 9.86
C VAL A 109 40.94 36.22 9.80
N PRO A 110 41.78 37.29 9.69
CA PRO A 110 41.27 38.67 9.57
C PRO A 110 40.49 38.94 8.31
N GLU A 111 39.27 39.47 8.44
CA GLU A 111 38.42 39.72 7.25
C GLU A 111 38.13 41.23 6.95
N LYS A 112 38.81 42.13 7.66
CA LYS A 112 38.55 43.58 7.48
C LYS A 112 38.89 44.04 6.06
N ASP A 113 39.86 43.37 5.44
CA ASP A 113 40.26 43.66 4.07
C ASP A 113 39.92 42.55 3.07
N SER A 114 38.96 41.69 3.43
CA SER A 114 38.55 40.59 2.55
C SER A 114 38.02 41.08 1.20
N ARG A 115 38.27 40.29 0.18
CA ARG A 115 37.83 40.56 -1.16
C ARG A 115 36.45 39.98 -1.34
N VAL A 116 35.78 40.41 -2.39
CA VAL A 116 34.48 39.89 -2.74
C VAL A 116 34.50 39.22 -4.10
N VAL A 117 33.61 38.27 -4.24
CA VAL A 117 33.51 37.49 -5.45
C VAL A 117 32.24 37.96 -6.14
N VAL A 118 32.38 38.38 -7.39
CA VAL A 118 31.21 38.84 -8.14
C VAL A 118 30.46 37.67 -8.73
N PRO A 119 29.15 37.57 -8.47
CA PRO A 119 28.36 36.54 -9.18
C PRO A 119 28.50 36.67 -10.69
N PRO A 120 28.78 35.55 -11.39
CA PRO A 120 28.93 35.59 -12.86
C PRO A 120 27.80 36.28 -13.60
N GLY A 121 26.59 36.16 -13.06
CA GLY A 121 25.44 36.81 -13.63
C GLY A 121 25.50 38.33 -13.67
N MET A 122 26.36 38.97 -12.88
CA MET A 122 26.49 40.42 -12.95
C MET A 122 27.92 40.86 -13.29
N GLU A 123 28.73 39.94 -13.77
CA GLU A 123 30.11 40.26 -14.07
C GLU A 123 30.30 41.42 -15.07
N ASP A 124 29.40 41.53 -16.03
CA ASP A 124 29.59 42.49 -17.14
C ASP A 124 28.82 43.80 -16.94
N ASP A 125 28.18 43.98 -15.80
CA ASP A 125 27.35 45.14 -15.52
C ASP A 125 28.03 45.97 -14.43
N ALA A 126 28.74 47.03 -14.81
CA ALA A 126 29.50 47.84 -13.84
C ALA A 126 28.64 48.43 -12.71
N ASP A 127 27.37 48.71 -12.99
CA ASP A 127 26.46 49.28 -11.97
C ASP A 127 26.09 48.26 -10.90
N LEU A 128 25.87 47.02 -11.31
CA LEU A 128 25.55 45.94 -10.37
C LEU A 128 26.78 45.59 -9.55
N ARG A 129 27.95 45.50 -10.20
CA ARG A 129 29.20 45.33 -9.47
C ARG A 129 29.35 46.41 -8.39
N HIS A 130 28.94 47.64 -8.71
CA HIS A 130 29.04 48.75 -7.76
C HIS A 130 28.08 48.61 -6.59
N ILE A 131 26.83 48.29 -6.87
CA ILE A 131 25.85 48.05 -5.81
C ILE A 131 26.43 46.99 -4.84
N LEU A 132 26.95 45.90 -5.40
CA LEU A 132 27.54 44.83 -4.59
C LEU A 132 28.74 45.29 -3.75
N THR A 133 29.75 45.90 -4.41
CA THR A 133 30.98 46.24 -3.69
C THR A 133 30.79 47.32 -2.64
N GLU A 134 29.81 48.19 -2.88
CA GLU A 134 29.49 49.23 -1.87
C GLU A 134 28.91 48.57 -0.64
N ALA A 135 28.02 47.62 -0.87
CA ALA A 135 27.41 46.87 0.19
C ALA A 135 28.46 46.10 0.99
N ALA A 136 29.43 45.51 0.30
CA ALA A 136 30.47 44.74 0.97
C ALA A 136 31.35 45.67 1.81
N ASP A 137 31.69 46.83 1.27
CA ASP A 137 32.42 47.84 2.04
C ASP A 137 31.68 48.23 3.34
N ALA A 138 30.37 48.48 3.24
CA ALA A 138 29.58 48.78 4.44
C ALA A 138 29.61 47.63 5.44
N ALA A 139 29.52 46.39 4.93
CA ALA A 139 29.58 45.21 5.79
C ALA A 139 30.95 45.06 6.45
N ARG A 140 32.03 45.31 5.73
CA ARG A 140 33.36 45.22 6.34
C ARG A 140 33.57 46.31 7.38
N ALA A 141 33.05 47.51 7.13
CA ALA A 141 33.10 48.56 8.16
C ALA A 141 32.36 48.09 9.42
N THR A 142 31.16 47.54 9.26
CA THR A 142 30.38 47.01 10.39
C THR A 142 31.14 45.90 11.14
N TYR A 143 31.71 44.96 10.40
CA TYR A 143 32.55 43.92 11.00
C TYR A 143 33.66 44.52 11.89
N SER A 144 34.34 45.55 11.40
CA SER A 144 35.45 46.16 12.15
C SER A 144 34.98 46.91 13.38
N GLU A 145 33.79 47.50 13.28
CA GLU A 145 33.14 48.15 14.40
C GLU A 145 32.73 47.17 15.48
N LEU A 146 32.12 46.05 15.10
CA LEU A 146 31.73 45.00 16.05
C LEU A 146 32.95 44.37 16.73
N LEU A 147 33.95 44.01 15.93
CA LEU A 147 35.15 43.35 16.43
C LEU A 147 35.90 44.17 17.49
N ALA A 148 36.06 45.47 17.23
CA ALA A 148 36.68 46.38 18.19
C ALA A 148 36.00 46.23 19.55
N LYS A 149 34.66 46.28 19.56
CA LYS A 149 33.92 46.19 20.83
C LYS A 149 33.98 44.78 21.45
N LEU A 150 33.83 43.75 20.62
CA LEU A 150 33.90 42.37 21.07
C LEU A 150 35.27 41.98 21.65
N GLU A 151 36.34 42.51 21.06
CA GLU A 151 37.69 42.31 21.58
C GLU A 151 37.78 42.80 23.03
N ALA A 152 37.25 44.00 23.30
CA ALA A 152 37.17 44.49 24.69
C ALA A 152 36.36 43.52 25.59
N LYS A 153 35.23 43.04 25.08
CA LYS A 153 34.36 42.16 25.86
C LYS A 153 34.98 40.83 26.26
N PHE A 154 35.84 40.28 25.41
CA PHE A 154 36.45 38.98 25.67
C PHE A 154 37.91 39.08 26.08
N ALA A 155 38.39 40.30 26.34
CA ALA A 155 39.79 40.55 26.69
C ALA A 155 40.29 39.69 27.84
N ASP A 156 39.42 39.36 28.80
CA ASP A 156 39.83 38.60 29.99
C ASP A 156 39.91 37.09 29.78
N GLN A 157 39.76 36.63 28.55
CA GLN A 157 39.96 35.20 28.25
C GLN A 157 41.46 34.98 28.03
N PRO A 158 42.10 34.14 28.87
CA PRO A 158 43.56 34.05 28.86
C PRO A 158 44.17 33.35 27.64
N ASN A 159 43.46 32.34 27.12
CA ASN A 159 43.92 31.62 25.94
C ASN A 159 43.80 32.51 24.70
N ALA A 160 44.94 32.87 24.11
CA ALA A 160 45.01 33.81 22.99
C ALA A 160 44.17 33.35 21.79
N ILE A 161 44.18 32.04 21.51
CA ILE A 161 43.50 31.53 20.31
C ILE A 161 41.96 31.56 20.48
N LEU A 162 41.47 31.21 21.67
CA LEU A 162 40.01 31.21 21.90
C LEU A 162 39.44 32.62 22.02
N ARG A 163 40.18 33.54 22.62
CA ARG A 163 39.70 34.92 22.76
C ARG A 163 39.68 35.62 21.40
N ARG A 164 40.67 35.36 20.54
CA ARG A 164 40.56 35.87 19.17
C ARG A 164 39.36 35.24 18.42
N LYS A 165 39.11 33.94 18.60
CA LYS A 165 37.96 33.28 17.92
C LYS A 165 36.62 33.80 18.46
N GLN A 166 36.49 33.94 19.77
CA GLN A 166 35.24 34.46 20.36
C GLN A 166 34.84 35.83 19.79
N ALA A 167 35.82 36.69 19.57
CA ALA A 167 35.52 38.01 19.04
C ALA A 167 35.20 37.91 17.54
N ARG A 168 36.09 37.28 16.78
CA ARG A 168 35.92 37.23 15.33
C ARG A 168 34.74 36.38 14.85
N GLN A 169 34.41 35.28 15.55
CA GLN A 169 33.25 34.42 15.18
C GLN A 169 31.94 35.19 15.27
N ALA A 170 31.87 36.07 16.27
CA ALA A 170 30.72 36.97 16.42
C ALA A 170 30.74 38.10 15.37
N ALA A 171 31.88 38.77 15.18
CA ALA A 171 31.98 39.85 14.19
C ALA A 171 31.59 39.45 12.77
N ARG A 172 31.97 38.24 12.34
CA ARG A 172 31.70 37.82 10.95
C ARG A 172 30.22 37.59 10.62
N ALA A 173 29.35 37.70 11.63
CA ALA A 173 27.90 37.60 11.41
C ALA A 173 27.40 38.52 10.29
N VAL A 174 28.06 39.67 10.14
CA VAL A 174 27.64 40.66 9.16
C VAL A 174 28.29 40.49 7.80
N LEU A 175 29.28 39.59 7.67
CA LEU A 175 29.96 39.41 6.37
C LEU A 175 29.02 38.77 5.33
N PRO A 176 29.02 39.28 4.08
CA PRO A 176 28.09 38.77 3.07
C PRO A 176 28.53 37.42 2.49
N ASN A 177 27.58 36.75 1.83
CA ASN A 177 27.80 35.53 1.08
C ASN A 177 28.90 35.67 0.05
N ALA A 178 29.01 36.87 -0.56
CA ALA A 178 30.00 37.15 -1.59
C ALA A 178 31.44 37.22 -1.11
N THR A 179 31.65 37.19 0.21
CA THR A 179 32.99 37.20 0.82
C THR A 179 33.87 36.08 0.28
N GLU A 180 35.07 36.43 -0.15
CA GLU A 180 36.02 35.42 -0.64
C GLU A 180 36.40 34.39 0.42
N THR A 181 36.47 33.13 0.01
CA THR A 181 37.07 32.13 0.85
C THR A 181 38.12 31.39 0.00
N ARG A 182 38.88 30.52 0.64
CA ARG A 182 39.94 29.74 0.02
C ARG A 182 39.94 28.36 0.65
N ILE A 183 40.14 27.35 -0.18
CA ILE A 183 39.85 25.98 0.21
C ILE A 183 40.72 25.00 -0.58
N VAL A 184 41.28 24.04 0.14
CA VAL A 184 41.92 22.87 -0.44
C VAL A 184 40.87 21.76 -0.52
N VAL A 185 40.67 21.23 -1.72
CA VAL A 185 39.70 20.16 -1.97
C VAL A 185 40.44 18.95 -2.51
N THR A 186 40.30 17.83 -1.83
CA THR A 186 40.84 16.56 -2.31
C THR A 186 39.75 15.54 -2.56
N GLY A 187 39.82 14.89 -3.70
CA GLY A 187 38.97 13.76 -3.96
C GLY A 187 39.58 12.74 -4.89
N ASN A 188 39.06 11.51 -4.84
CA ASN A 188 39.43 10.53 -5.82
C ASN A 188 38.71 10.74 -7.16
N TYR A 189 39.12 10.01 -8.19
CA TYR A 189 38.59 10.25 -9.53
C TYR A 189 37.07 10.04 -9.59
N ARG A 190 36.55 9.05 -8.88
CA ARG A 190 35.13 8.78 -8.88
C ARG A 190 34.35 9.96 -8.27
N ALA A 191 34.84 10.46 -7.15
CA ALA A 191 34.26 11.63 -6.47
C ALA A 191 34.28 12.88 -7.36
N TRP A 192 35.40 13.13 -8.04
CA TRP A 192 35.47 14.23 -9.00
C TRP A 192 34.46 14.08 -10.13
N ARG A 193 34.33 12.86 -10.66
CA ARG A 193 33.35 12.59 -11.71
C ARG A 193 31.93 12.94 -11.27
N HIS A 194 31.56 12.55 -10.04
CA HIS A 194 30.24 12.83 -9.55
C HIS A 194 30.00 14.34 -9.36
N PHE A 195 30.98 15.04 -8.84
CA PHE A 195 30.89 16.48 -8.66
C PHE A 195 30.68 17.21 -10.01
N ILE A 196 31.48 16.82 -10.98
CA ILE A 196 31.36 17.39 -12.32
C ILE A 196 29.97 17.13 -12.88
N ALA A 197 29.47 15.91 -12.75
CA ALA A 197 28.15 15.57 -13.28
C ALA A 197 27.07 16.45 -12.68
N MET A 198 27.11 16.60 -11.37
CA MET A 198 26.13 17.40 -10.64
C MET A 198 26.29 18.91 -10.81
N ARG A 199 27.53 19.39 -10.90
CA ARG A 199 27.74 20.84 -10.82
C ARG A 199 28.03 21.59 -12.15
N ALA A 200 28.59 20.87 -13.13
CA ALA A 200 28.81 21.40 -14.48
C ALA A 200 27.51 21.22 -15.31
N SER A 201 26.41 21.66 -14.78
CA SER A 201 25.15 21.38 -15.41
C SER A 201 24.28 22.63 -15.36
N GLU A 202 23.30 22.68 -16.24
CA GLU A 202 22.43 23.83 -16.31
C GLU A 202 21.55 23.98 -15.06
N HIS A 203 21.35 22.92 -14.27
CA HIS A 203 20.56 23.06 -13.03
C HIS A 203 21.34 23.78 -11.92
N ALA A 204 22.66 23.79 -12.04
CA ALA A 204 23.53 24.28 -10.98
C ALA A 204 23.64 25.81 -11.06
N ASP A 205 23.91 26.42 -9.92
CA ASP A 205 24.32 27.84 -9.83
C ASP A 205 25.50 28.12 -10.73
N VAL A 206 25.54 29.32 -11.33
CA VAL A 206 26.56 29.62 -12.35
C VAL A 206 27.97 29.70 -11.78
N GLU A 207 28.11 30.09 -10.50
CA GLU A 207 29.41 30.16 -9.90
C GLU A 207 29.98 28.75 -9.69
N ILE A 208 29.23 27.82 -9.11
CA ILE A 208 29.81 26.49 -8.94
C ILE A 208 30.00 25.78 -10.30
N ARG A 209 29.17 26.13 -11.29
CA ARG A 209 29.26 25.55 -12.63
C ARG A 209 30.62 25.90 -13.24
N ARG A 210 30.99 27.16 -13.14
CA ARG A 210 32.28 27.68 -13.58
C ARG A 210 33.44 26.97 -12.92
N LEU A 211 33.33 26.76 -11.60
CA LEU A 211 34.35 26.01 -10.87
C LEU A 211 34.48 24.57 -11.37
N ALA A 212 33.34 23.90 -11.56
CA ALA A 212 33.32 22.50 -12.00
C ALA A 212 33.99 22.33 -13.36
N ILE A 213 33.64 23.21 -14.29
CA ILE A 213 34.23 23.16 -15.65
C ILE A 213 35.76 23.31 -15.61
N GLU A 214 36.27 24.24 -14.81
CA GLU A 214 37.71 24.43 -14.62
C GLU A 214 38.42 23.25 -13.98
N CYS A 215 37.81 22.63 -12.96
CA CYS A 215 38.34 21.39 -12.39
C CYS A 215 38.37 20.28 -13.45
N LEU A 216 37.27 20.08 -14.17
CA LEU A 216 37.22 19.11 -15.29
C LEU A 216 38.40 19.27 -16.28
N ARG A 217 38.63 20.50 -16.71
CA ARG A 217 39.73 20.79 -17.66
C ARG A 217 41.11 20.43 -17.07
N GLN A 218 41.35 20.80 -15.82
CA GLN A 218 42.61 20.41 -15.18
C GLN A 218 42.72 18.90 -14.89
N LEU A 219 41.61 18.28 -14.46
CA LEU A 219 41.57 16.81 -14.25
C LEU A 219 41.80 15.99 -15.55
N ALA A 220 41.20 16.45 -16.65
CA ALA A 220 41.36 15.76 -17.93
C ALA A 220 42.81 15.81 -18.39
N ALA A 221 43.52 16.86 -18.01
CA ALA A 221 44.95 17.03 -18.30
C ALA A 221 45.84 16.09 -17.48
N VAL A 222 45.56 15.93 -16.18
CA VAL A 222 46.35 15.00 -15.34
C VAL A 222 45.95 13.53 -15.49
N ALA A 223 44.74 13.26 -15.96
CA ALA A 223 44.17 11.93 -15.96
C ALA A 223 43.47 11.64 -17.27
N PRO A 224 44.27 11.52 -18.35
CA PRO A 224 43.70 11.21 -19.64
C PRO A 224 42.86 9.95 -19.63
N ALA A 225 41.76 10.01 -20.38
CA ALA A 225 40.81 8.91 -20.57
C ALA A 225 39.78 8.82 -19.44
N VAL A 226 40.14 9.27 -18.24
CA VAL A 226 39.27 9.09 -17.06
C VAL A 226 38.07 10.01 -17.13
N PHE A 227 38.28 11.20 -17.70
CA PHE A 227 37.21 12.20 -17.85
C PHE A 227 36.71 12.45 -19.31
N ALA A 228 37.19 11.63 -20.24
CA ALA A 228 37.00 11.82 -21.69
C ALA A 228 35.54 11.74 -22.11
N ASP A 229 34.72 10.98 -21.39
CA ASP A 229 33.32 10.90 -21.69
C ASP A 229 32.55 12.19 -21.38
N PHE A 230 33.09 13.11 -20.59
CA PHE A 230 32.48 14.43 -20.39
C PHE A 230 32.84 15.32 -21.58
N GLU A 231 31.84 16.02 -22.10
CA GLU A 231 31.97 16.87 -23.29
C GLU A 231 31.50 18.25 -22.89
N VAL A 232 32.33 19.27 -23.11
CA VAL A 232 31.96 20.63 -22.75
C VAL A 232 31.26 21.30 -23.90
N THR A 233 30.10 21.89 -23.59
CA THR A 233 29.37 22.71 -24.55
C THR A 233 29.06 24.06 -23.91
N THR A 234 28.92 25.07 -24.77
CA THR A 234 28.73 26.45 -24.33
C THR A 234 27.27 26.76 -24.57
N LEU A 235 26.54 27.08 -23.50
CA LEU A 235 25.13 27.46 -23.67
C LEU A 235 25.05 28.86 -24.32
N ALA A 236 23.81 29.30 -24.62
CA ALA A 236 23.54 30.58 -25.32
C ALA A 236 23.93 31.85 -24.53
N ASP A 237 23.89 31.78 -23.20
CA ASP A 237 24.37 32.88 -22.37
C ASP A 237 25.90 32.89 -22.26
N GLY A 238 26.55 31.91 -22.90
CA GLY A 238 28.01 31.85 -22.93
C GLY A 238 28.63 31.08 -21.78
N THR A 239 27.82 30.64 -20.81
CA THR A 239 28.33 29.77 -19.76
C THR A 239 28.53 28.36 -20.33
N GLU A 240 29.39 27.59 -19.67
CA GLU A 240 29.73 26.27 -20.13
C GLU A 240 29.21 25.17 -19.22
N VAL A 241 28.76 24.07 -19.84
CA VAL A 241 28.23 22.92 -19.13
C VAL A 241 28.97 21.70 -19.65
N ALA A 242 29.07 20.65 -18.84
CA ALA A 242 29.71 19.40 -19.27
C ALA A 242 28.76 18.23 -19.09
N THR A 243 28.60 17.45 -20.14
CA THR A 243 27.65 16.36 -20.12
C THR A 243 28.34 15.04 -20.48
N SER A 244 27.90 13.97 -19.84
CA SER A 244 28.35 12.63 -20.13
C SER A 244 27.16 11.68 -20.16
N PRO A 245 27.09 10.78 -21.15
CA PRO A 245 26.04 9.77 -21.14
C PRO A 245 26.27 8.65 -20.10
N LEU A 246 27.42 8.62 -19.43
CA LEU A 246 27.67 7.67 -18.35
C LEU A 246 27.59 8.30 -16.95
N ALA A 247 27.12 9.56 -16.86
CA ALA A 247 27.04 10.30 -15.58
C ALA A 247 26.28 11.63 -15.72
N ALA B 2 25.29 -32.37 6.84
CA ALA B 2 25.15 -30.88 6.74
C ALA B 2 23.68 -30.49 6.60
N GLU B 3 23.23 -29.61 7.49
CA GLU B 3 21.92 -28.97 7.38
C GLU B 3 22.05 -27.77 6.46
N THR B 4 21.07 -27.59 5.58
CA THR B 4 21.09 -26.49 4.63
C THR B 4 20.23 -25.37 5.19
N ALA B 5 20.52 -24.13 4.82
CA ALA B 5 19.83 -22.98 5.40
C ALA B 5 19.19 -22.23 4.27
N PRO B 6 17.87 -21.98 4.37
CA PRO B 6 17.21 -21.19 3.34
C PRO B 6 17.26 -19.68 3.65
N LEU B 7 17.16 -18.86 2.62
CA LEU B 7 17.22 -17.40 2.79
C LEU B 7 15.97 -16.96 3.57
N ARG B 8 16.17 -16.20 4.63
CA ARG B 8 15.08 -15.55 5.31
C ARG B 8 15.46 -14.10 5.54
N VAL B 9 14.57 -13.20 5.13
CA VAL B 9 14.76 -11.77 5.29
C VAL B 9 13.63 -11.22 6.16
N GLN B 10 13.97 -10.61 7.30
CA GLN B 10 12.96 -10.10 8.22
C GLN B 10 13.17 -8.59 8.44
N LEU B 11 12.13 -7.79 8.19
CA LEU B 11 12.18 -6.35 8.40
C LEU B 11 12.02 -6.07 9.88
N ILE B 12 13.06 -5.53 10.50
CA ILE B 12 13.07 -5.31 11.95
C ILE B 12 13.08 -3.83 12.42
N ALA B 13 13.23 -2.88 11.49
CA ALA B 13 13.16 -1.44 11.82
C ALA B 13 12.80 -0.56 10.63
N LYS B 14 12.03 0.50 10.90
CA LYS B 14 11.69 1.51 9.94
C LYS B 14 11.52 2.83 10.70
N THR B 15 11.00 3.86 10.05
CA THR B 15 10.95 5.21 10.62
C THR B 15 9.63 5.53 11.29
N ASP B 16 9.72 6.14 12.47
CA ASP B 16 8.60 6.73 13.15
C ASP B 16 8.67 8.24 12.87
N PHE B 17 7.65 8.83 12.24
CA PHE B 17 7.64 10.27 11.93
C PHE B 17 6.68 11.04 12.83
N LEU B 18 7.14 12.18 13.31
CA LEU B 18 6.36 13.05 14.22
C LEU B 18 6.33 14.47 13.63
N ALA B 19 5.22 14.83 12.96
CA ALA B 19 5.11 16.15 12.33
C ALA B 19 5.31 17.23 13.41
N PRO B 20 6.14 18.25 13.12
CA PRO B 20 6.42 19.28 14.16
C PRO B 20 5.31 20.33 14.21
N PRO B 21 4.77 20.63 15.42
CA PRO B 21 3.48 21.32 15.56
C PRO B 21 3.33 22.67 14.85
N ASP B 22 4.39 23.48 14.81
CA ASP B 22 4.25 24.87 14.34
C ASP B 22 4.63 25.11 12.87
N VAL B 23 4.76 24.01 12.11
CA VAL B 23 4.93 24.09 10.67
C VAL B 23 3.55 23.84 10.09
N PRO B 24 3.04 24.74 9.23
CA PRO B 24 1.66 24.64 8.77
C PRO B 24 1.53 23.68 7.58
N TRP B 25 1.71 22.40 7.84
CA TRP B 25 1.67 21.36 6.84
C TRP B 25 1.17 20.10 7.50
N THR B 26 0.40 19.31 6.76
CA THR B 26 0.10 17.94 7.14
C THR B 26 0.18 17.10 5.88
N THR B 27 0.26 15.78 6.03
CA THR B 27 0.15 14.90 4.89
C THR B 27 -0.64 13.62 5.23
N ASP B 28 -1.07 12.92 4.20
CA ASP B 28 -1.86 11.68 4.35
C ASP B 28 -1.04 10.43 4.79
N ALA B 29 0.27 10.52 4.62
CA ALA B 29 1.18 9.43 4.85
C ALA B 29 1.72 9.46 6.27
N ASP B 30 2.27 8.33 6.68
CA ASP B 30 2.98 8.19 7.92
C ASP B 30 4.42 7.67 7.69
N GLY B 31 5.22 7.66 8.74
CA GLY B 31 6.55 7.06 8.69
C GLY B 31 7.52 7.65 7.68
N GLY B 32 8.34 6.77 7.10
CA GLY B 32 9.40 7.20 6.17
C GLY B 32 8.91 8.08 5.02
N PRO B 33 7.85 7.66 4.33
CA PRO B 33 7.45 8.48 3.21
C PRO B 33 7.03 9.91 3.59
N ALA B 34 6.45 10.06 4.77
CA ALA B 34 6.03 11.37 5.26
C ALA B 34 7.26 12.21 5.60
N LEU B 35 8.24 11.58 6.23
CA LEU B 35 9.50 12.25 6.57
C LEU B 35 10.19 12.80 5.34
N VAL B 36 10.23 11.98 4.28
CA VAL B 36 10.85 12.37 3.01
C VAL B 36 10.14 13.56 2.39
N GLU B 37 8.81 13.55 2.38
CA GLU B 37 8.06 14.72 1.91
C GLU B 37 8.40 15.97 2.75
N PHE B 38 8.40 15.83 4.06
CA PHE B 38 8.70 16.96 4.93
C PHE B 38 10.07 17.58 4.58
N ALA B 39 11.06 16.71 4.44
CA ALA B 39 12.43 17.16 4.19
C ALA B 39 12.55 17.83 2.81
N GLY B 40 11.90 17.27 1.80
CA GLY B 40 11.80 17.94 0.47
C GLY B 40 11.15 19.30 0.55
N ARG B 41 10.03 19.39 1.28
CA ARG B 41 9.37 20.71 1.40
C ARG B 41 10.17 21.72 2.23
N ALA B 42 10.99 21.25 3.16
CA ALA B 42 11.82 22.15 3.97
C ALA B 42 12.79 22.96 3.10
N CYS B 43 13.20 22.39 1.96
CA CYS B 43 14.13 23.05 1.04
C CYS B 43 13.52 24.29 0.37
N TYR B 44 12.23 24.21 0.08
CA TYR B 44 11.50 25.26 -0.59
C TYR B 44 10.55 26.01 0.35
N GLN B 45 10.52 25.61 1.62
CA GLN B 45 9.47 26.05 2.56
C GLN B 45 8.08 26.12 1.88
N SER B 46 7.75 25.05 1.15
CA SER B 46 6.50 24.90 0.39
C SER B 46 5.42 24.16 1.16
N TRP B 47 5.10 24.67 2.33
CA TRP B 47 4.25 23.96 3.31
C TRP B 47 2.77 23.95 2.90
N SER B 48 2.30 24.99 2.23
CA SER B 48 0.94 24.96 1.68
C SER B 48 0.96 23.94 0.57
N LYS B 49 -0.16 23.63 -0.05
CA LYS B 49 -0.08 22.65 -1.14
C LYS B 49 -0.17 23.38 -2.44
N PRO B 50 0.85 24.24 -2.73
CA PRO B 50 0.59 25.17 -3.82
C PRO B 50 0.28 24.43 -5.11
N ASN B 51 1.00 23.32 -5.35
CA ASN B 51 0.86 22.53 -6.56
C ASN B 51 -0.04 21.32 -6.29
N PRO B 52 -1.22 21.27 -6.93
CA PRO B 52 -2.16 20.13 -6.93
C PRO B 52 -1.58 18.75 -7.27
N LYS B 53 -0.72 18.65 -8.29
CA LYS B 53 -0.18 17.34 -8.72
C LYS B 53 0.66 16.68 -7.65
N THR B 54 1.24 17.49 -6.78
CA THR B 54 2.19 17.02 -5.77
C THR B 54 1.67 17.28 -4.34
N ALA B 55 0.36 17.49 -4.22
CA ALA B 55 -0.31 17.78 -2.93
C ALA B 55 -0.77 16.55 -2.14
N THR B 56 -0.51 15.35 -2.64
CA THR B 56 -0.61 14.11 -1.86
C THR B 56 0.83 13.59 -1.64
N ASN B 57 1.04 12.75 -0.64
CA ASN B 57 2.37 12.15 -0.47
C ASN B 57 2.84 11.37 -1.71
N ALA B 58 1.95 10.58 -2.30
CA ALA B 58 2.34 9.71 -3.41
C ALA B 58 2.73 10.57 -4.63
N GLY B 59 2.00 11.65 -4.83
CA GLY B 59 2.29 12.60 -5.90
C GLY B 59 3.60 13.31 -5.65
N TYR B 60 3.84 13.73 -4.40
CA TYR B 60 5.08 14.40 -4.03
C TYR B 60 6.32 13.52 -4.22
N LEU B 61 6.26 12.26 -3.76
CA LEU B 61 7.41 11.38 -3.88
C LEU B 61 7.66 10.99 -5.34
N ARG B 62 6.60 10.85 -6.12
CA ARG B 62 6.75 10.54 -7.54
C ARG B 62 7.55 11.67 -8.21
N HIS B 63 7.22 12.92 -7.89
CA HIS B 63 7.97 14.08 -8.40
C HIS B 63 9.45 14.00 -8.01
N ILE B 64 9.70 13.87 -6.71
CA ILE B 64 11.06 13.77 -6.16
C ILE B 64 11.91 12.79 -6.93
N ILE B 65 11.36 11.61 -7.19
CA ILE B 65 12.06 10.55 -7.92
C ILE B 65 12.23 10.91 -9.40
N ASP B 66 11.15 11.36 -10.02
CA ASP B 66 11.18 11.77 -11.44
C ASP B 66 12.22 12.85 -11.74
N VAL B 67 12.41 13.82 -10.85
CA VAL B 67 13.38 14.90 -11.09
C VAL B 67 14.76 14.66 -10.42
N GLY B 68 14.98 13.46 -9.89
CA GLY B 68 16.30 13.05 -9.38
C GLY B 68 16.82 13.70 -8.11
N HIS B 69 15.93 14.12 -7.22
CA HIS B 69 16.34 14.73 -5.97
C HIS B 69 16.54 13.64 -4.90
N PHE B 70 17.52 12.75 -5.11
CA PHE B 70 17.66 11.53 -4.32
C PHE B 70 18.19 11.74 -2.89
N SER B 71 18.87 12.86 -2.63
CA SER B 71 19.39 13.11 -1.29
C SER B 71 18.29 13.19 -0.23
N VAL B 72 17.10 13.63 -0.60
CA VAL B 72 15.99 13.72 0.35
C VAL B 72 15.52 12.32 0.84
N LEU B 73 15.76 11.29 0.03
CA LEU B 73 15.44 9.90 0.41
C LEU B 73 16.30 9.36 1.53
N GLU B 74 17.42 10.02 1.82
CA GLU B 74 18.34 9.53 2.82
C GLU B 74 17.82 9.64 4.25
N HIS B 75 16.79 10.46 4.49
CA HIS B 75 16.34 10.67 5.87
C HIS B 75 15.62 9.48 6.47
N ALA B 76 15.06 8.60 5.65
CA ALA B 76 14.34 7.45 6.18
C ALA B 76 15.17 6.19 5.96
N SER B 77 15.07 5.29 6.93
CA SER B 77 15.86 4.04 6.93
C SER B 77 14.99 2.81 7.18
N VAL B 78 15.54 1.67 6.79
CA VAL B 78 14.95 0.37 7.04
C VAL B 78 16.06 -0.59 7.45
N SER B 79 15.78 -1.45 8.42
CA SER B 79 16.73 -2.49 8.84
C SER B 79 16.13 -3.87 8.59
N PHE B 80 16.95 -4.82 8.15
CA PHE B 80 16.56 -6.22 8.05
C PHE B 80 17.49 -7.09 8.87
N TYR B 81 16.93 -8.18 9.40
CA TYR B 81 17.73 -9.30 9.91
C TYR B 81 17.65 -10.41 8.88
N ILE B 82 18.81 -10.80 8.39
CA ILE B 82 18.94 -11.77 7.29
C ILE B 82 19.67 -13.02 7.75
N THR B 83 19.05 -14.17 7.52
CA THR B 83 19.67 -15.46 7.82
C THR B 83 19.69 -16.31 6.53
N GLY B 84 20.39 -17.44 6.52
CA GLY B 84 20.41 -18.27 5.29
C GLY B 84 21.13 -17.60 4.13
N ILE B 85 22.12 -16.78 4.47
CA ILE B 85 22.98 -16.16 3.45
C ILE B 85 24.39 -16.71 3.67
N SER B 86 25.15 -16.92 2.59
CA SER B 86 26.48 -17.49 2.70
C SER B 86 27.55 -16.48 3.09
N ARG B 87 28.69 -17.01 3.48
CA ARG B 87 29.85 -16.17 3.72
C ARG B 87 30.38 -15.45 2.46
N SER B 88 30.24 -16.04 1.29
CA SER B 88 30.67 -15.37 0.05
C SER B 88 29.67 -14.26 -0.34
N CYS B 89 28.41 -14.48 0.02
CA CYS B 89 27.41 -13.47 -0.25
C CYS B 89 27.68 -12.24 0.64
N THR B 90 27.96 -12.44 1.93
CA THR B 90 28.26 -11.31 2.80
C THR B 90 29.56 -10.59 2.42
N HIS B 91 30.53 -11.32 1.89
CA HIS B 91 31.77 -10.70 1.45
C HIS B 91 31.51 -9.70 0.28
N GLU B 92 30.49 -9.94 -0.53
CA GLU B 92 30.04 -8.97 -1.55
C GLU B 92 29.19 -7.88 -0.96
N LEU B 93 28.19 -8.25 -0.16
CA LEU B 93 27.26 -7.30 0.44
C LEU B 93 27.95 -6.15 1.13
N ILE B 94 28.94 -6.47 1.95
CA ILE B 94 29.55 -5.45 2.80
C ILE B 94 30.50 -4.50 2.06
N ARG B 95 30.74 -4.75 0.78
CA ARG B 95 31.35 -3.78 -0.08
C ARG B 95 30.51 -2.51 -0.25
N HIS B 96 29.20 -2.59 0.03
CA HIS B 96 28.35 -1.37 0.03
C HIS B 96 28.59 -0.60 1.30
N ARG B 97 29.17 0.56 1.15
CA ARG B 97 29.73 1.28 2.32
C ARG B 97 28.76 2.27 2.96
N HIS B 98 27.60 2.48 2.37
CA HIS B 98 26.55 3.32 3.00
C HIS B 98 25.46 2.51 3.67
N PHE B 99 25.80 1.29 4.07
CA PHE B 99 24.96 0.52 4.95
C PHE B 99 25.72 0.45 6.28
N SER B 100 25.01 0.03 7.34
CA SER B 100 25.62 -0.39 8.59
C SER B 100 25.28 -1.87 8.83
N TYR B 101 26.24 -2.58 9.43
CA TYR B 101 26.16 -4.02 9.57
C TYR B 101 26.50 -4.45 11.00
N SER B 102 25.86 -5.54 11.40
CA SER B 102 26.25 -6.31 12.59
C SER B 102 26.06 -7.77 12.19
N GLN B 103 27.15 -8.52 12.17
CA GLN B 103 27.22 -9.87 11.64
C GLN B 103 27.73 -10.90 12.62
N LEU B 104 27.16 -12.11 12.52
CA LEU B 104 27.60 -13.31 13.25
C LEU B 104 29.11 -13.54 13.13
N SER B 105 29.81 -13.66 14.26
CA SER B 105 31.25 -13.71 14.26
C SER B 105 31.78 -15.11 14.40
N GLN B 106 32.57 -15.56 13.41
CA GLN B 106 33.20 -16.88 13.53
C GLN B 106 34.35 -16.90 14.54
N ARG B 107 34.88 -15.75 14.92
CA ARG B 107 35.89 -15.69 15.99
C ARG B 107 35.26 -16.00 17.34
N TYR B 108 33.95 -15.75 17.49
CA TYR B 108 33.25 -15.89 18.80
C TYR B 108 32.29 -17.11 18.87
N VAL B 109 31.50 -17.30 17.81
CA VAL B 109 30.43 -18.27 17.78
C VAL B 109 30.88 -19.64 17.26
N PRO B 110 30.58 -20.72 18.01
CA PRO B 110 31.05 -22.04 17.59
C PRO B 110 30.36 -22.47 16.33
N GLU B 111 31.10 -23.11 15.42
CA GLU B 111 30.58 -23.44 14.10
C GLU B 111 30.56 -24.95 13.88
N LYS B 112 30.67 -25.71 14.97
CA LYS B 112 30.73 -27.16 14.84
C LYS B 112 29.46 -27.68 14.19
N ASP B 113 28.33 -26.99 14.39
CA ASP B 113 27.05 -27.40 13.83
C ASP B 113 26.53 -26.41 12.79
N SER B 114 27.43 -25.67 12.14
CA SER B 114 27.01 -24.65 11.19
C SER B 114 26.27 -25.24 9.99
N ARG B 115 25.29 -24.49 9.50
CA ARG B 115 24.58 -24.85 8.29
C ARG B 115 25.30 -24.35 7.06
N VAL B 116 24.95 -24.91 5.91
CA VAL B 116 25.48 -24.42 4.64
C VAL B 116 24.36 -23.87 3.78
N VAL B 117 24.71 -22.94 2.90
CA VAL B 117 23.78 -22.34 1.94
C VAL B 117 24.09 -22.90 0.57
N VAL B 118 23.07 -23.46 -0.09
CA VAL B 118 23.27 -24.03 -1.40
C VAL B 118 23.22 -22.94 -2.45
N PRO B 119 24.28 -22.77 -3.25
CA PRO B 119 24.20 -21.85 -4.38
C PRO B 119 22.99 -22.10 -5.26
N PRO B 120 22.23 -21.02 -5.59
CA PRO B 120 21.03 -21.10 -6.41
C PRO B 120 21.21 -21.96 -7.66
N GLY B 121 22.39 -21.91 -8.27
CA GLY B 121 22.68 -22.73 -9.47
C GLY B 121 22.66 -24.25 -9.25
N MET B 122 22.79 -24.67 -7.99
CA MET B 122 22.90 -26.09 -7.60
C MET B 122 21.66 -26.58 -6.91
N GLU B 123 20.76 -25.66 -6.61
CA GLU B 123 19.63 -25.94 -5.72
C GLU B 123 18.76 -27.09 -6.18
N ASP B 124 18.52 -27.15 -7.48
CA ASP B 124 17.57 -28.13 -8.00
C ASP B 124 18.21 -29.52 -8.23
N ASP B 125 19.47 -29.71 -7.85
CA ASP B 125 20.25 -30.90 -8.26
C ASP B 125 20.74 -31.74 -7.07
N ALA B 126 20.13 -32.91 -6.87
CA ALA B 126 20.52 -33.82 -5.78
C ALA B 126 22.00 -34.22 -5.79
N ASP B 127 22.55 -34.51 -6.97
CA ASP B 127 23.97 -34.88 -7.11
C ASP B 127 24.88 -33.78 -6.57
N LEU B 128 24.71 -32.58 -7.10
CA LEU B 128 25.55 -31.43 -6.77
C LEU B 128 25.41 -31.04 -5.29
N ARG B 129 24.17 -30.99 -4.80
CA ARG B 129 23.93 -30.70 -3.39
C ARG B 129 24.58 -31.74 -2.49
N HIS B 130 24.60 -33.00 -2.93
CA HIS B 130 25.22 -34.05 -2.13
C HIS B 130 26.74 -33.81 -2.04
N ILE B 131 27.35 -33.45 -3.17
CA ILE B 131 28.78 -33.13 -3.20
C ILE B 131 29.12 -31.98 -2.23
N LEU B 132 28.31 -30.93 -2.21
CA LEU B 132 28.51 -29.81 -1.29
C LEU B 132 28.37 -30.23 0.17
N THR B 133 27.28 -30.91 0.49
CA THR B 133 26.98 -31.25 1.88
C THR B 133 28.03 -32.23 2.44
N GLU B 134 28.49 -33.19 1.63
CA GLU B 134 29.61 -34.05 2.05
C GLU B 134 30.93 -33.31 2.24
N ALA B 135 31.23 -32.34 1.36
CA ALA B 135 32.39 -31.48 1.54
C ALA B 135 32.26 -30.62 2.80
N ALA B 136 31.04 -30.12 3.07
CA ALA B 136 30.79 -29.32 4.29
C ALA B 136 31.05 -30.15 5.55
N ASP B 137 30.51 -31.36 5.56
CA ASP B 137 30.71 -32.29 6.68
C ASP B 137 32.19 -32.61 6.89
N ALA B 138 32.95 -32.85 5.82
CA ALA B 138 34.40 -33.06 5.96
C ALA B 138 35.08 -31.84 6.60
N ALA B 139 34.72 -30.64 6.15
CA ALA B 139 35.32 -29.40 6.70
C ALA B 139 34.96 -29.15 8.16
N ARG B 140 33.70 -29.35 8.52
CA ARG B 140 33.30 -29.26 9.94
C ARG B 140 34.04 -30.29 10.83
N ALA B 141 34.25 -31.51 10.34
CA ALA B 141 35.04 -32.48 11.09
C ALA B 141 36.45 -31.94 11.31
N THR B 142 37.03 -31.36 10.27
CA THR B 142 38.39 -30.83 10.36
C THR B 142 38.43 -29.64 11.30
N TYR B 143 37.42 -28.79 11.18
CA TYR B 143 37.28 -27.63 12.09
C TYR B 143 37.33 -28.06 13.55
N SER B 144 36.53 -29.07 13.88
CA SER B 144 36.46 -29.57 15.27
C SER B 144 37.75 -30.27 15.69
N GLU B 145 38.37 -31.04 14.80
CA GLU B 145 39.71 -31.58 15.03
C GLU B 145 40.74 -30.51 15.39
N LEU B 146 40.87 -29.48 14.54
CA LEU B 146 41.76 -28.35 14.79
C LEU B 146 41.40 -27.60 16.06
N LEU B 147 40.12 -27.42 16.31
CA LEU B 147 39.69 -26.73 17.52
C LEU B 147 40.18 -27.45 18.79
N ALA B 148 40.09 -28.77 18.81
CA ALA B 148 40.56 -29.56 19.96
C ALA B 148 42.09 -29.45 20.11
N LYS B 149 42.81 -29.60 19.00
CA LYS B 149 44.29 -29.49 19.05
C LYS B 149 44.81 -28.08 19.28
N LEU B 150 44.03 -27.06 18.88
CA LEU B 150 44.38 -25.64 19.12
C LEU B 150 44.11 -25.23 20.57
N GLU B 151 43.00 -25.67 21.16
CA GLU B 151 42.78 -25.50 22.60
C GLU B 151 43.90 -26.18 23.42
N ALA B 152 44.33 -27.36 22.98
CA ALA B 152 45.43 -28.10 23.61
C ALA B 152 46.78 -27.44 23.32
N LYS B 153 46.96 -26.94 22.09
CA LYS B 153 48.17 -26.20 21.75
C LYS B 153 48.33 -24.92 22.57
N PHE B 154 47.23 -24.24 22.88
CA PHE B 154 47.31 -23.03 23.69
C PHE B 154 47.14 -23.38 25.17
N ASN B 159 44.19 -17.29 29.31
CA ASN B 159 42.94 -17.61 30.00
C ASN B 159 41.98 -18.45 29.16
N ALA B 160 41.00 -19.08 29.81
CA ALA B 160 40.14 -20.06 29.17
C ALA B 160 39.28 -19.55 28.00
N ILE B 161 38.86 -18.27 28.05
CA ILE B 161 37.97 -17.71 27.01
C ILE B 161 38.72 -17.35 25.73
N LEU B 162 39.90 -16.76 25.90
CA LEU B 162 40.69 -16.36 24.75
C LEU B 162 41.38 -17.59 24.20
N ARG B 163 41.78 -18.51 25.08
CA ARG B 163 42.23 -19.83 24.63
C ARG B 163 41.27 -20.41 23.57
N ARG B 164 39.98 -20.39 23.88
CA ARG B 164 38.97 -20.88 22.97
C ARG B 164 38.88 -20.01 21.71
N LYS B 165 38.81 -18.68 21.88
CA LYS B 165 38.75 -17.74 20.76
C LYS B 165 40.00 -17.73 19.85
N GLN B 166 41.18 -17.79 20.45
CA GLN B 166 42.43 -17.91 19.70
C GLN B 166 42.39 -19.19 18.91
N ALA B 167 41.83 -20.23 19.51
CA ALA B 167 41.65 -21.51 18.85
C ALA B 167 40.62 -21.43 17.73
N ARG B 168 39.52 -20.72 18.02
CA ARG B 168 38.40 -20.69 17.11
C ARG B 168 38.70 -19.88 15.82
N GLN B 169 39.41 -18.77 15.99
CA GLN B 169 39.78 -17.92 14.87
C GLN B 169 40.77 -18.63 13.96
N ALA B 170 41.57 -19.56 14.51
CA ALA B 170 42.47 -20.36 13.67
C ALA B 170 41.70 -21.48 12.99
N ALA B 171 40.91 -22.23 13.76
CA ALA B 171 40.18 -23.40 13.27
C ALA B 171 39.25 -23.11 12.08
N ARG B 172 38.65 -21.91 12.05
CA ARG B 172 37.67 -21.57 10.97
C ARG B 172 38.30 -21.37 9.60
N ALA B 173 39.62 -21.41 9.56
CA ALA B 173 40.39 -21.42 8.33
C ALA B 173 39.86 -22.42 7.33
N VAL B 174 39.34 -23.55 7.82
CA VAL B 174 38.81 -24.60 6.97
C VAL B 174 37.31 -24.51 6.64
N LEU B 175 36.59 -23.60 7.27
CA LEU B 175 35.17 -23.48 6.98
C LEU B 175 34.97 -22.94 5.56
N PRO B 176 34.06 -23.55 4.80
CA PRO B 176 33.84 -23.12 3.42
C PRO B 176 33.07 -21.80 3.27
N ASN B 177 33.20 -21.20 2.08
CA ASN B 177 32.41 -20.07 1.63
C ASN B 177 30.91 -20.24 1.82
N ALA B 178 30.41 -21.45 1.59
CA ALA B 178 29.00 -21.79 1.75
C ALA B 178 28.45 -21.77 3.20
N THR B 179 29.32 -21.71 4.19
CA THR B 179 28.90 -21.64 5.58
C THR B 179 27.88 -20.52 5.81
N GLU B 180 26.83 -20.82 6.54
CA GLU B 180 25.79 -19.85 6.82
C GLU B 180 26.31 -18.75 7.72
N THR B 181 25.84 -17.54 7.46
CA THR B 181 26.08 -16.43 8.39
C THR B 181 24.77 -15.69 8.60
N ARG B 182 24.76 -14.74 9.51
CA ARG B 182 23.56 -14.01 9.82
C ARG B 182 23.91 -12.58 10.06
N ILE B 183 23.05 -11.66 9.62
CA ILE B 183 23.45 -10.28 9.60
C ILE B 183 22.29 -9.28 9.69
N VAL B 184 22.52 -8.21 10.45
CA VAL B 184 21.64 -7.07 10.49
C VAL B 184 22.19 -6.00 9.54
N VAL B 185 21.37 -5.57 8.59
CA VAL B 185 21.75 -4.54 7.61
C VAL B 185 20.79 -3.37 7.72
N THR B 186 21.37 -2.19 7.91
CA THR B 186 20.61 -0.96 7.99
C THR B 186 21.06 0.00 6.90
N GLY B 187 20.08 0.53 6.18
CA GLY B 187 20.31 1.52 5.14
C GLY B 187 19.21 2.52 4.98
N ASN B 188 19.57 3.72 4.51
CA ASN B 188 18.52 4.67 4.14
C ASN B 188 17.94 4.34 2.75
N TYR B 189 16.83 4.99 2.37
CA TYR B 189 16.14 4.59 1.15
C TYR B 189 17.05 4.74 -0.06
N ARG B 190 17.88 5.77 -0.07
CA ARG B 190 18.80 5.99 -1.20
C ARG B 190 19.84 4.87 -1.34
N ALA B 191 20.43 4.49 -0.21
CA ALA B 191 21.32 3.35 -0.16
C ALA B 191 20.67 2.06 -0.64
N TRP B 192 19.42 1.81 -0.22
CA TRP B 192 18.72 0.60 -0.66
C TRP B 192 18.46 0.63 -2.14
N ARG B 193 18.09 1.78 -2.67
CA ARG B 193 17.88 1.90 -4.11
C ARG B 193 19.13 1.57 -4.89
N HIS B 194 20.26 2.07 -4.44
CA HIS B 194 21.49 1.81 -5.15
C HIS B 194 21.89 0.32 -5.10
N PHE B 195 21.72 -0.30 -3.93
CA PHE B 195 21.98 -1.73 -3.75
C PHE B 195 21.14 -2.62 -4.68
N ILE B 196 19.85 -2.32 -4.78
CA ILE B 196 18.94 -3.08 -5.62
C ILE B 196 19.33 -2.90 -7.10
N ALA B 197 19.54 -1.67 -7.52
CA ALA B 197 20.00 -1.41 -8.90
C ALA B 197 21.29 -2.19 -9.27
N MET B 198 22.26 -2.19 -8.35
CA MET B 198 23.52 -2.89 -8.57
C MET B 198 23.41 -4.43 -8.45
N ARG B 199 22.61 -4.93 -7.52
CA ARG B 199 22.61 -6.38 -7.21
C ARG B 199 21.46 -7.19 -7.79
N ALA B 200 20.32 -6.57 -8.04
CA ALA B 200 19.19 -7.27 -8.66
C ALA B 200 19.37 -7.20 -10.14
N SER B 201 20.51 -7.65 -10.62
CA SER B 201 20.87 -7.45 -12.03
C SER B 201 21.49 -8.71 -12.60
N GLU B 202 21.46 -8.85 -13.92
CA GLU B 202 22.07 -10.02 -14.57
C GLU B 202 23.58 -10.13 -14.36
N HIS B 203 24.23 -9.00 -14.10
CA HIS B 203 25.67 -8.96 -13.82
C HIS B 203 26.05 -9.55 -12.46
N ALA B 204 25.14 -9.48 -11.49
CA ALA B 204 25.40 -10.01 -10.14
C ALA B 204 25.27 -11.54 -10.00
N ASP B 205 25.99 -12.05 -9.00
CA ASP B 205 25.86 -13.42 -8.53
C ASP B 205 24.40 -13.68 -8.19
N VAL B 206 23.92 -14.87 -8.50
CA VAL B 206 22.54 -15.19 -8.31
C VAL B 206 22.13 -15.19 -6.82
N GLU B 207 23.04 -15.50 -5.90
CA GLU B 207 22.70 -15.48 -4.47
C GLU B 207 22.39 -14.04 -4.01
N ILE B 208 23.29 -13.10 -4.28
CA ILE B 208 23.05 -11.72 -3.89
C ILE B 208 21.88 -11.12 -4.69
N ARG B 209 21.69 -11.56 -5.93
CA ARG B 209 20.53 -11.15 -6.72
C ARG B 209 19.20 -11.51 -6.03
N ARG B 210 19.08 -12.76 -5.62
CA ARG B 210 17.91 -13.25 -4.90
C ARG B 210 17.66 -12.44 -3.62
N LEU B 211 18.73 -12.18 -2.88
CA LEU B 211 18.66 -11.30 -1.70
C LEU B 211 18.08 -9.92 -2.05
N ALA B 212 18.61 -9.31 -3.10
CA ALA B 212 18.24 -7.92 -3.49
C ALA B 212 16.78 -7.85 -3.92
N ILE B 213 16.31 -8.89 -4.62
CA ILE B 213 14.87 -8.95 -5.00
C ILE B 213 13.95 -9.02 -3.80
N GLU B 214 14.33 -9.83 -2.84
CA GLU B 214 13.52 -9.98 -1.67
C GLU B 214 13.49 -8.68 -0.88
N CYS B 215 14.64 -8.02 -0.74
CA CYS B 215 14.69 -6.73 -0.06
C CYS B 215 13.82 -5.73 -0.80
N LEU B 216 13.92 -5.65 -2.13
CA LEU B 216 13.06 -4.79 -2.92
C LEU B 216 11.59 -5.05 -2.64
N ARG B 217 11.18 -6.31 -2.68
CA ARG B 217 9.77 -6.66 -2.40
C ARG B 217 9.29 -6.13 -1.04
N GLN B 218 10.10 -6.27 -0.01
CA GLN B 218 9.68 -5.82 1.32
C GLN B 218 9.67 -4.27 1.44
N LEU B 219 10.65 -3.65 0.81
CA LEU B 219 10.78 -2.19 0.81
C LEU B 219 9.62 -1.50 0.04
N ALA B 220 9.28 -2.05 -1.11
CA ALA B 220 8.18 -1.52 -1.90
C ALA B 220 6.83 -1.67 -1.17
N ALA B 221 6.66 -2.72 -0.35
CA ALA B 221 5.46 -2.89 0.50
C ALA B 221 5.41 -1.80 1.60
N VAL B 222 6.57 -1.50 2.15
CA VAL B 222 6.74 -0.42 3.13
C VAL B 222 6.54 0.97 2.54
N ALA B 223 7.20 1.22 1.42
CA ALA B 223 7.21 2.53 0.84
C ALA B 223 6.99 2.45 -0.66
N PRO B 224 5.74 2.20 -1.10
CA PRO B 224 5.57 1.92 -2.54
C PRO B 224 5.91 3.07 -3.49
N ALA B 225 5.73 4.34 -3.11
CA ALA B 225 6.09 5.44 -4.04
C ALA B 225 7.61 5.53 -4.24
N VAL B 226 8.37 5.12 -3.24
CA VAL B 226 9.83 5.26 -3.30
C VAL B 226 10.42 4.17 -4.19
N PHE B 227 9.76 3.02 -4.28
CA PHE B 227 10.30 1.88 -5.03
C PHE B 227 9.52 1.48 -6.33
N ALA B 228 8.53 2.29 -6.70
CA ALA B 228 7.64 2.06 -7.85
C ALA B 228 8.34 1.97 -9.21
N ASP B 229 9.48 2.64 -9.37
CA ASP B 229 10.20 2.59 -10.65
C ASP B 229 11.00 1.30 -10.91
N PHE B 230 11.08 0.39 -9.95
CA PHE B 230 11.72 -0.91 -10.18
C PHE B 230 10.67 -1.92 -10.64
N GLU B 231 10.85 -2.46 -11.83
CA GLU B 231 10.02 -3.54 -12.32
C GLU B 231 10.75 -4.85 -12.19
N VAL B 232 10.10 -5.86 -11.60
CA VAL B 232 10.67 -7.19 -11.52
C VAL B 232 10.38 -7.97 -12.81
N THR B 233 11.45 -8.50 -13.41
CA THR B 233 11.38 -9.31 -14.62
C THR B 233 11.96 -10.70 -14.34
N THR B 234 11.37 -11.73 -14.95
CA THR B 234 11.88 -13.09 -14.85
C THR B 234 12.73 -13.38 -16.07
N LEU B 235 13.92 -13.97 -15.85
CA LEU B 235 14.81 -14.39 -16.93
C LEU B 235 14.48 -15.83 -17.35
N ALA B 236 15.08 -16.26 -18.45
CA ALA B 236 14.89 -17.62 -18.97
C ALA B 236 15.24 -18.70 -17.95
N ASP B 237 16.25 -18.42 -17.10
CA ASP B 237 16.63 -19.38 -16.05
C ASP B 237 15.77 -19.31 -14.79
N GLY B 238 14.75 -18.46 -14.81
CA GLY B 238 13.77 -18.43 -13.72
C GLY B 238 14.16 -17.54 -12.55
N THR B 239 15.33 -16.91 -12.63
CA THR B 239 15.75 -15.93 -11.64
C THR B 239 15.17 -14.59 -12.02
N GLU B 240 15.24 -13.66 -11.09
CA GLU B 240 14.54 -12.41 -11.24
C GLU B 240 15.52 -11.27 -11.14
N VAL B 241 15.25 -10.24 -11.92
CA VAL B 241 16.07 -9.04 -11.88
C VAL B 241 15.15 -7.85 -11.73
N ALA B 242 15.72 -6.73 -11.35
CA ALA B 242 14.91 -5.53 -11.13
C ALA B 242 15.54 -4.42 -11.90
N THR B 243 14.75 -3.78 -12.75
CA THR B 243 15.26 -2.64 -13.51
C THR B 243 14.42 -1.42 -13.24
N SER B 244 15.08 -0.27 -13.27
CA SER B 244 14.42 1.01 -13.19
C SER B 244 14.68 1.79 -14.47
N ALA C 2 48.16 -27.17 -2.35
CA ALA C 2 48.86 -27.28 -1.06
C ALA C 2 49.91 -26.17 -0.90
N GLU C 3 50.04 -25.29 -1.89
CA GLU C 3 51.00 -24.21 -1.82
C GLU C 3 50.52 -23.18 -0.80
N THR C 4 51.41 -22.72 0.07
CA THR C 4 51.09 -21.71 1.08
C THR C 4 51.64 -20.36 0.65
N ALA C 5 50.94 -19.28 1.00
CA ALA C 5 51.34 -17.95 0.57
C ALA C 5 51.62 -17.09 1.77
N PRO C 6 52.84 -16.57 1.88
CA PRO C 6 53.15 -15.69 2.99
C PRO C 6 52.61 -14.28 2.72
N LEU C 7 52.38 -13.54 3.80
CA LEU C 7 51.92 -12.16 3.69
C LEU C 7 52.95 -11.38 2.94
N ARG C 8 52.50 -10.60 1.94
CA ARG C 8 53.35 -9.60 1.37
C ARG C 8 52.56 -8.30 1.16
N VAL C 9 53.17 -7.20 1.59
CA VAL C 9 52.60 -5.87 1.47
C VAL C 9 53.54 -5.00 0.66
N GLN C 10 53.07 -4.51 -0.48
CA GLN C 10 53.89 -3.66 -1.35
C GLN C 10 53.26 -2.31 -1.53
N LEU C 11 54.00 -1.25 -1.19
CA LEU C 11 53.54 0.12 -1.40
C LEU C 11 53.59 0.44 -2.89
N ILE C 12 52.43 0.71 -3.50
CA ILE C 12 52.31 0.95 -4.95
C ILE C 12 51.95 2.41 -5.31
N ALA C 13 51.51 3.22 -4.35
CA ALA C 13 51.15 4.60 -4.65
C ALA C 13 51.15 5.48 -3.42
N LYS C 14 51.52 6.74 -3.63
CA LYS C 14 51.44 7.79 -2.64
C LYS C 14 51.25 9.13 -3.30
N THR C 15 50.92 10.13 -2.47
CA THR C 15 50.71 11.49 -2.93
C THR C 15 51.97 12.17 -3.51
N ASP C 16 51.79 12.87 -4.64
CA ASP C 16 52.78 13.75 -5.27
C ASP C 16 52.29 15.19 -5.10
N PHE C 17 53.09 16.01 -4.42
CA PHE C 17 52.70 17.37 -4.04
C PHE C 17 53.40 18.42 -4.88
N LEU C 18 52.65 19.38 -5.40
CA LEU C 18 53.18 20.43 -6.26
C LEU C 18 52.75 21.78 -5.66
N ALA C 19 53.68 22.45 -4.95
CA ALA C 19 53.33 23.67 -4.20
C ALA C 19 52.93 24.80 -5.15
N PRO C 20 51.85 25.53 -4.82
CA PRO C 20 51.29 26.51 -5.76
C PRO C 20 52.14 27.79 -5.86
N PRO C 21 52.44 28.24 -7.09
CA PRO C 21 53.36 29.37 -7.36
C PRO C 21 53.31 30.58 -6.40
N ASP C 22 52.14 31.21 -6.30
CA ASP C 22 51.98 32.55 -5.67
C ASP C 22 51.43 32.50 -4.24
N VAL C 23 51.69 31.42 -3.52
CA VAL C 23 51.45 31.38 -2.09
C VAL C 23 52.81 31.46 -1.41
N PRO C 24 53.01 32.47 -0.55
CA PRO C 24 54.33 32.69 0.04
C PRO C 24 54.66 31.70 1.16
N TRP C 25 54.86 30.43 0.79
CA TRP C 25 55.17 29.41 1.79
C TRP C 25 56.04 28.32 1.17
N THR C 26 56.88 27.72 2.00
CA THR C 26 57.69 26.58 1.60
C THR C 26 57.93 25.74 2.82
N THR C 27 58.37 24.51 2.63
CA THR C 27 58.66 23.68 3.79
C THR C 27 59.79 22.70 3.48
N ASP C 28 60.20 21.97 4.51
CA ASP C 28 61.33 21.03 4.43
C ASP C 28 60.84 19.57 4.23
N ALA C 29 59.83 19.40 3.39
CA ALA C 29 59.30 18.08 3.03
C ALA C 29 58.71 18.15 1.65
N ASP C 30 58.43 16.99 1.05
CA ASP C 30 57.62 16.92 -0.17
C ASP C 30 56.48 15.92 0.06
N GLY C 31 55.77 15.58 -1.01
CA GLY C 31 54.77 14.49 -0.99
C GLY C 31 53.60 14.77 -0.05
N GLY C 32 53.00 13.71 0.47
CA GLY C 32 51.86 13.81 1.41
C GLY C 32 52.11 14.65 2.64
N PRO C 33 53.27 14.48 3.29
CA PRO C 33 53.50 15.31 4.47
C PRO C 33 53.49 16.79 4.21
N ALA C 34 54.05 17.23 3.08
CA ALA C 34 54.06 18.64 2.67
C ALA C 34 52.65 19.14 2.37
N LEU C 35 51.85 18.29 1.73
CA LEU C 35 50.48 18.64 1.36
C LEU C 35 49.66 18.86 2.62
N VAL C 36 49.85 17.98 3.59
CA VAL C 36 49.08 18.01 4.82
C VAL C 36 49.37 19.33 5.54
N GLU C 37 50.64 19.74 5.54
CA GLU C 37 51.02 21.02 6.14
C GLU C 37 50.41 22.18 5.36
N PHE C 38 50.47 22.15 4.03
CA PHE C 38 49.83 23.19 3.21
C PHE C 38 48.35 23.36 3.58
N ALA C 39 47.62 22.25 3.60
CA ALA C 39 46.16 22.28 3.89
C ALA C 39 45.89 22.80 5.30
N GLY C 40 46.65 22.34 6.27
CA GLY C 40 46.54 22.86 7.63
C GLY C 40 46.76 24.37 7.68
N ARG C 41 47.79 24.87 7.00
CA ARG C 41 48.05 26.33 7.04
C ARG C 41 47.04 27.17 6.26
N ALA C 42 46.42 26.58 5.25
CA ALA C 42 45.34 27.27 4.53
C ALA C 42 44.17 27.68 5.41
N CYS C 43 43.86 26.87 6.42
CA CYS C 43 42.80 27.21 7.37
C CYS C 43 43.00 28.56 8.10
N TYR C 44 44.25 28.92 8.35
CA TYR C 44 44.55 30.17 9.04
C TYR C 44 45.34 31.14 8.19
N GLN C 45 45.58 30.79 6.93
CA GLN C 45 46.45 31.56 6.03
C GLN C 45 47.77 31.91 6.72
N SER C 46 48.33 30.93 7.45
CA SER C 46 49.54 31.11 8.28
C SER C 46 50.82 30.82 7.49
N TRP C 47 50.92 31.42 6.31
CA TRP C 47 51.94 31.08 5.33
C TRP C 47 53.37 31.46 5.74
N SER C 48 53.52 32.54 6.50
CA SER C 48 54.83 33.04 6.94
C SER C 48 55.48 32.14 8.02
N LYS C 49 54.70 31.23 8.59
CA LYS C 49 55.16 30.30 9.63
C LYS C 49 55.52 31.07 10.90
N PRO C 50 54.54 31.81 11.46
CA PRO C 50 54.82 32.76 12.53
C PRO C 50 55.10 32.12 13.87
N ASN C 51 54.89 30.81 13.96
CA ASN C 51 55.15 30.06 15.16
C ASN C 51 56.42 29.24 14.96
N PRO C 52 57.51 29.59 15.66
CA PRO C 52 58.78 28.87 15.44
C PRO C 52 58.76 27.39 15.83
N LYS C 53 57.97 27.02 16.84
CA LYS C 53 57.87 25.62 17.30
C LYS C 53 57.24 24.65 16.26
N THR C 54 56.52 25.20 15.29
CA THR C 54 55.87 24.38 14.25
C THR C 54 56.39 24.77 12.85
N ALA C 55 57.58 25.38 12.81
CA ALA C 55 58.20 25.85 11.56
C ALA C 55 58.90 24.78 10.71
N THR C 56 59.11 23.58 11.24
CA THR C 56 59.53 22.46 10.40
C THR C 56 58.28 21.64 10.05
N ASN C 57 58.33 20.95 8.92
CA ASN C 57 57.23 20.05 8.55
C ASN C 57 56.88 19.06 9.65
N ALA C 58 57.88 18.35 10.15
CA ALA C 58 57.65 17.31 11.13
C ALA C 58 57.01 17.88 12.42
N GLY C 59 57.42 19.08 12.79
CA GLY C 59 56.87 19.76 13.98
C GLY C 59 55.42 20.20 13.75
N TYR C 60 55.13 20.73 12.58
CA TYR C 60 53.77 21.11 12.25
C TYR C 60 52.86 19.87 12.27
N LEU C 61 53.32 18.76 11.70
CA LEU C 61 52.52 17.53 11.67
C LEU C 61 52.31 16.99 13.08
N ARG C 62 53.32 17.10 13.92
CA ARG C 62 53.20 16.66 15.31
C ARG C 62 52.20 17.57 16.04
N HIS C 63 52.18 18.86 15.65
CA HIS C 63 51.22 19.79 16.24
C HIS C 63 49.77 19.45 15.86
N ILE C 64 49.53 19.26 14.56
CA ILE C 64 48.20 18.84 14.07
C ILE C 64 47.63 17.70 14.90
N ILE C 65 48.43 16.64 15.06
CA ILE C 65 48.00 15.46 15.77
C ILE C 65 47.78 15.73 17.26
N ASP C 66 48.70 16.47 17.88
CA ASP C 66 48.53 16.92 19.27
C ASP C 66 47.25 17.70 19.52
N VAL C 67 46.91 18.60 18.60
CA VAL C 67 45.72 19.43 18.75
C VAL C 67 44.45 18.70 18.29
N GLY C 68 44.62 17.54 17.65
CA GLY C 68 43.52 16.67 17.25
C GLY C 68 42.80 17.08 15.98
N HIS C 69 43.48 17.76 15.08
CA HIS C 69 42.83 18.24 13.89
C HIS C 69 43.05 17.21 12.79
N PHE C 70 42.46 16.04 13.00
CA PHE C 70 42.68 14.88 12.13
C PHE C 70 42.11 15.03 10.72
N SER C 71 41.08 15.87 10.53
CA SER C 71 40.56 16.11 9.19
C SER C 71 41.64 16.48 8.17
N VAL C 72 42.60 17.30 8.56
CA VAL C 72 43.69 17.73 7.66
C VAL C 72 44.54 16.56 7.13
N LEU C 73 44.64 15.48 7.88
CA LEU C 73 45.41 14.30 7.43
C LEU C 73 44.77 13.56 6.25
N GLU C 74 43.52 13.90 5.92
CA GLU C 74 42.78 13.16 4.89
C GLU C 74 43.27 13.47 3.47
N HIS C 75 43.99 14.59 3.31
CA HIS C 75 44.43 15.05 2.00
C HIS C 75 45.48 14.14 1.33
N ALA C 76 46.25 13.42 2.13
CA ALA C 76 47.33 12.56 1.63
C ALA C 76 46.94 11.08 1.69
N SER C 77 47.33 10.29 0.70
CA SER C 77 47.00 8.89 0.71
C SER C 77 48.15 7.95 0.31
N VAL C 78 48.02 6.68 0.69
CA VAL C 78 48.93 5.61 0.31
C VAL C 78 48.08 4.43 -0.15
N SER C 79 48.55 3.77 -1.21
CA SER C 79 47.98 2.53 -1.69
C SER C 79 48.98 1.38 -1.53
N PHE C 80 48.47 0.21 -1.09
CA PHE C 80 49.26 -1.05 -1.08
C PHE C 80 48.62 -2.13 -1.97
N TYR C 81 49.48 -3.00 -2.49
CA TYR C 81 49.03 -4.24 -3.09
C TYR C 81 49.39 -5.30 -2.06
N ILE C 82 48.37 -6.02 -1.59
CA ILE C 82 48.50 -7.01 -0.51
C ILE C 82 48.22 -8.40 -1.04
N THR C 83 49.17 -9.32 -0.89
CA THR C 83 48.97 -10.71 -1.22
C THR C 83 49.26 -11.57 0.01
N GLY C 84 48.98 -12.85 -0.09
CA GLY C 84 49.18 -13.73 1.04
C GLY C 84 48.24 -13.40 2.18
N ILE C 85 47.01 -12.98 1.86
CA ILE C 85 45.99 -12.65 2.90
C ILE C 85 44.79 -13.58 2.65
N SER C 86 44.21 -14.13 3.71
CA SER C 86 43.10 -15.04 3.59
C SER C 86 41.80 -14.28 3.33
N ARG C 87 40.82 -15.04 2.86
CA ARG C 87 39.45 -14.55 2.67
C ARG C 87 38.76 -14.15 3.96
N SER C 88 39.06 -14.85 5.06
CA SER C 88 38.57 -14.42 6.36
C SER C 88 39.20 -13.10 6.77
N CYS C 89 40.45 -12.87 6.40
CA CYS C 89 41.10 -11.60 6.71
C CYS C 89 40.50 -10.45 5.91
N THR C 90 40.27 -10.66 4.61
CA THR C 90 39.64 -9.61 3.79
C THR C 90 38.20 -9.34 4.20
N HIS C 91 37.48 -10.36 4.67
CA HIS C 91 36.08 -10.17 5.18
C HIS C 91 36.02 -9.19 6.36
N GLU C 92 37.08 -9.19 7.18
CA GLU C 92 37.26 -8.19 8.26
C GLU C 92 37.75 -6.84 7.75
N LEU C 93 38.84 -6.84 6.98
CA LEU C 93 39.42 -5.63 6.44
C LEU C 93 38.41 -4.70 5.77
N ILE C 94 37.55 -5.23 4.90
CA ILE C 94 36.65 -4.40 4.11
C ILE C 94 35.48 -3.84 4.93
N ARG C 95 35.32 -4.28 6.18
CA ARG C 95 34.43 -3.57 7.09
C ARG C 95 34.84 -2.12 7.30
N HIS C 96 36.10 -1.77 6.99
CA HIS C 96 36.54 -0.38 7.08
C HIS C 96 36.10 0.41 5.85
N ARG C 97 35.15 1.31 6.05
CA ARG C 97 34.42 1.92 4.94
C ARG C 97 35.06 3.20 4.38
N HIS C 98 36.09 3.72 5.05
CA HIS C 98 36.84 4.83 4.50
C HIS C 98 38.11 4.40 3.77
N PHE C 99 38.16 3.16 3.29
CA PHE C 99 39.23 2.74 2.35
C PHE C 99 38.57 2.53 0.98
N SER C 100 39.38 2.48 -0.08
CA SER C 100 38.91 1.95 -1.36
C SER C 100 39.61 0.61 -1.65
N TYR C 101 38.93 -0.29 -2.35
CA TYR C 101 39.41 -1.63 -2.52
C TYR C 101 39.26 -2.10 -3.98
N SER C 102 40.22 -2.89 -4.45
CA SER C 102 40.02 -3.70 -5.65
C SER C 102 40.62 -5.04 -5.36
N GLN C 103 39.76 -6.07 -5.41
CA GLN C 103 40.10 -7.39 -4.92
C GLN C 103 39.94 -8.47 -5.97
N LEU C 104 40.87 -9.41 -5.98
CA LEU C 104 40.75 -10.66 -6.74
C LEU C 104 39.39 -11.32 -6.56
N SER C 105 38.67 -11.53 -7.68
CA SER C 105 37.32 -12.09 -7.67
C SER C 105 37.27 -13.62 -7.93
N GLN C 106 36.67 -14.38 -7.00
CA GLN C 106 36.45 -15.81 -7.21
C GLN C 106 35.37 -16.05 -8.26
N ARG C 107 34.53 -15.05 -8.49
CA ARG C 107 33.60 -15.12 -9.61
C ARG C 107 34.30 -15.18 -10.98
N TYR C 108 35.42 -14.48 -11.12
CA TYR C 108 36.04 -14.30 -12.44
C TYR C 108 37.39 -15.03 -12.61
N VAL C 109 38.03 -15.40 -11.51
CA VAL C 109 39.37 -15.95 -11.54
C VAL C 109 39.29 -17.44 -11.17
N PRO C 110 39.71 -18.34 -12.09
CA PRO C 110 39.73 -19.78 -11.74
C PRO C 110 40.58 -20.07 -10.48
N GLU C 111 40.12 -20.96 -9.62
CA GLU C 111 40.82 -21.19 -8.34
C GLU C 111 41.40 -22.60 -8.19
N LYS C 112 41.57 -23.30 -9.32
CA LYS C 112 42.18 -24.63 -9.34
C LYS C 112 43.56 -24.69 -8.67
N ASP C 113 44.36 -23.64 -8.84
CA ASP C 113 45.75 -23.59 -8.33
C ASP C 113 45.87 -22.63 -7.12
N SER C 114 44.76 -22.38 -6.44
CA SER C 114 44.73 -21.35 -5.39
C SER C 114 45.55 -21.81 -4.19
N ARG C 115 46.20 -20.84 -3.56
CA ARG C 115 47.09 -21.09 -2.46
C ARG C 115 46.31 -20.97 -1.17
N VAL C 116 46.95 -21.38 -0.08
CA VAL C 116 46.41 -21.42 1.27
C VAL C 116 47.17 -20.38 2.09
N VAL C 117 46.49 -19.64 2.96
CA VAL C 117 47.19 -18.79 3.91
C VAL C 117 47.11 -19.46 5.30
N VAL C 118 48.27 -19.67 5.94
CA VAL C 118 48.31 -20.36 7.24
C VAL C 118 47.99 -19.37 8.35
N PRO C 119 47.05 -19.73 9.24
CA PRO C 119 46.84 -18.82 10.35
C PRO C 119 48.09 -18.69 11.21
N PRO C 120 48.44 -17.48 11.62
CA PRO C 120 49.58 -17.28 12.51
C PRO C 120 49.52 -18.19 13.74
N GLY C 121 48.33 -18.48 14.23
CA GLY C 121 48.13 -19.46 15.31
C GLY C 121 48.68 -20.87 15.11
N MET C 122 48.74 -21.36 13.88
CA MET C 122 49.29 -22.71 13.65
C MET C 122 50.62 -22.74 12.88
N GLU C 123 51.29 -21.60 12.83
CA GLU C 123 52.47 -21.45 12.00
C GLU C 123 53.64 -22.30 12.45
N ASP C 124 53.87 -22.41 13.75
CA ASP C 124 55.00 -23.22 14.27
C ASP C 124 54.59 -24.64 14.72
N ASP C 125 53.50 -25.15 14.14
CA ASP C 125 53.02 -26.50 14.42
C ASP C 125 52.79 -27.18 13.10
N ALA C 126 53.75 -28.00 12.68
CA ALA C 126 53.70 -28.68 11.39
C ALA C 126 52.49 -29.60 11.24
N ASP C 127 52.11 -30.30 12.30
CA ASP C 127 51.02 -31.27 12.20
C ASP C 127 49.68 -30.56 11.92
N LEU C 128 49.51 -29.39 12.52
CA LEU C 128 48.32 -28.56 12.30
C LEU C 128 48.34 -27.98 10.89
N ARG C 129 49.50 -27.49 10.44
CA ARG C 129 49.64 -27.04 9.05
C ARG C 129 49.25 -28.13 8.06
N HIS C 130 49.72 -29.34 8.30
CA HIS C 130 49.39 -30.47 7.41
C HIS C 130 47.89 -30.79 7.37
N ILE C 131 47.23 -30.79 8.50
CA ILE C 131 45.77 -30.98 8.53
C ILE C 131 45.08 -29.92 7.62
N LEU C 132 45.49 -28.66 7.80
CA LEU C 132 45.00 -27.53 6.99
C LEU C 132 45.19 -27.77 5.50
N THR C 133 46.44 -28.02 5.09
CA THR C 133 46.75 -28.13 3.66
C THR C 133 46.12 -29.35 3.02
N GLU C 134 45.94 -30.43 3.78
CA GLU C 134 45.18 -31.61 3.29
C GLU C 134 43.71 -31.27 3.06
N ALA C 135 43.12 -30.55 4.00
CA ALA C 135 41.72 -30.13 3.89
C ALA C 135 41.52 -29.18 2.69
N ALA C 136 42.47 -28.25 2.51
CA ALA C 136 42.52 -27.37 1.32
C ALA C 136 42.58 -28.12 0.01
N ASP C 137 43.52 -29.08 -0.11
CA ASP C 137 43.58 -29.94 -1.30
C ASP C 137 42.28 -30.71 -1.53
N ALA C 138 41.67 -31.23 -0.48
CA ALA C 138 40.39 -31.90 -0.64
C ALA C 138 39.32 -30.92 -1.17
N ALA C 139 39.23 -29.73 -0.57
CA ALA C 139 38.30 -28.69 -1.02
C ALA C 139 38.55 -28.31 -2.48
N ARG C 140 39.81 -28.24 -2.87
CA ARG C 140 40.15 -27.75 -4.20
C ARG C 140 39.76 -28.81 -5.24
N ALA C 141 39.93 -30.09 -4.90
CA ALA C 141 39.47 -31.18 -5.79
C ALA C 141 37.95 -31.17 -5.96
N THR C 142 37.23 -30.89 -4.86
CA THR C 142 35.78 -30.77 -4.92
C THR C 142 35.40 -29.57 -5.81
N TYR C 143 36.09 -28.45 -5.60
CA TYR C 143 35.93 -27.27 -6.47
C TYR C 143 35.99 -27.65 -7.95
N SER C 144 37.06 -28.33 -8.36
CA SER C 144 37.21 -28.73 -9.78
C SER C 144 36.13 -29.69 -10.27
N GLU C 145 35.75 -30.63 -9.42
CA GLU C 145 34.68 -31.57 -9.70
C GLU C 145 33.36 -30.84 -9.97
N LEU C 146 33.03 -29.87 -9.08
CA LEU C 146 31.83 -29.10 -9.24
C LEU C 146 31.89 -28.30 -10.53
N LEU C 147 33.06 -27.73 -10.80
CA LEU C 147 33.20 -26.82 -11.92
C LEU C 147 32.87 -27.52 -13.24
N ALA C 148 33.40 -28.72 -13.44
CA ALA C 148 33.09 -29.50 -14.65
C ALA C 148 31.62 -29.86 -14.68
N LYS C 149 31.11 -30.35 -13.55
CA LYS C 149 29.73 -30.76 -13.45
C LYS C 149 28.77 -29.59 -13.58
N LEU C 150 29.20 -28.39 -13.17
CA LEU C 150 28.41 -27.18 -13.34
C LEU C 150 28.49 -26.64 -14.78
N GLU C 151 29.69 -26.63 -15.35
CA GLU C 151 29.88 -26.24 -16.77
C GLU C 151 29.04 -27.11 -17.73
N ALA C 152 28.91 -28.39 -17.41
CA ALA C 152 28.03 -29.29 -18.16
C ALA C 152 26.58 -28.88 -17.96
N LYS C 153 26.17 -28.82 -16.69
CA LYS C 153 24.80 -28.51 -16.29
C LYS C 153 24.29 -27.17 -16.84
N PHE C 154 25.20 -26.25 -17.15
CA PHE C 154 24.82 -25.00 -17.85
C PHE C 154 25.12 -25.07 -19.37
N ALA C 155 24.86 -26.22 -19.99
CA ALA C 155 25.07 -26.37 -21.44
C ALA C 155 24.08 -25.47 -22.19
N ASP C 156 22.86 -25.37 -21.66
CA ASP C 156 21.86 -24.36 -22.08
C ASP C 156 22.49 -23.04 -22.51
N GLN C 157 23.37 -22.51 -21.66
CA GLN C 157 24.00 -21.20 -21.88
C GLN C 157 24.94 -21.25 -23.07
N PRO C 158 24.62 -20.51 -24.16
CA PRO C 158 25.51 -20.48 -25.32
C PRO C 158 26.71 -19.54 -25.14
N ASN C 159 26.59 -18.57 -24.24
CA ASN C 159 27.67 -17.62 -23.97
C ASN C 159 28.74 -18.31 -23.10
N ALA C 160 29.90 -18.62 -23.68
CA ALA C 160 30.95 -19.43 -23.02
C ALA C 160 31.62 -18.75 -21.83
N ILE C 161 31.67 -17.42 -21.85
CA ILE C 161 32.27 -16.64 -20.76
C ILE C 161 31.40 -16.72 -19.53
N LEU C 162 30.15 -16.30 -19.68
CA LEU C 162 29.27 -16.28 -18.52
C LEU C 162 28.85 -17.70 -18.12
N ARG C 163 28.88 -18.66 -19.06
CA ARG C 163 28.73 -20.08 -18.70
C ARG C 163 29.78 -20.53 -17.67
N ARG C 164 31.04 -20.16 -17.89
CA ARG C 164 32.11 -20.53 -16.98
C ARG C 164 32.10 -19.70 -15.66
N LYS C 165 31.57 -18.48 -15.69
CA LYS C 165 31.42 -17.69 -14.47
C LYS C 165 30.25 -18.17 -13.61
N GLN C 166 29.17 -18.56 -14.28
CA GLN C 166 28.01 -19.15 -13.60
C GLN C 166 28.47 -20.40 -12.88
N ALA C 167 29.35 -21.15 -13.55
CA ALA C 167 29.95 -22.33 -12.96
C ALA C 167 30.84 -21.99 -11.77
N ARG C 168 31.72 -21.01 -11.95
CA ARG C 168 32.76 -20.72 -10.98
C ARG C 168 32.18 -20.15 -9.69
N GLN C 169 31.13 -19.33 -9.82
CA GLN C 169 30.53 -18.65 -8.68
C GLN C 169 29.81 -19.63 -7.77
N ALA C 170 29.26 -20.70 -8.34
CA ALA C 170 28.66 -21.75 -7.56
C ALA C 170 29.74 -22.68 -7.02
N ALA C 171 30.71 -23.03 -7.87
CA ALA C 171 31.75 -23.97 -7.49
C ALA C 171 32.59 -23.49 -6.29
N ARG C 172 32.84 -22.19 -6.18
CA ARG C 172 33.62 -21.66 -5.06
C ARG C 172 32.95 -21.77 -3.68
N ALA C 173 31.68 -22.17 -3.64
CA ALA C 173 31.02 -22.51 -2.37
C ALA C 173 31.88 -23.38 -1.44
N VAL C 174 32.71 -24.26 -2.02
CA VAL C 174 33.48 -25.22 -1.21
C VAL C 174 34.88 -24.75 -0.84
N LEU C 175 35.28 -23.57 -1.33
CA LEU C 175 36.62 -23.05 -1.03
C LEU C 175 36.65 -22.53 0.40
N PRO C 176 37.72 -22.84 1.12
CA PRO C 176 37.84 -22.49 2.52
C PRO C 176 38.24 -21.03 2.78
N ASN C 177 37.94 -20.57 4.00
CA ASN C 177 38.38 -19.27 4.47
C ASN C 177 39.87 -18.98 4.28
N ALA C 178 40.70 -20.02 4.35
CA ALA C 178 42.15 -19.86 4.25
C ALA C 178 42.64 -19.62 2.82
N THR C 179 41.73 -19.63 1.85
CA THR C 179 42.05 -19.39 0.46
C THR C 179 42.71 -18.03 0.34
N GLU C 180 43.85 -17.98 -0.36
CA GLU C 180 44.56 -16.73 -0.56
C GLU C 180 43.72 -15.82 -1.39
N THR C 181 43.75 -14.54 -1.04
CA THR C 181 43.24 -13.52 -1.90
C THR C 181 44.31 -12.41 -2.05
N ARG C 182 44.01 -11.44 -2.90
CA ARG C 182 44.93 -10.39 -3.25
C ARG C 182 44.10 -9.13 -3.42
N ILE C 183 44.59 -8.01 -2.91
CA ILE C 183 43.80 -6.82 -2.87
C ILE C 183 44.65 -5.54 -2.95
N VAL C 184 44.12 -4.53 -3.65
CA VAL C 184 44.67 -3.19 -3.58
C VAL C 184 43.82 -2.42 -2.60
N VAL C 185 44.49 -1.81 -1.61
CA VAL C 185 43.83 -1.06 -0.55
C VAL C 185 44.39 0.35 -0.61
N THR C 186 43.51 1.33 -0.73
CA THR C 186 43.90 2.73 -0.67
C THR C 186 43.24 3.47 0.48
N GLY C 187 44.01 4.24 1.21
CA GLY C 187 43.45 5.07 2.28
C GLY C 187 44.21 6.34 2.50
N ASN C 188 43.51 7.36 2.98
CA ASN C 188 44.20 8.56 3.41
C ASN C 188 44.83 8.35 4.78
N TYR C 189 45.64 9.30 5.22
CA TYR C 189 46.38 9.14 6.47
C TYR C 189 45.48 8.93 7.68
N ARG C 190 44.37 9.65 7.73
CA ARG C 190 43.42 9.49 8.84
C ARG C 190 42.82 8.05 8.91
N ALA C 191 42.41 7.53 7.75
CA ALA C 191 41.83 6.21 7.66
C ALA C 191 42.84 5.12 8.06
N TRP C 192 44.08 5.29 7.60
CA TRP C 192 45.17 4.37 7.99
C TRP C 192 45.42 4.38 9.51
N ARG C 193 45.41 5.58 10.11
CA ARG C 193 45.58 5.71 11.57
C ARG C 193 44.52 4.95 12.36
N HIS C 194 43.26 5.09 11.91
CA HIS C 194 42.13 4.39 12.53
C HIS C 194 42.22 2.89 12.32
N PHE C 195 42.63 2.47 11.12
CA PHE C 195 42.81 1.06 10.86
C PHE C 195 43.86 0.45 11.78
N ILE C 196 45.00 1.12 11.89
CA ILE C 196 46.08 0.64 12.77
C ILE C 196 45.62 0.59 14.24
N ALA C 197 44.97 1.65 14.69
CA ALA C 197 44.43 1.73 16.06
C ALA C 197 43.52 0.55 16.41
N MET C 198 42.65 0.17 15.47
CA MET C 198 41.67 -0.88 15.73
C MET C 198 42.20 -2.29 15.55
N ARG C 199 43.10 -2.48 14.59
CA ARG C 199 43.52 -3.82 14.19
C ARG C 199 44.89 -4.25 14.73
N ALA C 200 45.74 -3.29 15.12
CA ALA C 200 47.07 -3.63 15.68
C ALA C 200 46.94 -3.69 17.21
N SER C 201 45.98 -4.45 17.68
CA SER C 201 45.64 -4.48 19.10
C SER C 201 45.40 -5.91 19.49
N GLU C 202 45.58 -6.20 20.77
CA GLU C 202 45.38 -7.58 21.25
C GLU C 202 43.94 -8.06 21.06
N HIS C 203 42.99 -7.15 20.86
CA HIS C 203 41.59 -7.59 20.61
C HIS C 203 41.35 -8.17 19.22
N ALA C 204 42.22 -7.83 18.27
CA ALA C 204 42.04 -8.25 16.87
C ALA C 204 42.60 -9.64 16.59
N ASP C 205 42.04 -10.28 15.57
CA ASP C 205 42.55 -11.54 15.08
C ASP C 205 44.03 -11.33 14.72
N VAL C 206 44.83 -12.36 15.01
CA VAL C 206 46.25 -12.28 14.79
C VAL C 206 46.69 -12.10 13.32
N GLU C 207 45.89 -12.54 12.34
CA GLU C 207 46.23 -12.29 10.92
C GLU C 207 46.10 -10.82 10.56
N ILE C 208 44.95 -10.23 10.87
CA ILE C 208 44.77 -8.81 10.52
C ILE C 208 45.70 -7.91 11.36
N ARG C 209 45.99 -8.32 12.59
CA ARG C 209 46.97 -7.62 13.42
C ARG C 209 48.37 -7.59 12.78
N ARG C 210 48.79 -8.73 12.27
CA ARG C 210 50.06 -8.83 11.55
C ARG C 210 50.03 -7.91 10.34
N LEU C 211 48.90 -7.89 9.63
CA LEU C 211 48.76 -6.99 8.48
C LEU C 211 48.91 -5.53 8.87
N ALA C 212 48.17 -5.10 9.88
CA ALA C 212 48.20 -3.70 10.36
C ALA C 212 49.58 -3.23 10.82
N ILE C 213 50.31 -4.11 11.51
CA ILE C 213 51.68 -3.80 11.92
C ILE C 213 52.59 -3.57 10.70
N GLU C 214 52.54 -4.44 9.70
CA GLU C 214 53.33 -4.23 8.47
C GLU C 214 52.98 -2.93 7.75
N CYS C 215 51.70 -2.60 7.67
CA CYS C 215 51.30 -1.33 7.05
C CYS C 215 51.85 -0.13 7.84
N LEU C 216 51.74 -0.17 9.16
CA LEU C 216 52.23 0.86 10.03
C LEU C 216 53.73 1.09 9.77
N ARG C 217 54.49 0.01 9.66
CA ARG C 217 55.93 0.14 9.43
C ARG C 217 56.25 0.84 8.11
N GLN C 218 55.50 0.52 7.06
CA GLN C 218 55.76 1.15 5.77
C GLN C 218 55.23 2.58 5.72
N LEU C 219 54.06 2.83 6.33
CA LEU C 219 53.50 4.19 6.44
C LEU C 219 54.41 5.12 7.25
N ALA C 220 54.94 4.63 8.37
CA ALA C 220 55.90 5.43 9.19
C ALA C 220 57.15 5.85 8.39
N ALA C 221 57.59 4.98 7.50
CA ALA C 221 58.67 5.30 6.56
C ALA C 221 58.31 6.47 5.62
N VAL C 222 57.03 6.59 5.24
CA VAL C 222 56.56 7.64 4.30
C VAL C 222 56.28 8.96 5.01
N ALA C 223 55.73 8.88 6.23
CA ALA C 223 55.30 10.06 6.96
C ALA C 223 55.57 9.83 8.44
N PRO C 224 56.84 9.92 8.84
CA PRO C 224 57.18 9.56 10.24
C PRO C 224 56.40 10.30 11.31
N ALA C 225 56.28 11.62 11.18
CA ALA C 225 55.61 12.44 12.20
C ALA C 225 54.13 12.06 12.34
N VAL C 226 53.51 11.72 11.21
CA VAL C 226 52.10 11.28 11.18
C VAL C 226 51.87 9.96 11.91
N PHE C 227 52.86 9.09 11.94
CA PHE C 227 52.70 7.78 12.60
C PHE C 227 53.55 7.52 13.86
N ALA C 228 54.25 8.56 14.33
CA ALA C 228 55.24 8.45 15.44
C ALA C 228 54.65 8.04 16.80
N ASP C 229 53.42 8.46 17.06
CA ASP C 229 52.74 8.15 18.30
C ASP C 229 52.30 6.71 18.45
N PHE C 230 52.36 5.93 17.36
CA PHE C 230 52.14 4.47 17.42
C PHE C 230 53.46 3.78 17.74
N GLU C 231 53.46 2.97 18.79
CA GLU C 231 54.66 2.28 19.26
C GLU C 231 54.41 0.78 19.27
N VAL C 232 55.28 0.03 18.61
CA VAL C 232 55.11 -1.40 18.53
C VAL C 232 55.64 -2.04 19.81
N THR C 233 54.85 -2.93 20.39
CA THR C 233 55.24 -3.73 21.55
C THR C 233 55.11 -5.16 21.13
N THR C 234 55.92 -6.03 21.74
CA THR C 234 55.76 -7.47 21.53
C THR C 234 55.08 -8.00 22.76
N LEU C 235 54.02 -8.78 22.56
CA LEU C 235 53.29 -9.42 23.65
C LEU C 235 54.07 -10.69 24.07
N ALA C 236 53.64 -11.33 25.16
CA ALA C 236 54.31 -12.51 25.69
C ALA C 236 54.40 -13.64 24.66
N ASP C 237 53.40 -13.72 23.78
CA ASP C 237 53.33 -14.74 22.73
C ASP C 237 54.22 -14.48 21.50
N GLY C 238 54.87 -13.32 21.43
CA GLY C 238 55.76 -13.00 20.30
C GLY C 238 55.13 -12.13 19.19
N THR C 239 53.80 -12.15 19.08
CA THR C 239 53.11 -11.26 18.14
C THR C 239 53.30 -9.82 18.59
N GLU C 240 52.98 -8.88 17.71
CA GLU C 240 53.20 -7.46 17.97
C GLU C 240 51.88 -6.66 17.99
N VAL C 241 51.79 -5.74 18.93
CA VAL C 241 50.71 -4.81 19.02
C VAL C 241 51.28 -3.41 18.78
N ALA C 242 50.42 -2.48 18.40
CA ALA C 242 50.78 -1.09 18.29
C ALA C 242 49.79 -0.28 19.09
N THR C 243 50.29 0.70 19.82
CA THR C 243 49.47 1.48 20.74
C THR C 243 49.90 2.93 20.67
N SER C 244 48.91 3.82 20.78
CA SER C 244 49.15 5.26 20.84
C SER C 244 48.60 5.84 22.15
N GLU D 3 13.96 41.31 11.99
CA GLU D 3 13.37 40.27 12.88
C GLU D 3 14.44 39.22 13.28
N THR D 4 14.56 38.93 14.58
CA THR D 4 15.51 37.94 15.07
C THR D 4 14.83 36.59 15.26
N ALA D 5 15.60 35.51 15.08
CA ALA D 5 15.04 34.15 15.16
C ALA D 5 15.71 33.42 16.32
N PRO D 6 14.91 32.80 17.21
CA PRO D 6 15.51 31.99 18.29
C PRO D 6 15.80 30.56 17.80
N LEU D 7 16.82 29.92 18.36
CA LEU D 7 17.13 28.54 18.04
C LEU D 7 15.96 27.66 18.44
N ARG D 8 15.51 26.82 17.54
CA ARG D 8 14.50 25.85 17.86
C ARG D 8 14.86 24.50 17.27
N VAL D 9 14.86 23.48 18.12
CA VAL D 9 15.18 22.12 17.68
C VAL D 9 13.98 21.22 17.97
N GLN D 10 13.49 20.56 16.93
CA GLN D 10 12.32 19.73 17.01
C GLN D 10 12.63 18.33 16.52
N LEU D 11 12.37 17.35 17.37
CA LEU D 11 12.60 15.94 17.03
C LEU D 11 11.43 15.49 16.15
N ILE D 12 11.73 15.09 14.91
CA ILE D 12 10.67 14.75 13.92
C ILE D 12 10.67 13.29 13.47
N ALA D 13 11.72 12.55 13.79
CA ALA D 13 11.79 11.14 13.40
C ALA D 13 12.72 10.36 14.25
N LYS D 14 12.38 9.09 14.46
CA LYS D 14 13.25 8.15 15.18
C LYS D 14 12.89 6.74 14.76
N THR D 15 13.79 5.82 15.04
CA THR D 15 13.63 4.39 14.74
C THR D 15 12.40 3.74 15.41
N ASP D 16 11.60 3.03 14.62
CA ASP D 16 10.56 2.11 15.07
C ASP D 16 11.13 0.68 14.95
N PHE D 17 11.23 -0.03 16.08
CA PHE D 17 11.77 -1.40 16.09
C PHE D 17 10.67 -2.44 16.13
N LEU D 18 10.78 -3.44 15.25
CA LEU D 18 9.82 -4.54 15.10
C LEU D 18 10.55 -5.89 15.34
N ALA D 19 10.52 -6.39 16.58
CA ALA D 19 11.31 -7.59 16.92
C ALA D 19 10.85 -8.80 16.07
N PRO D 20 11.81 -9.58 15.55
CA PRO D 20 11.45 -10.71 14.73
C PRO D 20 11.02 -11.88 15.61
N PRO D 21 9.84 -12.45 15.32
CA PRO D 21 9.14 -13.40 16.18
C PRO D 21 9.90 -14.71 16.47
N ASP D 22 10.72 -15.17 15.52
CA ASP D 22 11.40 -16.48 15.65
C ASP D 22 12.79 -16.44 16.29
N VAL D 23 13.22 -15.29 16.82
CA VAL D 23 14.46 -15.18 17.57
C VAL D 23 14.08 -15.17 19.05
N PRO D 24 14.63 -16.11 19.86
CA PRO D 24 14.18 -16.28 21.25
C PRO D 24 14.77 -15.24 22.21
N TRP D 25 14.32 -14.00 22.09
CA TRP D 25 14.91 -12.89 22.82
C TRP D 25 13.83 -11.85 23.05
N THR D 26 13.88 -11.20 24.21
CA THR D 26 13.09 -10.01 24.45
C THR D 26 13.90 -9.05 25.31
N THR D 27 13.43 -7.83 25.42
CA THR D 27 14.08 -6.88 26.28
C THR D 27 13.11 -5.83 26.76
N ASP D 28 13.54 -5.07 27.76
CA ASP D 28 12.69 -4.10 28.46
C ASP D 28 12.85 -2.71 27.83
N ALA D 29 12.66 -2.64 26.53
CA ALA D 29 12.81 -1.40 25.82
C ALA D 29 12.25 -1.53 24.44
N ASP D 30 12.16 -0.37 23.80
CA ASP D 30 11.48 -0.17 22.56
C ASP D 30 12.43 0.57 21.58
N GLY D 31 12.01 0.71 20.33
CA GLY D 31 12.65 1.63 19.36
C GLY D 31 14.14 1.43 19.16
N GLY D 32 14.85 2.53 18.87
CA GLY D 32 16.29 2.47 18.62
C GLY D 32 17.13 1.74 19.66
N PRO D 33 16.89 2.03 20.95
CA PRO D 33 17.66 1.31 21.93
C PRO D 33 17.50 -0.22 21.87
N ALA D 34 16.27 -0.70 21.61
CA ALA D 34 15.98 -2.11 21.45
C ALA D 34 16.69 -2.74 20.21
N LEU D 35 16.67 -1.99 19.12
CA LEU D 35 17.35 -2.38 17.87
C LEU D 35 18.83 -2.54 18.06
N VAL D 36 19.45 -1.61 18.78
CA VAL D 36 20.86 -1.62 19.02
C VAL D 36 21.28 -2.86 19.85
N GLU D 37 20.48 -3.21 20.86
CA GLU D 37 20.71 -4.45 21.56
C GLU D 37 20.52 -5.68 20.65
N PHE D 38 19.48 -5.69 19.83
CA PHE D 38 19.28 -6.83 18.96
C PHE D 38 20.50 -7.06 18.06
N ALA D 39 20.96 -5.98 17.44
CA ALA D 39 22.13 -6.04 16.55
C ALA D 39 23.41 -6.47 17.30
N GLY D 40 23.62 -5.95 18.49
CA GLY D 40 24.78 -6.37 19.29
C GLY D 40 24.76 -7.88 19.49
N ARG D 41 23.61 -8.39 19.90
CA ARG D 41 23.45 -9.81 20.22
C ARG D 41 23.53 -10.70 18.99
N ALA D 42 23.13 -10.17 17.81
CA ALA D 42 23.22 -10.95 16.57
C ALA D 42 24.66 -11.41 16.27
N CYS D 43 25.65 -10.63 16.70
CA CYS D 43 27.06 -10.92 16.46
C CYS D 43 27.51 -12.17 17.17
N TYR D 44 26.98 -12.36 18.37
CA TYR D 44 27.32 -13.51 19.19
C TYR D 44 26.19 -14.52 19.30
N GLN D 45 25.07 -14.29 18.62
CA GLN D 45 23.82 -15.06 18.80
C GLN D 45 23.52 -15.32 20.29
N SER D 46 23.73 -14.29 21.12
CA SER D 46 23.53 -14.39 22.56
C SER D 46 22.11 -13.98 22.95
N TRP D 47 21.12 -14.68 22.42
CA TRP D 47 19.70 -14.36 22.64
C TRP D 47 19.15 -14.62 24.05
N SER D 48 19.73 -15.58 24.76
CA SER D 48 19.28 -15.93 26.12
C SER D 48 19.87 -15.02 27.16
N LYS D 49 20.89 -14.25 26.78
CA LYS D 49 21.52 -13.29 27.69
C LYS D 49 22.20 -14.04 28.83
N PRO D 50 23.31 -14.75 28.55
CA PRO D 50 23.94 -15.53 29.61
C PRO D 50 24.76 -14.68 30.60
N ASN D 51 24.80 -13.36 30.41
CA ASN D 51 25.49 -12.45 31.32
C ASN D 51 24.48 -11.62 32.12
N PRO D 52 24.30 -11.97 33.42
CA PRO D 52 23.33 -11.28 34.28
C PRO D 52 23.41 -9.75 34.29
N LYS D 53 24.64 -9.21 34.25
CA LYS D 53 24.87 -7.74 34.32
C LYS D 53 24.61 -6.99 33.00
N THR D 54 24.38 -7.71 31.90
CA THR D 54 23.87 -7.09 30.66
C THR D 54 22.44 -7.57 30.31
N ALA D 55 21.71 -8.07 31.32
CA ALA D 55 20.34 -8.59 31.14
C ALA D 55 19.24 -7.53 30.83
N THR D 56 19.48 -6.27 31.17
CA THR D 56 18.54 -5.20 30.83
C THR D 56 19.09 -4.41 29.63
N ASN D 57 18.20 -3.72 28.92
CA ASN D 57 18.63 -2.97 27.74
C ASN D 57 19.66 -1.90 28.11
N ALA D 58 19.38 -1.11 29.15
CA ALA D 58 20.26 -0.01 29.54
C ALA D 58 21.64 -0.54 29.90
N GLY D 59 21.68 -1.69 30.57
CA GLY D 59 22.93 -2.36 30.94
C GLY D 59 23.70 -2.86 29.75
N TYR D 60 22.99 -3.39 28.76
CA TYR D 60 23.62 -3.83 27.53
C TYR D 60 24.17 -2.63 26.75
N LEU D 61 23.40 -1.55 26.63
CA LEU D 61 23.88 -0.37 25.90
C LEU D 61 25.09 0.26 26.62
N ARG D 62 24.97 0.41 27.94
CA ARG D 62 26.08 0.89 28.75
C ARG D 62 27.34 0.07 28.48
N HIS D 63 27.19 -1.25 28.47
CA HIS D 63 28.32 -2.14 28.19
C HIS D 63 28.96 -1.91 26.80
N ILE D 64 28.12 -1.87 25.77
CA ILE D 64 28.56 -1.67 24.38
C ILE D 64 29.48 -0.49 24.26
N ILE D 65 29.08 0.63 24.86
CA ILE D 65 29.86 1.85 24.83
C ILE D 65 31.13 1.69 25.66
N ASP D 66 31.00 1.13 26.86
CA ASP D 66 32.19 0.89 27.72
C ASP D 66 33.27 0.10 27.01
N VAL D 67 32.89 -0.93 26.25
CA VAL D 67 33.84 -1.74 25.50
C VAL D 67 34.17 -1.15 24.11
N GLY D 68 33.45 -0.09 23.73
CA GLY D 68 33.75 0.66 22.49
C GLY D 68 33.35 -0.02 21.19
N HIS D 69 32.26 -0.79 21.22
CA HIS D 69 31.73 -1.40 20.00
C HIS D 69 30.74 -0.44 19.31
N PHE D 70 31.29 0.68 18.84
CA PHE D 70 30.49 1.81 18.41
C PHE D 70 29.71 1.57 17.12
N SER D 71 30.17 0.66 16.27
CA SER D 71 29.45 0.37 15.02
C SER D 71 28.04 -0.18 15.24
N VAL D 72 27.80 -0.85 16.37
CA VAL D 72 26.48 -1.34 16.69
C VAL D 72 25.46 -0.21 16.87
N LEU D 73 25.92 0.97 17.30
CA LEU D 73 25.05 2.14 17.51
C LEU D 73 24.49 2.73 16.23
N GLU D 74 25.05 2.36 15.08
CA GLU D 74 24.71 2.99 13.82
C GLU D 74 23.34 2.58 13.29
N HIS D 75 22.77 1.51 13.85
CA HIS D 75 21.50 0.98 13.32
C HIS D 75 20.28 1.84 13.62
N ALA D 76 20.39 2.64 14.68
CA ALA D 76 19.31 3.51 15.16
C ALA D 76 19.63 4.95 14.80
N SER D 77 18.60 5.71 14.44
CA SER D 77 18.73 7.13 13.98
C SER D 77 17.64 8.03 14.52
N VAL D 78 17.90 9.34 14.42
CA VAL D 78 17.01 10.40 14.86
C VAL D 78 17.14 11.55 13.88
N SER D 79 16.01 12.18 13.53
CA SER D 79 16.01 13.38 12.68
C SER D 79 15.47 14.55 13.47
N PHE D 80 16.07 15.72 13.24
CA PHE D 80 15.59 16.97 13.82
C PHE D 80 15.30 17.97 12.70
N TYR D 81 14.34 18.87 12.96
CA TYR D 81 14.13 20.05 12.13
C TYR D 81 14.60 21.21 12.98
N ILE D 82 15.59 21.94 12.46
CA ILE D 82 16.29 22.97 13.23
C ILE D 82 16.00 24.27 12.54
N THR D 83 15.44 25.23 13.29
CA THR D 83 15.24 26.59 12.78
C THR D 83 15.98 27.59 13.69
N GLY D 84 16.11 28.83 13.24
CA GLY D 84 16.81 29.84 14.06
C GLY D 84 18.28 29.52 14.20
N ILE D 85 18.87 29.01 13.11
CA ILE D 85 20.30 28.74 13.01
C ILE D 85 20.81 29.59 11.84
N SER D 86 22.01 30.11 11.94
CA SER D 86 22.57 30.96 10.94
C SER D 86 23.23 30.16 9.84
N ARG D 87 23.44 30.84 8.73
CA ARG D 87 24.22 30.34 7.62
C ARG D 87 25.67 30.05 7.96
N SER D 88 26.28 30.83 8.85
CA SER D 88 27.63 30.49 9.32
C SER D 88 27.62 29.20 10.11
N CYS D 89 26.56 28.98 10.87
CA CYS D 89 26.46 27.76 11.66
C CYS D 89 26.22 26.52 10.77
N THR D 90 25.34 26.61 9.78
CA THR D 90 25.15 25.45 8.87
C THR D 90 26.38 25.17 8.01
N HIS D 91 27.17 26.20 7.69
CA HIS D 91 28.43 25.98 6.95
C HIS D 91 29.43 25.14 7.78
N GLU D 92 29.31 25.24 9.10
CA GLU D 92 30.09 24.39 10.00
C GLU D 92 29.47 22.99 10.15
N LEU D 93 28.16 22.95 10.46
CA LEU D 93 27.40 21.73 10.66
C LEU D 93 27.60 20.70 9.55
N ILE D 94 27.46 21.15 8.32
CA ILE D 94 27.48 20.24 7.19
C ILE D 94 28.88 19.73 6.86
N ARG D 95 29.93 20.20 7.54
CA ARG D 95 31.24 19.49 7.47
C ARG D 95 31.20 18.10 8.09
N HIS D 96 30.14 17.81 8.86
CA HIS D 96 29.91 16.46 9.34
C HIS D 96 29.28 15.60 8.26
N ARG D 97 30.10 14.66 7.75
CA ARG D 97 29.77 13.95 6.55
C ARG D 97 28.94 12.67 6.75
N HIS D 98 28.79 12.21 8.01
CA HIS D 98 27.95 11.04 8.26
C HIS D 98 26.55 11.44 8.77
N PHE D 99 26.07 12.60 8.34
CA PHE D 99 24.67 12.98 8.49
C PHE D 99 24.05 13.18 7.11
N SER D 100 22.73 13.20 7.06
CA SER D 100 22.02 13.57 5.87
C SER D 100 21.26 14.85 6.16
N TYR D 101 21.25 15.73 5.18
CA TYR D 101 20.70 17.08 5.30
C TYR D 101 19.71 17.45 4.21
N SER D 102 18.68 18.23 4.59
CA SER D 102 17.85 18.96 3.64
C SER D 102 17.69 20.35 4.21
N GLN D 103 18.18 21.32 3.45
CA GLN D 103 18.24 22.70 3.91
C GLN D 103 17.49 23.71 3.02
N LEU D 104 16.87 24.69 3.67
CA LEU D 104 16.31 25.90 3.02
C LEU D 104 17.29 26.46 2.00
N SER D 105 16.80 26.64 0.77
CA SER D 105 17.61 27.12 -0.34
C SER D 105 17.42 28.63 -0.64
N GLN D 106 18.50 29.39 -0.62
CA GLN D 106 18.43 30.81 -1.07
C GLN D 106 18.33 30.91 -2.58
N ARG D 107 18.71 29.86 -3.31
CA ARG D 107 18.52 29.89 -4.76
C ARG D 107 17.02 29.84 -5.11
N TYR D 108 16.23 29.11 -4.30
CA TYR D 108 14.83 28.85 -4.60
C TYR D 108 13.82 29.66 -3.77
N VAL D 109 14.20 30.13 -2.58
CA VAL D 109 13.28 30.81 -1.65
C VAL D 109 13.56 32.33 -1.51
N PRO D 110 12.54 33.17 -1.76
CA PRO D 110 12.75 34.63 -1.59
C PRO D 110 13.11 35.03 -0.15
N GLU D 111 14.11 35.91 -0.01
CA GLU D 111 14.65 36.27 1.31
C GLU D 111 14.45 37.76 1.67
N LYS D 112 13.56 38.45 0.96
CA LYS D 112 13.27 39.88 1.23
C LYS D 112 12.95 40.14 2.71
N ASP D 113 12.24 39.22 3.35
CA ASP D 113 11.81 39.41 4.74
C ASP D 113 12.52 38.43 5.67
N SER D 114 13.75 38.05 5.35
CA SER D 114 14.44 37.04 6.13
C SER D 114 14.79 37.54 7.55
N ARG D 115 14.70 36.62 8.49
CA ARG D 115 15.09 36.87 9.86
C ARG D 115 16.60 36.73 9.99
N VAL D 116 17.16 37.25 11.09
CA VAL D 116 18.55 37.05 11.45
C VAL D 116 18.74 36.38 12.82
N VAL D 117 19.86 35.69 12.96
CA VAL D 117 20.24 35.02 14.21
C VAL D 117 21.34 35.82 14.92
N VAL D 118 21.07 36.24 16.16
CA VAL D 118 22.08 36.96 16.95
C VAL D 118 23.16 36.00 17.46
N PRO D 119 24.44 36.28 17.14
CA PRO D 119 25.52 35.53 17.76
C PRO D 119 25.44 35.49 19.29
N PRO D 120 25.48 34.29 19.89
CA PRO D 120 25.36 34.24 21.36
C PRO D 120 26.34 35.17 22.10
N GLY D 121 27.53 35.38 21.54
CA GLY D 121 28.53 36.31 22.09
C GLY D 121 28.06 37.73 22.33
N MET D 122 27.02 38.17 21.63
CA MET D 122 26.48 39.52 21.79
C MET D 122 24.98 39.54 22.13
N GLU D 123 24.45 38.40 22.59
CA GLU D 123 23.03 38.26 22.89
C GLU D 123 22.46 39.22 23.93
N ASP D 124 23.27 39.56 24.94
CA ASP D 124 22.83 40.45 26.01
C ASP D 124 23.28 41.89 25.81
N ASP D 125 23.98 42.16 24.71
CA ASP D 125 24.55 43.47 24.45
C ASP D 125 23.71 44.22 23.43
N ALA D 126 22.87 45.14 23.95
CA ALA D 126 21.89 45.87 23.13
C ALA D 126 22.53 46.71 22.03
N ASP D 127 23.66 47.34 22.36
CA ASP D 127 24.44 48.11 21.39
C ASP D 127 24.88 47.24 20.20
N LEU D 128 25.49 46.10 20.53
CA LEU D 128 26.00 45.20 19.49
C LEU D 128 24.86 44.61 18.67
N ARG D 129 23.78 44.22 19.34
CA ARG D 129 22.59 43.73 18.63
C ARG D 129 22.03 44.75 17.64
N HIS D 130 21.96 46.02 18.06
CA HIS D 130 21.44 47.09 17.19
C HIS D 130 22.29 47.29 15.95
N ILE D 131 23.60 47.22 16.14
CA ILE D 131 24.56 47.34 15.06
C ILE D 131 24.31 46.23 14.04
N LEU D 132 24.22 45.01 14.56
CA LEU D 132 23.89 43.82 13.74
C LEU D 132 22.59 43.97 12.94
N THR D 133 21.49 44.29 13.62
CA THR D 133 20.20 44.30 12.97
C THR D 133 20.11 45.41 11.94
N GLU D 134 20.72 46.57 12.17
CA GLU D 134 20.60 47.65 11.18
C GLU D 134 21.42 47.34 9.93
N ALA D 135 22.55 46.66 10.12
CA ALA D 135 23.38 46.22 8.98
C ALA D 135 22.63 45.17 8.17
N ALA D 136 21.89 44.27 8.85
CA ALA D 136 20.99 43.27 8.22
C ALA D 136 19.89 43.91 7.38
N ASP D 137 19.21 44.93 7.94
CA ASP D 137 18.23 45.70 7.15
C ASP D 137 18.85 46.36 5.92
N ALA D 138 20.08 46.86 6.03
CA ALA D 138 20.72 47.49 4.88
C ALA D 138 21.01 46.43 3.79
N ALA D 139 21.54 45.28 4.20
CA ALA D 139 21.77 44.15 3.28
C ALA D 139 20.47 43.68 2.60
N ARG D 140 19.37 43.53 3.36
CA ARG D 140 18.11 43.08 2.74
C ARG D 140 17.59 44.10 1.71
N ALA D 141 17.81 45.37 1.97
CA ALA D 141 17.44 46.43 1.04
C ALA D 141 18.28 46.36 -0.23
N THR D 142 19.57 46.08 -0.08
CA THR D 142 20.43 45.91 -1.25
C THR D 142 19.97 44.69 -2.05
N TYR D 143 19.63 43.62 -1.36
CA TYR D 143 19.11 42.41 -1.99
C TYR D 143 17.90 42.69 -2.91
N SER D 144 16.87 43.34 -2.39
CA SER D 144 15.66 43.66 -3.16
C SER D 144 15.99 44.56 -4.33
N GLU D 145 16.90 45.49 -4.10
CA GLU D 145 17.44 46.36 -5.15
C GLU D 145 18.17 45.56 -6.23
N LEU D 146 19.02 44.61 -5.82
CA LEU D 146 19.73 43.78 -6.79
C LEU D 146 18.74 42.90 -7.57
N LEU D 147 17.77 42.35 -6.84
CA LEU D 147 16.80 41.42 -7.42
C LEU D 147 16.04 42.07 -8.57
N ALA D 148 15.55 43.29 -8.37
CA ALA D 148 14.82 44.01 -9.43
C ALA D 148 15.68 44.23 -10.66
N LYS D 149 16.88 44.75 -10.45
CA LYS D 149 17.75 45.03 -11.56
C LYS D 149 18.18 43.76 -12.29
N LEU D 150 18.34 42.67 -11.55
CA LEU D 150 18.76 41.40 -12.14
C LEU D 150 17.68 40.79 -13.02
N GLU D 151 16.44 40.80 -12.57
CA GLU D 151 15.32 40.29 -13.37
C GLU D 151 15.13 41.12 -14.65
N ALA D 152 15.20 42.44 -14.51
CA ALA D 152 15.24 43.34 -15.66
C ALA D 152 16.35 42.92 -16.62
N LYS D 153 17.56 42.70 -16.09
CA LYS D 153 18.73 42.34 -16.91
C LYS D 153 18.60 41.00 -17.63
N PHE D 154 17.90 40.06 -17.00
CA PHE D 154 17.70 38.74 -17.59
C PHE D 154 16.36 38.68 -18.33
N ALA D 155 15.74 39.83 -18.52
CA ALA D 155 14.42 39.91 -19.16
C ALA D 155 14.42 39.56 -20.65
N ASP D 156 15.45 38.85 -21.12
CA ASP D 156 15.44 38.20 -22.43
C ASP D 156 15.45 36.68 -22.28
N GLN D 157 15.24 36.20 -21.04
CA GLN D 157 15.25 34.78 -20.71
C GLN D 157 13.80 34.28 -20.67
N PRO D 158 13.33 33.65 -21.77
CA PRO D 158 11.89 33.44 -21.95
C PRO D 158 11.20 32.65 -20.83
N ASN D 159 11.95 31.74 -20.19
CA ASN D 159 11.44 30.93 -19.09
C ASN D 159 11.45 31.75 -17.80
N ALA D 160 10.29 32.27 -17.40
CA ALA D 160 10.19 33.18 -16.26
C ALA D 160 10.72 32.58 -14.95
N ILE D 161 10.47 31.29 -14.73
CA ILE D 161 10.93 30.60 -13.52
C ILE D 161 12.46 30.66 -13.39
N LEU D 162 13.15 30.24 -14.45
CA LEU D 162 14.60 30.26 -14.53
C LEU D 162 15.12 31.69 -14.42
N ARG D 163 14.39 32.63 -15.00
CA ARG D 163 14.74 34.06 -14.93
C ARG D 163 14.82 34.55 -13.48
N ARG D 164 13.78 34.27 -12.69
CA ARG D 164 13.77 34.68 -11.27
C ARG D 164 14.88 34.00 -10.46
N LYS D 165 15.13 32.71 -10.73
CA LYS D 165 16.18 31.95 -10.02
C LYS D 165 17.60 32.46 -10.34
N GLN D 166 17.83 32.85 -11.60
CA GLN D 166 19.09 33.48 -12.00
C GLN D 166 19.25 34.78 -11.24
N ALA D 167 18.14 35.49 -11.06
CA ALA D 167 18.14 36.76 -10.33
C ALA D 167 18.42 36.54 -8.86
N ARG D 168 17.71 35.58 -8.26
CA ARG D 168 17.80 35.32 -6.83
C ARG D 168 19.19 34.79 -6.39
N GLN D 169 19.78 33.89 -7.16
CA GLN D 169 21.08 33.32 -6.78
C GLN D 169 22.21 34.36 -6.83
N ALA D 170 22.11 35.34 -7.74
CA ALA D 170 23.07 36.45 -7.77
C ALA D 170 22.78 37.48 -6.67
N ALA D 171 21.50 37.81 -6.46
CA ALA D 171 21.12 38.81 -5.44
C ALA D 171 21.55 38.41 -4.03
N ARG D 172 21.47 37.11 -3.74
CA ARG D 172 21.76 36.63 -2.37
C ARG D 172 23.25 36.78 -1.99
N ALA D 173 24.07 37.18 -2.95
CA ALA D 173 25.46 37.55 -2.66
C ALA D 173 25.62 38.56 -1.54
N VAL D 174 24.60 39.42 -1.33
CA VAL D 174 24.72 40.46 -0.31
C VAL D 174 24.13 40.06 1.05
N LEU D 175 23.41 38.93 1.13
CA LEU D 175 22.84 38.48 2.42
C LEU D 175 23.95 38.07 3.40
N PRO D 176 23.80 38.44 4.68
CA PRO D 176 24.88 38.21 5.63
C PRO D 176 24.92 36.77 6.18
N ASN D 177 26.05 36.40 6.80
CA ASN D 177 26.20 35.11 7.48
C ASN D 177 25.10 34.86 8.52
N ALA D 178 24.63 35.94 9.13
CA ALA D 178 23.67 35.80 10.24
C ALA D 178 22.22 35.48 9.80
N THR D 179 21.97 35.56 8.49
CA THR D 179 20.68 35.20 7.89
C THR D 179 20.23 33.83 8.39
N GLU D 180 18.98 33.75 8.82
CA GLU D 180 18.44 32.53 9.34
C GLU D 180 18.37 31.53 8.18
N THR D 181 18.59 30.27 8.53
CA THR D 181 18.28 29.16 7.64
C THR D 181 17.53 28.07 8.43
N ARG D 182 17.04 27.03 7.74
CA ARG D 182 16.28 25.96 8.36
C ARG D 182 16.71 24.68 7.72
N ILE D 183 16.80 23.62 8.51
CA ILE D 183 17.47 22.40 8.07
C ILE D 183 16.95 21.17 8.80
N VAL D 184 16.73 20.11 8.01
CA VAL D 184 16.50 18.78 8.53
C VAL D 184 17.84 18.02 8.60
N VAL D 185 18.17 17.52 9.79
CA VAL D 185 19.41 16.76 9.99
C VAL D 185 19.04 15.36 10.52
N THR D 186 19.56 14.34 9.83
CA THR D 186 19.34 12.95 10.23
C THR D 186 20.68 12.35 10.49
N GLY D 187 20.79 11.66 11.62
CA GLY D 187 22.01 10.95 11.93
C GLY D 187 21.71 9.69 12.73
N ASN D 188 22.59 8.72 12.60
CA ASN D 188 22.55 7.59 13.52
C ASN D 188 23.19 7.94 14.86
N TYR D 189 23.05 7.06 15.83
CA TYR D 189 23.48 7.39 17.20
C TYR D 189 25.00 7.59 17.25
N ARG D 190 25.77 6.82 16.49
CA ARG D 190 27.23 7.00 16.51
C ARG D 190 27.62 8.37 15.98
N ALA D 191 26.98 8.78 14.88
CA ALA D 191 27.19 10.09 14.25
C ALA D 191 26.82 11.22 15.20
N TRP D 192 25.70 11.08 15.91
CA TRP D 192 25.33 12.08 16.91
C TRP D 192 26.35 12.20 18.04
N ARG D 193 26.78 11.08 18.63
CA ARG D 193 27.83 11.09 19.67
C ARG D 193 29.08 11.81 19.19
N HIS D 194 29.52 11.54 17.97
CA HIS D 194 30.73 12.22 17.43
C HIS D 194 30.47 13.75 17.30
N PHE D 195 29.31 14.12 16.76
CA PHE D 195 28.91 15.53 16.66
C PHE D 195 28.95 16.25 18.02
N ILE D 196 28.37 15.63 19.03
CA ILE D 196 28.31 16.23 20.38
C ILE D 196 29.75 16.35 20.96
N ALA D 197 30.57 15.30 20.87
CA ALA D 197 31.95 15.39 21.34
C ALA D 197 32.70 16.56 20.71
N MET D 198 32.51 16.75 19.40
CA MET D 198 33.22 17.77 18.68
C MET D 198 32.69 19.18 18.88
N ARG D 199 31.37 19.34 18.94
CA ARG D 199 30.80 20.67 18.88
C ARG D 199 30.34 21.20 20.23
N ALA D 200 30.19 20.34 21.24
CA ALA D 200 29.76 20.80 22.57
C ALA D 200 31.00 21.07 23.43
N SER D 201 32.05 21.56 22.80
CA SER D 201 33.35 21.72 23.38
C SER D 201 33.65 23.21 23.45
N GLU D 202 34.50 23.60 24.39
CA GLU D 202 34.92 25.00 24.45
C GLU D 202 35.68 25.42 23.21
N HIS D 203 36.21 24.47 22.43
CA HIS D 203 36.93 24.80 21.19
C HIS D 203 36.00 25.30 20.07
N ALA D 204 34.73 24.89 20.11
CA ALA D 204 33.76 25.11 19.06
C ALA D 204 33.21 26.52 19.13
N ASP D 205 32.66 26.99 18.03
CA ASP D 205 31.88 28.23 18.05
C ASP D 205 30.68 28.09 19.01
N VAL D 206 30.27 29.21 19.64
CA VAL D 206 29.24 29.17 20.68
C VAL D 206 27.83 28.85 20.18
N GLU D 207 27.52 29.30 18.95
CA GLU D 207 26.25 28.98 18.32
C GLU D 207 26.07 27.47 18.08
N ILE D 208 27.09 26.82 17.51
CA ILE D 208 27.01 25.37 17.26
C ILE D 208 27.13 24.53 18.54
N ARG D 209 27.89 25.03 19.50
CA ARG D 209 27.95 24.43 20.83
C ARG D 209 26.55 24.37 21.45
N ARG D 210 25.80 25.47 21.32
CA ARG D 210 24.45 25.60 21.89
C ARG D 210 23.51 24.61 21.22
N LEU D 211 23.64 24.49 19.91
CA LEU D 211 22.89 23.50 19.16
C LEU D 211 23.21 22.08 19.60
N ALA D 212 24.49 21.77 19.76
CA ALA D 212 24.94 20.42 20.13
C ALA D 212 24.40 20.03 21.52
N ILE D 213 24.35 21.01 22.42
CA ILE D 213 23.83 20.76 23.80
C ILE D 213 22.35 20.41 23.78
N GLU D 214 21.58 21.17 23.01
CA GLU D 214 20.15 20.93 22.84
C GLU D 214 19.86 19.61 22.16
N CYS D 215 20.67 19.24 21.16
CA CYS D 215 20.51 17.94 20.51
C CYS D 215 20.79 16.83 21.52
N LEU D 216 21.84 17.01 22.31
CA LEU D 216 22.21 16.03 23.31
C LEU D 216 21.08 15.84 24.31
N ARG D 217 20.47 16.92 24.78
CA ARG D 217 19.39 16.86 25.78
C ARG D 217 18.24 16.03 25.23
N GLN D 218 17.90 16.26 23.96
CA GLN D 218 16.78 15.53 23.34
C GLN D 218 17.11 14.06 23.01
N LEU D 219 18.33 13.82 22.55
CA LEU D 219 18.79 12.45 22.31
C LEU D 219 18.90 11.65 23.63
N ALA D 220 19.38 12.31 24.68
CA ALA D 220 19.45 11.69 26.02
C ALA D 220 18.09 11.16 26.49
N ALA D 221 17.01 11.82 26.09
CA ALA D 221 15.63 11.39 26.40
C ALA D 221 15.19 10.17 25.61
N VAL D 222 15.53 10.10 24.32
CA VAL D 222 15.18 8.95 23.48
C VAL D 222 16.01 7.74 23.86
N ALA D 223 17.28 7.95 24.15
CA ALA D 223 18.17 6.83 24.37
C ALA D 223 19.10 7.15 25.53
N PRO D 224 18.53 7.19 26.75
CA PRO D 224 19.33 7.58 27.90
C PRO D 224 20.67 6.88 28.00
N ALA D 225 20.71 5.56 27.85
CA ALA D 225 21.96 4.82 28.12
C ALA D 225 23.06 5.04 27.04
N VAL D 226 22.64 5.43 25.85
CA VAL D 226 23.60 5.71 24.76
C VAL D 226 24.31 7.05 24.94
N PHE D 227 23.65 8.00 25.62
CA PHE D 227 24.20 9.36 25.78
C PHE D 227 24.55 9.70 27.25
N ALA D 228 24.59 8.67 28.10
CA ALA D 228 24.77 8.83 29.56
C ALA D 228 26.16 9.34 29.94
N ASP D 229 27.18 8.85 29.26
CA ASP D 229 28.55 9.21 29.62
C ASP D 229 28.88 10.71 29.41
N PHE D 230 28.07 11.42 28.60
CA PHE D 230 28.25 12.87 28.42
C PHE D 230 27.82 13.63 29.69
N GLU D 231 28.71 14.46 30.20
CA GLU D 231 28.41 15.31 31.34
C GLU D 231 28.33 16.76 30.90
N VAL D 232 27.20 17.39 31.16
CA VAL D 232 27.05 18.80 30.83
C VAL D 232 27.49 19.67 32.00
N THR D 233 28.50 20.52 31.78
CA THR D 233 28.93 21.49 32.79
C THR D 233 28.82 22.90 32.22
N THR D 234 28.70 23.88 33.11
CA THR D 234 28.66 25.28 32.71
C THR D 234 30.04 25.87 32.89
N LEU D 235 30.47 26.68 31.91
CA LEU D 235 31.71 27.46 32.02
C LEU D 235 31.46 28.78 32.77
N ALA D 236 32.53 29.55 32.97
CA ALA D 236 32.46 30.87 33.59
C ALA D 236 31.44 31.82 32.94
N ASP D 237 31.27 31.71 31.63
CA ASP D 237 30.39 32.63 30.91
C ASP D 237 28.93 32.18 30.86
N GLY D 238 28.61 31.09 31.52
CA GLY D 238 27.24 30.58 31.51
C GLY D 238 26.93 29.71 30.30
N THR D 239 27.89 29.49 29.41
CA THR D 239 27.68 28.54 28.31
C THR D 239 27.97 27.16 28.81
N GLU D 240 27.36 26.17 28.18
CA GLU D 240 27.52 24.79 28.57
C GLU D 240 28.42 24.06 27.59
N VAL D 241 29.17 23.10 28.10
CA VAL D 241 29.90 22.17 27.29
C VAL D 241 29.55 20.77 27.77
N ALA D 242 29.66 19.79 26.88
CA ALA D 242 29.42 18.42 27.25
C ALA D 242 30.69 17.63 27.00
N THR D 243 31.15 16.94 28.04
CA THR D 243 32.35 16.15 27.95
C THR D 243 32.06 14.71 28.34
N SER D 244 32.81 13.80 27.72
CA SER D 244 32.83 12.40 28.05
C SER D 244 34.22 11.88 27.73
N ALA E 2 -13.94 -7.17 30.52
CA ALA E 2 -14.17 -7.51 31.96
C ALA E 2 -14.91 -8.83 32.06
N GLU E 3 -16.22 -8.82 31.90
CA GLU E 3 -16.95 -10.07 31.83
C GLU E 3 -16.90 -10.56 30.38
N THR E 4 -16.74 -11.86 30.17
CA THR E 4 -16.67 -12.39 28.82
C THR E 4 -17.99 -13.08 28.48
N ALA E 5 -18.37 -13.02 27.21
CA ALA E 5 -19.67 -13.52 26.77
C ALA E 5 -19.40 -14.61 25.79
N PRO E 6 -19.88 -15.83 26.08
CA PRO E 6 -19.68 -16.93 25.15
C PRO E 6 -20.71 -16.90 24.04
N LEU E 7 -20.37 -17.49 22.91
CA LEU E 7 -21.27 -17.56 21.77
C LEU E 7 -22.52 -18.35 22.15
N ARG E 8 -23.68 -17.79 21.83
CA ARG E 8 -24.95 -18.49 21.99
C ARG E 8 -25.80 -18.23 20.77
N VAL E 9 -26.33 -19.30 20.19
CA VAL E 9 -27.18 -19.25 19.01
C VAL E 9 -28.51 -19.90 19.37
N GLN E 10 -29.57 -19.11 19.32
CA GLN E 10 -30.90 -19.58 19.64
C GLN E 10 -31.80 -19.46 18.44
N LEU E 11 -32.36 -20.59 18.02
CA LEU E 11 -33.36 -20.57 16.96
C LEU E 11 -34.67 -19.97 17.47
N ILE E 12 -35.16 -18.92 16.80
CA ILE E 12 -36.35 -18.19 17.25
C ILE E 12 -37.55 -18.20 16.28
N ALA E 13 -37.33 -18.54 15.01
CA ALA E 13 -38.44 -18.57 14.05
C ALA E 13 -38.13 -19.50 12.90
N LYS E 14 -39.18 -20.12 12.36
CA LYS E 14 -39.09 -20.93 11.15
C LYS E 14 -40.45 -21.00 10.46
N THR E 15 -40.44 -21.43 9.21
CA THR E 15 -41.63 -21.46 8.38
C THR E 15 -42.66 -22.44 8.93
N ASP E 16 -43.92 -22.00 8.97
CA ASP E 16 -45.11 -22.87 9.24
C ASP E 16 -45.81 -23.10 7.89
N PHE E 17 -46.07 -24.35 7.52
CA PHE E 17 -46.62 -24.67 6.20
C PHE E 17 -48.07 -25.14 6.26
N LEU E 18 -48.92 -24.56 5.40
CA LEU E 18 -50.34 -24.89 5.33
C LEU E 18 -50.72 -25.36 3.91
N ALA E 19 -50.71 -26.68 3.70
CA ALA E 19 -51.03 -27.30 2.41
C ALA E 19 -52.35 -26.78 1.81
N PRO E 20 -52.38 -26.40 0.52
CA PRO E 20 -53.60 -25.88 -0.09
C PRO E 20 -54.61 -27.00 -0.46
N PRO E 21 -55.83 -26.92 0.10
CA PRO E 21 -56.87 -27.98 0.04
C PRO E 21 -57.03 -28.71 -1.31
N ASP E 22 -57.24 -27.96 -2.38
CA ASP E 22 -57.65 -28.56 -3.66
C ASP E 22 -56.47 -28.99 -4.55
N VAL E 23 -55.28 -29.14 -3.97
CA VAL E 23 -54.13 -29.68 -4.69
C VAL E 23 -53.95 -31.13 -4.25
N PRO E 24 -54.03 -32.08 -5.19
CA PRO E 24 -53.94 -33.51 -4.86
C PRO E 24 -52.51 -33.96 -4.55
N TRP E 25 -51.97 -33.48 -3.45
CA TRP E 25 -50.58 -33.78 -3.08
C TRP E 25 -50.45 -33.92 -1.57
N THR E 26 -49.55 -34.80 -1.15
CA THR E 26 -49.29 -35.02 0.24
C THR E 26 -47.82 -35.44 0.38
N THR E 27 -47.24 -35.37 1.58
CA THR E 27 -45.83 -35.72 1.77
C THR E 27 -45.48 -35.99 3.23
N ASP E 28 -44.38 -36.73 3.43
CA ASP E 28 -43.97 -37.17 4.78
C ASP E 28 -43.11 -36.11 5.49
N ALA E 29 -43.65 -34.90 5.63
CA ALA E 29 -42.95 -33.81 6.32
C ALA E 29 -43.86 -32.60 6.43
N ASP E 30 -43.53 -31.69 7.32
CA ASP E 30 -44.22 -30.41 7.44
C ASP E 30 -43.22 -29.24 7.39
N GLY E 31 -43.69 -28.05 7.74
CA GLY E 31 -42.83 -26.86 7.84
C GLY E 31 -42.18 -26.46 6.54
N GLY E 32 -41.01 -25.84 6.64
CA GLY E 32 -40.24 -25.44 5.47
C GLY E 32 -39.84 -26.50 4.45
N PRO E 33 -39.44 -27.71 4.92
CA PRO E 33 -39.11 -28.75 3.95
C PRO E 33 -40.30 -29.16 3.06
N ALA E 34 -41.52 -29.16 3.60
CA ALA E 34 -42.72 -29.46 2.81
C ALA E 34 -43.06 -28.34 1.84
N LEU E 35 -42.98 -27.10 2.33
CA LEU E 35 -43.16 -25.89 1.50
C LEU E 35 -42.23 -25.92 0.29
N VAL E 36 -40.96 -26.23 0.56
CA VAL E 36 -39.94 -26.31 -0.49
C VAL E 36 -40.32 -27.37 -1.53
N GLU E 37 -40.75 -28.55 -1.08
CA GLU E 37 -41.18 -29.59 -2.01
C GLU E 37 -42.42 -29.15 -2.77
N PHE E 38 -43.39 -28.54 -2.09
CA PHE E 38 -44.58 -27.99 -2.77
C PHE E 38 -44.21 -26.98 -3.86
N ALA E 39 -43.37 -26.02 -3.52
CA ALA E 39 -42.90 -25.01 -4.49
C ALA E 39 -42.26 -25.63 -5.74
N GLY E 40 -41.35 -26.59 -5.53
CA GLY E 40 -40.70 -27.32 -6.61
C GLY E 40 -41.67 -28.06 -7.53
N ARG E 41 -42.64 -28.74 -6.93
CA ARG E 41 -43.62 -29.51 -7.72
C ARG E 41 -44.61 -28.62 -8.48
N ALA E 42 -44.78 -27.37 -8.03
CA ALA E 42 -45.67 -26.40 -8.70
C ALA E 42 -45.17 -25.99 -10.08
N CYS E 43 -43.86 -26.03 -10.27
CA CYS E 43 -43.25 -25.66 -11.54
C CYS E 43 -43.60 -26.69 -12.63
N TYR E 44 -43.80 -27.94 -12.21
CA TYR E 44 -44.11 -29.04 -13.11
C TYR E 44 -45.53 -29.55 -12.90
N GLN E 45 -46.22 -29.02 -11.90
CA GLN E 45 -47.50 -29.54 -11.44
C GLN E 45 -47.40 -31.06 -11.31
N SER E 46 -46.35 -31.49 -10.64
CA SER E 46 -46.02 -32.91 -10.49
C SER E 46 -46.57 -33.44 -9.16
N TRP E 47 -47.89 -33.33 -8.96
CA TRP E 47 -48.54 -33.58 -7.65
C TRP E 47 -48.67 -35.05 -7.28
N SER E 48 -49.02 -35.89 -8.26
CA SER E 48 -48.99 -37.33 -8.08
C SER E 48 -47.53 -37.71 -8.15
N LYS E 49 -46.97 -38.11 -7.01
CA LYS E 49 -45.52 -38.21 -6.88
C LYS E 49 -45.00 -39.36 -7.75
N PRO E 50 -44.59 -39.06 -9.00
CA PRO E 50 -44.39 -40.09 -10.02
C PRO E 50 -42.96 -40.63 -10.10
N ASN E 51 -42.30 -40.76 -8.95
CA ASN E 51 -40.92 -41.25 -8.90
C ASN E 51 -40.56 -41.68 -7.47
N PRO E 52 -40.44 -43.00 -7.21
CA PRO E 52 -40.13 -43.44 -5.83
C PRO E 52 -38.75 -43.00 -5.34
N LYS E 53 -37.84 -42.70 -6.28
CA LYS E 53 -36.50 -42.17 -5.97
C LYS E 53 -36.57 -40.85 -5.21
N THR E 54 -37.50 -39.99 -5.65
CA THR E 54 -37.75 -38.69 -5.03
C THR E 54 -39.19 -38.62 -4.44
N ALA E 55 -39.69 -39.75 -3.94
CA ALA E 55 -41.07 -39.89 -3.47
C ALA E 55 -41.28 -39.52 -2.00
N THR E 56 -40.20 -39.53 -1.22
CA THR E 56 -40.23 -39.04 0.14
C THR E 56 -39.88 -37.55 0.08
N ASN E 57 -40.13 -36.82 1.16
CA ASN E 57 -39.73 -35.41 1.21
C ASN E 57 -38.22 -35.25 1.13
N ALA E 58 -37.50 -35.97 1.97
CA ALA E 58 -36.03 -36.01 1.93
C ALA E 58 -35.49 -36.31 0.54
N GLY E 59 -36.07 -37.30 -0.14
CA GLY E 59 -35.61 -37.68 -1.47
C GLY E 59 -35.85 -36.58 -2.49
N TYR E 60 -36.95 -35.86 -2.33
CA TYR E 60 -37.25 -34.76 -3.24
C TYR E 60 -36.26 -33.60 -3.05
N LEU E 61 -35.97 -33.27 -1.79
CA LEU E 61 -35.07 -32.16 -1.48
C LEU E 61 -33.62 -32.46 -1.88
N ARG E 62 -33.15 -33.67 -1.57
CA ARG E 62 -31.83 -34.11 -2.02
C ARG E 62 -31.71 -34.02 -3.54
N HIS E 63 -32.79 -34.29 -4.25
CA HIS E 63 -32.79 -34.16 -5.71
C HIS E 63 -32.66 -32.71 -6.18
N ILE E 64 -33.40 -31.80 -5.54
CA ILE E 64 -33.32 -30.37 -5.86
C ILE E 64 -31.85 -29.89 -5.80
N ILE E 65 -31.17 -30.23 -4.71
CA ILE E 65 -29.77 -29.85 -4.49
C ILE E 65 -28.85 -30.47 -5.53
N ASP E 66 -29.01 -31.76 -5.76
CA ASP E 66 -28.30 -32.50 -6.83
C ASP E 66 -28.40 -31.86 -8.21
N VAL E 67 -29.63 -31.58 -8.65
CA VAL E 67 -29.85 -30.94 -9.95
C VAL E 67 -29.58 -29.42 -9.91
N GLY E 68 -29.26 -28.90 -8.72
CA GLY E 68 -28.87 -27.52 -8.54
C GLY E 68 -30.00 -26.53 -8.76
N HIS E 69 -31.21 -26.89 -8.31
CA HIS E 69 -32.39 -26.02 -8.46
C HIS E 69 -32.53 -25.14 -7.21
N PHE E 70 -31.53 -24.31 -6.96
CA PHE E 70 -31.41 -23.67 -5.66
C PHE E 70 -32.47 -22.60 -5.34
N SER E 71 -33.09 -22.04 -6.37
CA SER E 71 -34.06 -20.98 -6.16
C SER E 71 -35.27 -21.48 -5.39
N VAL E 72 -35.58 -22.78 -5.52
CA VAL E 72 -36.71 -23.39 -4.80
C VAL E 72 -36.50 -23.37 -3.28
N LEU E 73 -35.25 -23.39 -2.84
CA LEU E 73 -34.93 -23.39 -1.42
C LEU E 73 -35.28 -22.07 -0.71
N GLU E 74 -35.48 -21.03 -1.49
CA GLU E 74 -35.69 -19.69 -0.96
C GLU E 74 -37.00 -19.49 -0.24
N HIS E 75 -37.96 -20.39 -0.43
CA HIS E 75 -39.30 -20.19 0.13
C HIS E 75 -39.37 -20.38 1.64
N ALA E 76 -38.46 -21.17 2.19
CA ALA E 76 -38.43 -21.43 3.62
C ALA E 76 -37.33 -20.61 4.31
N SER E 77 -37.60 -20.17 5.54
CA SER E 77 -36.63 -19.40 6.32
C SER E 77 -36.49 -19.86 7.77
N VAL E 78 -35.34 -19.53 8.36
CA VAL E 78 -35.05 -19.71 9.77
C VAL E 78 -34.47 -18.37 10.28
N SER E 79 -34.88 -17.96 11.48
CA SER E 79 -34.26 -16.80 12.17
C SER E 79 -33.57 -17.27 13.43
N PHE E 80 -32.44 -16.65 13.74
CA PHE E 80 -31.72 -16.92 15.01
C PHE E 80 -31.51 -15.65 15.82
N TYR E 81 -31.47 -15.77 17.14
CA TYR E 81 -30.98 -14.68 17.98
C TYR E 81 -29.59 -15.08 18.46
N ILE E 82 -28.57 -14.27 18.13
CA ILE E 82 -27.17 -14.59 18.39
C ILE E 82 -26.60 -13.60 19.38
N THR E 83 -26.00 -14.11 20.45
CA THR E 83 -25.36 -13.28 21.46
C THR E 83 -23.93 -13.82 21.64
N GLY E 84 -23.07 -13.06 22.28
CA GLY E 84 -21.67 -13.49 22.43
C GLY E 84 -20.89 -13.58 21.12
N ILE E 85 -21.16 -12.62 20.23
CA ILE E 85 -20.47 -12.43 18.96
C ILE E 85 -19.86 -11.04 19.06
N SER E 86 -18.63 -10.86 18.59
CA SER E 86 -17.94 -9.57 18.68
C SER E 86 -18.42 -8.64 17.58
N ARG E 87 -18.13 -7.35 17.73
CA ARG E 87 -18.40 -6.35 16.68
C ARG E 87 -17.60 -6.56 15.38
N SER E 88 -16.39 -7.07 15.47
CA SER E 88 -15.61 -7.38 14.27
C SER E 88 -16.24 -8.59 13.54
N CYS E 89 -16.88 -9.49 14.29
CA CYS E 89 -17.57 -10.62 13.68
C CYS E 89 -18.84 -10.15 12.98
N THR E 90 -19.60 -9.26 13.60
CA THR E 90 -20.78 -8.70 12.93
C THR E 90 -20.42 -7.82 11.72
N HIS E 91 -19.30 -7.09 11.81
CA HIS E 91 -18.82 -6.35 10.64
C HIS E 91 -18.57 -7.24 9.41
N GLU E 92 -18.20 -8.51 9.63
CA GLU E 92 -18.09 -9.49 8.54
C GLU E 92 -19.44 -10.07 8.12
N LEU E 93 -20.18 -10.56 9.11
CA LEU E 93 -21.49 -11.16 8.91
C LEU E 93 -22.41 -10.36 7.99
N ILE E 94 -22.54 -9.06 8.27
CA ILE E 94 -23.54 -8.25 7.55
C ILE E 94 -23.14 -7.87 6.12
N ARG E 95 -21.92 -8.25 5.72
CA ARG E 95 -21.56 -8.25 4.29
C ARG E 95 -22.44 -9.20 3.46
N HIS E 96 -23.06 -10.19 4.12
CA HIS E 96 -24.03 -11.08 3.45
C HIS E 96 -25.35 -10.33 3.22
N ARG E 97 -25.63 -10.05 1.96
CA ARG E 97 -26.69 -9.15 1.62
C ARG E 97 -28.09 -9.81 1.43
N HIS E 98 -28.17 -11.13 1.40
CA HIS E 98 -29.46 -11.82 1.35
C HIS E 98 -29.93 -12.37 2.71
N PHE E 99 -29.43 -11.74 3.78
CA PHE E 99 -29.99 -11.88 5.11
C PHE E 99 -30.71 -10.57 5.54
N SER E 100 -31.56 -10.72 6.56
CA SER E 100 -32.15 -9.58 7.25
C SER E 100 -31.60 -9.54 8.67
N TYR E 101 -31.36 -8.33 9.17
CA TYR E 101 -30.74 -8.13 10.45
C TYR E 101 -31.44 -7.10 11.33
N SER E 102 -31.45 -7.35 12.64
CA SER E 102 -31.68 -6.31 13.65
C SER E 102 -30.66 -6.48 14.79
N GLN E 103 -29.87 -5.45 15.02
CA GLN E 103 -28.69 -5.57 15.85
C GLN E 103 -28.67 -4.52 16.95
N LEU E 104 -28.21 -4.94 18.12
CA LEU E 104 -27.99 -4.08 19.27
C LEU E 104 -27.23 -2.81 18.85
N SER E 105 -27.77 -1.64 19.17
CA SER E 105 -27.20 -0.36 18.77
C SER E 105 -26.36 0.33 19.85
N GLN E 106 -25.09 0.62 19.54
CA GLN E 106 -24.23 1.37 20.44
C GLN E 106 -24.65 2.86 20.53
N ARG E 107 -25.35 3.32 19.51
CA ARG E 107 -25.88 4.68 19.55
C ARG E 107 -26.97 4.79 20.61
N TYR E 108 -27.69 3.69 20.81
CA TYR E 108 -28.93 3.69 21.64
C TYR E 108 -28.80 2.97 22.98
N VAL E 109 -27.82 2.07 23.14
CA VAL E 109 -27.69 1.20 24.30
C VAL E 109 -26.37 1.54 25.06
N PRO E 110 -26.47 1.93 26.36
CA PRO E 110 -25.30 2.17 27.15
C PRO E 110 -24.41 0.96 27.26
N GLU E 111 -23.10 1.18 27.09
CA GLU E 111 -22.12 0.10 27.08
C GLU E 111 -21.16 0.13 28.28
N LYS E 112 -21.56 0.82 29.36
CA LYS E 112 -20.73 0.91 30.56
C LYS E 112 -20.41 -0.46 31.12
N ASP E 113 -21.36 -1.39 30.98
CA ASP E 113 -21.20 -2.74 31.51
C ASP E 113 -21.05 -3.76 30.41
N SER E 114 -20.46 -3.37 29.28
CA SER E 114 -20.42 -4.26 28.12
C SER E 114 -19.46 -5.43 28.31
N ARG E 115 -19.83 -6.57 27.75
CA ARG E 115 -18.98 -7.74 27.82
C ARG E 115 -18.04 -7.76 26.60
N VAL E 116 -16.97 -8.51 26.72
CA VAL E 116 -16.05 -8.74 25.61
C VAL E 116 -16.15 -10.19 25.17
N VAL E 117 -15.98 -10.42 23.87
CA VAL E 117 -15.90 -11.74 23.32
C VAL E 117 -14.41 -12.09 23.04
N VAL E 118 -13.95 -13.20 23.59
CA VAL E 118 -12.56 -13.67 23.44
C VAL E 118 -12.33 -14.30 22.09
N PRO E 119 -11.34 -13.80 21.34
CA PRO E 119 -11.06 -14.51 20.10
C PRO E 119 -10.75 -15.98 20.36
N PRO E 120 -11.32 -16.89 19.54
CA PRO E 120 -11.08 -18.33 19.66
C PRO E 120 -9.60 -18.68 19.77
N GLY E 121 -8.77 -17.98 19.01
CA GLY E 121 -7.32 -18.19 19.02
C GLY E 121 -6.61 -17.90 20.34
N MET E 122 -7.30 -17.24 21.28
CA MET E 122 -6.72 -16.92 22.60
C MET E 122 -7.32 -17.73 23.72
N GLU E 123 -8.34 -18.53 23.42
CA GLU E 123 -9.19 -19.06 24.49
C GLU E 123 -8.52 -20.00 25.46
N ASP E 124 -7.52 -20.76 25.01
CA ASP E 124 -6.80 -21.69 25.89
C ASP E 124 -5.60 -21.06 26.63
N ASP E 125 -5.43 -19.73 26.49
CA ASP E 125 -4.30 -19.04 27.06
C ASP E 125 -4.73 -17.88 27.94
N ALA E 126 -4.65 -18.09 29.26
CA ALA E 126 -5.06 -17.11 30.27
C ALA E 126 -4.27 -15.81 30.24
N ASP E 127 -2.98 -15.87 29.91
CA ASP E 127 -2.18 -14.64 29.85
C ASP E 127 -2.75 -13.71 28.79
N LEU E 128 -2.96 -14.23 27.60
CA LEU E 128 -3.53 -13.46 26.51
C LEU E 128 -4.92 -12.92 26.88
N ARG E 129 -5.77 -13.77 27.47
CA ARG E 129 -7.10 -13.32 27.85
C ARG E 129 -7.06 -12.17 28.87
N HIS E 130 -6.08 -12.20 29.78
CA HIS E 130 -5.90 -11.14 30.77
C HIS E 130 -5.41 -9.83 30.17
N ILE E 131 -4.52 -9.90 29.18
CA ILE E 131 -4.14 -8.69 28.46
C ILE E 131 -5.41 -8.09 27.81
N LEU E 132 -6.22 -8.92 27.17
CA LEU E 132 -7.45 -8.46 26.50
C LEU E 132 -8.44 -7.81 27.44
N THR E 133 -8.78 -8.50 28.52
CA THR E 133 -9.78 -8.00 29.47
C THR E 133 -9.30 -6.77 30.19
N GLU E 134 -7.99 -6.67 30.48
CA GLU E 134 -7.45 -5.44 31.05
C GLU E 134 -7.58 -4.27 30.07
N ALA E 135 -7.35 -4.53 28.78
CA ALA E 135 -7.52 -3.52 27.73
C ALA E 135 -8.95 -3.07 27.62
N ALA E 136 -9.87 -4.03 27.68
CA ALA E 136 -11.31 -3.72 27.64
C ALA E 136 -11.70 -2.84 28.81
N ASP E 137 -11.23 -3.20 30.00
CA ASP E 137 -11.53 -2.41 31.18
C ASP E 137 -11.04 -0.97 31.02
N ALA E 138 -9.85 -0.77 30.48
CA ALA E 138 -9.39 0.60 30.27
C ALA E 138 -10.31 1.38 29.31
N ALA E 139 -10.73 0.71 28.25
CA ALA E 139 -11.56 1.31 27.20
C ALA E 139 -12.94 1.67 27.74
N ARG E 140 -13.52 0.76 28.53
CA ARG E 140 -14.83 1.00 29.15
C ARG E 140 -14.76 2.17 30.15
N ALA E 141 -13.70 2.22 30.95
CA ALA E 141 -13.42 3.39 31.79
C ALA E 141 -13.28 4.66 30.96
N THR E 142 -12.58 4.60 29.83
CA THR E 142 -12.53 5.77 28.96
C THR E 142 -13.89 6.11 28.36
N TYR E 143 -14.63 5.09 27.95
CA TYR E 143 -15.99 5.28 27.44
C TYR E 143 -16.87 6.08 28.45
N SER E 144 -16.88 5.66 29.69
CA SER E 144 -17.70 6.32 30.73
C SER E 144 -17.26 7.75 31.01
N GLU E 145 -15.94 7.96 31.05
CA GLU E 145 -15.35 9.30 31.16
C GLU E 145 -15.78 10.21 30.01
N LEU E 146 -15.71 9.74 28.76
CA LEU E 146 -16.11 10.58 27.63
C LEU E 146 -17.60 10.92 27.68
N LEU E 147 -18.40 9.93 28.08
CA LEU E 147 -19.86 10.05 28.10
C LEU E 147 -20.26 11.20 29.03
N ALA E 148 -19.74 11.16 30.26
CA ALA E 148 -19.99 12.21 31.25
C ALA E 148 -19.59 13.58 30.70
N LYS E 149 -18.39 13.68 30.14
CA LYS E 149 -17.91 14.97 29.59
C LYS E 149 -18.70 15.43 28.36
N LEU E 150 -19.14 14.49 27.53
CA LEU E 150 -19.90 14.83 26.33
C LEU E 150 -21.29 15.27 26.70
N GLU E 151 -21.87 14.63 27.70
CA GLU E 151 -23.19 15.06 28.15
C GLU E 151 -23.15 16.50 28.65
N ALA E 152 -22.14 16.84 29.45
CA ALA E 152 -21.86 18.20 29.86
C ALA E 152 -21.63 19.15 28.69
N LYS E 153 -20.77 18.74 27.74
CA LYS E 153 -20.51 19.56 26.56
C LYS E 153 -21.78 19.90 25.80
N PHE E 154 -22.71 18.95 25.72
CA PHE E 154 -23.99 19.17 25.02
C PHE E 154 -25.13 19.64 25.95
N ALA E 155 -24.76 20.27 27.07
CA ALA E 155 -25.73 20.63 28.12
C ALA E 155 -26.83 21.60 27.67
N ASP E 156 -26.57 22.42 26.65
CA ASP E 156 -27.59 23.36 26.15
C ASP E 156 -28.74 22.65 25.42
N GLN E 157 -28.42 21.60 24.66
CA GLN E 157 -29.43 20.71 24.06
C GLN E 157 -30.51 20.38 25.07
N PRO E 158 -31.72 20.97 24.90
CA PRO E 158 -32.77 20.78 25.91
C PRO E 158 -33.31 19.34 25.98
N ASN E 159 -33.48 18.70 24.82
CA ASN E 159 -33.93 17.31 24.76
C ASN E 159 -32.84 16.39 25.31
N ALA E 160 -33.10 15.86 26.51
CA ALA E 160 -32.17 15.00 27.24
C ALA E 160 -31.95 13.63 26.59
N ILE E 161 -32.97 13.11 25.93
CA ILE E 161 -32.85 11.81 25.25
C ILE E 161 -31.86 11.93 24.10
N LEU E 162 -32.00 12.98 23.29
CA LEU E 162 -31.06 13.26 22.21
C LEU E 162 -29.68 13.63 22.75
N ARG E 163 -29.62 14.39 23.85
CA ARG E 163 -28.35 14.77 24.47
C ARG E 163 -27.48 13.56 24.82
N ARG E 164 -28.11 12.54 25.41
CA ARG E 164 -27.42 11.30 25.79
C ARG E 164 -26.98 10.47 24.56
N LYS E 165 -27.81 10.42 23.53
CA LYS E 165 -27.47 9.72 22.27
C LYS E 165 -26.31 10.39 21.53
N GLN E 166 -26.38 11.71 21.40
CA GLN E 166 -25.29 12.49 20.83
C GLN E 166 -23.99 12.18 21.55
N ALA E 167 -24.06 12.02 22.87
CA ALA E 167 -22.90 11.73 23.68
C ALA E 167 -22.45 10.31 23.46
N ARG E 168 -23.41 9.40 23.48
CA ARG E 168 -23.14 7.96 23.40
C ARG E 168 -22.49 7.58 22.05
N GLN E 169 -22.98 8.16 20.96
CA GLN E 169 -22.48 7.83 19.62
C GLN E 169 -21.03 8.28 19.45
N ALA E 170 -20.67 9.35 20.16
CA ALA E 170 -19.32 9.85 20.17
C ALA E 170 -18.45 8.98 21.08
N ALA E 171 -18.97 8.67 22.26
CA ALA E 171 -18.18 8.03 23.29
C ALA E 171 -17.80 6.62 22.89
N ARG E 172 -18.65 5.95 22.11
CA ARG E 172 -18.34 4.58 21.69
C ARG E 172 -17.18 4.46 20.72
N ALA E 173 -16.61 5.60 20.30
CA ALA E 173 -15.37 5.63 19.51
C ALA E 173 -14.25 4.83 20.16
N VAL E 174 -14.23 4.75 21.49
CA VAL E 174 -13.17 4.02 22.19
C VAL E 174 -13.43 2.55 22.45
N LEU E 175 -14.65 2.05 22.19
CA LEU E 175 -14.95 0.62 22.47
C LEU E 175 -14.26 -0.30 21.49
N PRO E 176 -13.76 -1.44 21.97
CA PRO E 176 -12.97 -2.27 21.09
C PRO E 176 -13.83 -3.16 20.20
N ASN E 177 -13.22 -3.64 19.15
CA ASN E 177 -13.78 -4.68 18.28
C ASN E 177 -14.33 -5.90 19.01
N ALA E 178 -13.69 -6.29 20.11
CA ALA E 178 -14.14 -7.47 20.88
C ALA E 178 -15.43 -7.22 21.66
N THR E 179 -15.91 -5.99 21.71
CA THR E 179 -17.15 -5.67 22.43
C THR E 179 -18.31 -6.56 21.96
N GLU E 180 -19.09 -7.12 22.90
CA GLU E 180 -20.19 -8.01 22.54
C GLU E 180 -21.25 -7.22 21.85
N THR E 181 -21.88 -7.87 20.88
CA THR E 181 -23.07 -7.35 20.28
C THR E 181 -24.07 -8.50 20.22
N ARG E 182 -25.31 -8.17 19.88
CA ARG E 182 -26.35 -9.17 19.80
C ARG E 182 -27.16 -8.83 18.58
N ILE E 183 -27.62 -9.87 17.89
CA ILE E 183 -28.24 -9.71 16.61
C ILE E 183 -29.25 -10.81 16.27
N VAL E 184 -30.37 -10.37 15.67
CA VAL E 184 -31.32 -11.28 15.02
C VAL E 184 -30.95 -11.38 13.55
N VAL E 185 -30.74 -12.59 13.06
CA VAL E 185 -30.37 -12.83 11.65
C VAL E 185 -31.41 -13.74 11.05
N THR E 186 -32.01 -13.33 9.94
CA THR E 186 -32.99 -14.14 9.25
C THR E 186 -32.53 -14.39 7.84
N GLY E 187 -32.60 -15.66 7.43
CA GLY E 187 -32.30 -16.03 6.07
C GLY E 187 -33.16 -17.16 5.57
N ASN E 188 -33.33 -17.22 4.27
CA ASN E 188 -33.91 -18.40 3.62
C ASN E 188 -32.88 -19.53 3.50
N TYR E 189 -33.31 -20.75 3.14
CA TYR E 189 -32.39 -21.88 3.09
C TYR E 189 -31.25 -21.71 2.11
N ARG E 190 -31.52 -21.07 0.96
CA ARG E 190 -30.44 -20.83 -0.03
C ARG E 190 -29.39 -19.88 0.55
N ALA E 191 -29.87 -18.79 1.14
CA ALA E 191 -28.96 -17.83 1.80
C ALA E 191 -28.13 -18.44 2.92
N TRP E 192 -28.74 -19.32 3.73
CA TRP E 192 -28.00 -20.03 4.78
C TRP E 192 -26.90 -20.95 4.24
N ARG E 193 -27.22 -21.66 3.15
CA ARG E 193 -26.27 -22.56 2.47
C ARG E 193 -25.06 -21.79 1.96
N HIS E 194 -25.31 -20.62 1.35
CA HIS E 194 -24.23 -19.79 0.86
C HIS E 194 -23.33 -19.29 2.02
N PHE E 195 -23.95 -18.81 3.10
CA PHE E 195 -23.22 -18.33 4.30
C PHE E 195 -22.34 -19.42 4.88
N ILE E 196 -22.90 -20.61 5.05
CA ILE E 196 -22.14 -21.75 5.56
C ILE E 196 -20.98 -22.13 4.63
N ALA E 197 -21.21 -22.18 3.32
CA ALA E 197 -20.15 -22.51 2.37
C ALA E 197 -18.96 -21.54 2.48
N MET E 198 -19.26 -20.24 2.62
CA MET E 198 -18.21 -19.22 2.64
C MET E 198 -17.52 -19.06 3.99
N ARG E 199 -18.26 -19.26 5.06
CA ARG E 199 -17.76 -18.92 6.39
C ARG E 199 -17.32 -20.12 7.22
N ALA E 200 -17.78 -21.32 6.89
CA ALA E 200 -17.29 -22.52 7.56
C ALA E 200 -16.01 -23.08 6.90
N SER E 201 -15.26 -22.28 6.13
CA SER E 201 -14.02 -22.74 5.48
C SER E 201 -12.75 -22.31 6.19
N GLU E 202 -11.62 -22.94 5.84
CA GLU E 202 -10.35 -22.61 6.45
C GLU E 202 -9.92 -21.16 6.21
N HIS E 203 -10.42 -20.58 5.12
CA HIS E 203 -10.14 -19.19 4.74
C HIS E 203 -10.77 -18.14 5.64
N ALA E 204 -11.87 -18.49 6.31
CA ALA E 204 -12.62 -17.55 7.13
C ALA E 204 -12.02 -17.39 8.52
N ASP E 205 -12.26 -16.23 9.13
CA ASP E 205 -11.89 -15.97 10.50
C ASP E 205 -12.45 -17.05 11.43
N VAL E 206 -11.70 -17.38 12.48
CA VAL E 206 -12.08 -18.48 13.34
C VAL E 206 -13.36 -18.18 14.13
N GLU E 207 -13.58 -16.93 14.53
CA GLU E 207 -14.82 -16.57 15.20
C GLU E 207 -16.09 -16.79 14.35
N ILE E 208 -16.11 -16.26 13.13
CA ILE E 208 -17.31 -16.39 12.25
C ILE E 208 -17.43 -17.85 11.78
N ARG E 209 -16.29 -18.54 11.70
CA ARG E 209 -16.30 -19.96 11.33
C ARG E 209 -17.08 -20.77 12.36
N ARG E 210 -16.83 -20.51 13.66
CA ARG E 210 -17.49 -21.19 14.80
C ARG E 210 -18.98 -20.89 14.76
N LEU E 211 -19.31 -19.64 14.45
CA LEU E 211 -20.72 -19.26 14.33
C LEU E 211 -21.37 -20.06 13.21
N ALA E 212 -20.74 -20.12 12.03
CA ALA E 212 -21.35 -20.78 10.88
C ALA E 212 -21.59 -22.27 11.12
N ILE E 213 -20.65 -22.93 11.81
CA ILE E 213 -20.80 -24.37 12.11
C ILE E 213 -21.99 -24.61 13.05
N GLU E 214 -22.12 -23.77 14.08
CA GLU E 214 -23.24 -23.86 14.98
C GLU E 214 -24.58 -23.63 14.28
N CYS E 215 -24.67 -22.62 13.41
CA CYS E 215 -25.90 -22.43 12.62
C CYS E 215 -26.20 -23.68 11.78
N LEU E 216 -25.19 -24.22 11.12
CA LEU E 216 -25.33 -25.44 10.31
C LEU E 216 -25.86 -26.61 11.14
N ARG E 217 -25.35 -26.79 12.36
CA ARG E 217 -25.82 -27.88 13.21
C ARG E 217 -27.29 -27.71 13.51
N GLN E 218 -27.72 -26.48 13.83
CA GLN E 218 -29.13 -26.27 14.15
C GLN E 218 -30.04 -26.29 12.92
N LEU E 219 -29.55 -25.77 11.80
CA LEU E 219 -30.25 -25.89 10.53
C LEU E 219 -30.44 -27.35 10.06
N ALA E 220 -29.40 -28.17 10.18
CA ALA E 220 -29.49 -29.59 9.80
C ALA E 220 -30.58 -30.33 10.61
N ALA E 221 -30.84 -29.89 11.84
CA ALA E 221 -31.93 -30.47 12.65
C ALA E 221 -33.31 -30.07 12.09
N VAL E 222 -33.44 -28.83 11.63
CA VAL E 222 -34.67 -28.34 11.02
C VAL E 222 -34.96 -28.93 9.62
N ALA E 223 -33.94 -28.95 8.77
CA ALA E 223 -34.10 -29.37 7.38
C ALA E 223 -32.97 -30.31 6.98
N PRO E 224 -32.98 -31.56 7.49
CA PRO E 224 -31.82 -32.44 7.24
C PRO E 224 -31.44 -32.67 5.76
N ALA E 225 -32.43 -32.82 4.89
CA ALA E 225 -32.16 -33.11 3.48
C ALA E 225 -31.59 -31.89 2.75
N VAL E 226 -31.81 -30.71 3.33
CA VAL E 226 -31.33 -29.46 2.75
C VAL E 226 -29.87 -29.24 3.04
N PHE E 227 -29.41 -29.69 4.21
CA PHE E 227 -28.06 -29.36 4.71
C PHE E 227 -27.14 -30.59 4.85
N ALA E 228 -27.59 -31.71 4.28
CA ALA E 228 -26.93 -33.02 4.39
C ALA E 228 -25.65 -33.19 3.57
N ASP E 229 -25.45 -32.35 2.55
CA ASP E 229 -24.22 -32.39 1.76
C ASP E 229 -23.01 -31.73 2.44
N PHE E 230 -23.24 -30.99 3.53
CA PHE E 230 -22.15 -30.42 4.31
C PHE E 230 -21.63 -31.42 5.34
N GLU E 231 -20.35 -31.75 5.23
CA GLU E 231 -19.66 -32.63 6.17
C GLU E 231 -18.78 -31.77 7.08
N VAL E 232 -18.95 -31.91 8.40
CA VAL E 232 -18.08 -31.23 9.36
C VAL E 232 -16.84 -32.07 9.64
N THR E 233 -15.66 -31.49 9.43
CA THR E 233 -14.39 -32.11 9.74
C THR E 233 -13.54 -31.18 10.60
N THR E 234 -12.53 -31.75 11.24
CA THR E 234 -11.69 -31.01 12.18
C THR E 234 -10.30 -30.82 11.58
N LEU E 235 -9.73 -29.63 11.78
CA LEU E 235 -8.36 -29.35 11.40
C LEU E 235 -7.46 -29.63 12.62
N ALA E 236 -6.15 -29.74 12.39
CA ALA E 236 -5.21 -30.12 13.46
C ALA E 236 -5.36 -29.28 14.72
N ASP E 237 -5.62 -27.98 14.56
CA ASP E 237 -5.74 -27.04 15.70
C ASP E 237 -7.05 -27.16 16.48
N GLY E 238 -7.97 -28.02 16.02
CA GLY E 238 -9.21 -28.29 16.75
C GLY E 238 -10.44 -27.62 16.19
N THR E 239 -10.26 -26.53 15.43
CA THR E 239 -11.37 -25.84 14.82
C THR E 239 -12.06 -26.77 13.83
N GLU E 240 -13.35 -26.49 13.60
CA GLU E 240 -14.16 -27.27 12.69
C GLU E 240 -14.45 -26.48 11.42
N VAL E 241 -14.41 -27.18 10.30
CA VAL E 241 -14.75 -26.63 9.01
C VAL E 241 -15.87 -27.49 8.43
N ALA E 242 -16.67 -26.90 7.54
CA ALA E 242 -17.73 -27.63 6.85
C ALA E 242 -17.55 -27.49 5.35
N THR E 243 -17.61 -28.60 4.64
CA THR E 243 -17.32 -28.65 3.22
C THR E 243 -18.42 -29.41 2.50
N SER E 244 -18.76 -29.00 1.28
CA SER E 244 -19.81 -29.68 0.50
C SER E 244 -19.39 -30.06 -0.93
N PRO E 245 -19.58 -31.34 -1.31
CA PRO E 245 -19.27 -31.85 -2.65
C PRO E 245 -19.97 -31.06 -3.77
N GLU F 3 -41.66 -7.97 -40.50
CA GLU F 3 -42.57 -8.73 -39.60
C GLU F 3 -41.87 -9.71 -38.67
N THR F 4 -40.72 -10.27 -39.07
CA THR F 4 -39.91 -11.05 -38.14
C THR F 4 -38.68 -10.25 -37.68
N ALA F 5 -38.27 -10.49 -36.43
CA ALA F 5 -37.26 -9.70 -35.76
C ALA F 5 -36.04 -10.55 -35.41
N PRO F 6 -34.86 -10.23 -35.97
CA PRO F 6 -33.65 -10.97 -35.59
C PRO F 6 -33.07 -10.41 -34.29
N LEU F 7 -32.31 -11.24 -33.57
CA LEU F 7 -31.71 -10.84 -32.31
C LEU F 7 -30.61 -9.80 -32.54
N ARG F 8 -30.72 -8.64 -31.91
CA ARG F 8 -29.66 -7.63 -31.94
C ARG F 8 -29.32 -7.21 -30.50
N VAL F 9 -28.04 -7.36 -30.13
CA VAL F 9 -27.52 -6.91 -28.83
C VAL F 9 -26.54 -5.76 -29.06
N GLN F 10 -26.83 -4.59 -28.50
CA GLN F 10 -25.95 -3.43 -28.64
C GLN F 10 -25.41 -2.98 -27.27
N LEU F 11 -24.09 -2.94 -27.10
CA LEU F 11 -23.48 -2.46 -25.85
C LEU F 11 -23.64 -0.95 -25.85
N ILE F 12 -24.32 -0.39 -24.83
CA ILE F 12 -24.58 1.04 -24.73
C ILE F 12 -23.99 1.75 -23.51
N ALA F 13 -23.39 1.00 -22.59
CA ALA F 13 -22.72 1.63 -21.48
C ALA F 13 -21.67 0.72 -20.85
N LYS F 14 -20.60 1.34 -20.36
CA LYS F 14 -19.59 0.65 -19.56
C LYS F 14 -18.98 1.67 -18.59
N THR F 15 -17.84 1.35 -17.99
CA THR F 15 -17.27 2.12 -16.88
C THR F 15 -16.12 3.00 -17.31
N ASP F 16 -16.15 4.26 -16.90
CA ASP F 16 -14.98 5.16 -16.92
C ASP F 16 -14.31 5.15 -15.53
N PHE F 17 -12.99 5.03 -15.49
CA PHE F 17 -12.22 4.97 -14.25
C PHE F 17 -11.14 6.06 -14.20
N LEU F 18 -10.96 6.67 -13.03
CA LEU F 18 -9.91 7.65 -12.82
C LEU F 18 -9.31 7.37 -11.46
N ALA F 19 -8.07 6.88 -11.50
CA ALA F 19 -7.35 6.49 -10.32
C ALA F 19 -7.25 7.70 -9.39
N PRO F 20 -7.38 7.47 -8.08
CA PRO F 20 -7.20 8.62 -7.22
C PRO F 20 -5.71 8.94 -7.06
N PRO F 21 -5.35 10.23 -7.10
CA PRO F 21 -3.95 10.69 -7.05
C PRO F 21 -3.16 10.38 -5.76
N ASP F 22 -3.84 10.11 -4.65
CA ASP F 22 -3.14 9.75 -3.39
C ASP F 22 -2.64 8.28 -3.24
N VAL F 23 -2.97 7.44 -4.21
CA VAL F 23 -2.63 6.02 -4.12
C VAL F 23 -1.41 5.80 -5.02
N PRO F 24 -0.33 5.25 -4.47
CA PRO F 24 0.88 5.06 -5.28
C PRO F 24 0.83 3.80 -6.13
N TRP F 25 0.08 3.87 -7.22
CA TRP F 25 -0.24 2.70 -8.03
C TRP F 25 -0.67 3.19 -9.40
N THR F 26 -0.29 2.46 -10.43
CA THR F 26 -0.83 2.61 -11.79
C THR F 26 -1.00 1.21 -12.33
N THR F 27 -1.70 1.09 -13.45
CA THR F 27 -1.82 -0.21 -14.10
C THR F 27 -2.00 -0.05 -15.60
N ASP F 28 -1.85 -1.16 -16.30
CA ASP F 28 -1.80 -1.13 -17.78
C ASP F 28 -3.20 -1.38 -18.36
N ALA F 29 -4.18 -0.63 -17.89
CA ALA F 29 -5.57 -0.76 -18.36
C ALA F 29 -6.36 0.43 -17.89
N ASP F 30 -7.55 0.60 -18.46
CA ASP F 30 -8.47 1.63 -18.00
C ASP F 30 -9.87 1.01 -17.80
N GLY F 31 -10.87 1.86 -17.58
CA GLY F 31 -12.28 1.42 -17.45
C GLY F 31 -12.56 0.45 -16.31
N GLY F 32 -13.57 -0.40 -16.49
CA GLY F 32 -13.94 -1.39 -15.47
C GLY F 32 -12.81 -2.31 -15.05
N PRO F 33 -11.98 -2.80 -16.02
CA PRO F 33 -10.93 -3.72 -15.54
C PRO F 33 -9.91 -3.06 -14.56
N ALA F 34 -9.54 -1.81 -14.79
CA ALA F 34 -8.66 -1.04 -13.89
C ALA F 34 -9.34 -0.81 -12.53
N LEU F 35 -10.60 -0.41 -12.57
CA LEU F 35 -11.38 -0.24 -11.33
C LEU F 35 -11.43 -1.52 -10.50
N VAL F 36 -11.59 -2.68 -11.14
CA VAL F 36 -11.64 -3.91 -10.39
C VAL F 36 -10.32 -4.21 -9.69
N GLU F 37 -9.20 -3.99 -10.37
CA GLU F 37 -7.92 -4.20 -9.73
C GLU F 37 -7.71 -3.22 -8.61
N PHE F 38 -8.10 -1.96 -8.83
CA PHE F 38 -7.97 -0.95 -7.77
C PHE F 38 -8.72 -1.38 -6.50
N ALA F 39 -9.98 -1.79 -6.69
CA ALA F 39 -10.78 -2.26 -5.57
C ALA F 39 -10.23 -3.49 -4.86
N GLY F 40 -9.73 -4.47 -5.61
CA GLY F 40 -9.07 -5.64 -5.00
C GLY F 40 -7.86 -5.24 -4.16
N ARG F 41 -7.05 -4.34 -4.69
CA ARG F 41 -5.85 -3.91 -4.02
C ARG F 41 -6.17 -3.06 -2.78
N ALA F 42 -7.28 -2.34 -2.81
CA ALA F 42 -7.66 -1.50 -1.68
C ALA F 42 -7.91 -2.32 -0.41
N CYS F 43 -8.37 -3.56 -0.56
CA CYS F 43 -8.64 -4.45 0.57
C CYS F 43 -7.39 -4.78 1.39
N TYR F 44 -6.27 -4.93 0.68
CA TYR F 44 -5.00 -5.24 1.34
C TYR F 44 -4.08 -4.05 1.40
N GLN F 45 -4.51 -2.94 0.82
CA GLN F 45 -3.64 -1.78 0.61
C GLN F 45 -2.35 -2.18 -0.10
N SER F 46 -2.44 -3.15 -1.02
CA SER F 46 -1.27 -3.74 -1.64
C SER F 46 -1.04 -3.05 -2.99
N TRP F 47 -0.31 -1.94 -2.96
CA TRP F 47 -0.12 -1.11 -4.14
C TRP F 47 1.12 -1.53 -4.95
N SER F 48 2.09 -2.17 -4.30
CA SER F 48 3.33 -2.56 -4.98
C SER F 48 3.09 -3.82 -5.83
N LYS F 49 4.01 -4.10 -6.75
CA LYS F 49 3.84 -5.20 -7.72
C LYS F 49 5.00 -6.20 -7.61
N PRO F 50 4.97 -7.05 -6.57
CA PRO F 50 6.14 -7.94 -6.32
C PRO F 50 6.23 -9.14 -7.30
N ASN F 51 5.10 -9.57 -7.85
CA ASN F 51 4.99 -10.80 -8.67
C ASN F 51 4.71 -10.46 -10.14
N PRO F 52 5.66 -10.77 -11.04
CA PRO F 52 5.42 -10.46 -12.46
C PRO F 52 4.07 -10.98 -12.99
N LYS F 53 3.57 -12.09 -12.46
CA LYS F 53 2.32 -12.68 -12.97
C LYS F 53 1.07 -11.85 -12.67
N THR F 54 1.05 -11.09 -11.55
CA THR F 54 -0.07 -10.19 -11.23
C THR F 54 0.29 -8.71 -11.34
N ALA F 55 1.48 -8.43 -11.89
CA ALA F 55 1.96 -7.06 -12.14
C ALA F 55 1.30 -6.40 -13.30
N THR F 56 0.50 -7.13 -14.08
CA THR F 56 -0.33 -6.54 -15.13
C THR F 56 -1.78 -6.64 -14.70
N ASN F 57 -2.61 -5.79 -15.29
CA ASN F 57 -4.04 -5.81 -14.99
C ASN F 57 -4.67 -7.16 -15.30
N ALA F 58 -4.34 -7.71 -16.46
CA ALA F 58 -4.92 -8.97 -16.88
C ALA F 58 -4.54 -10.08 -15.91
N GLY F 59 -3.29 -10.08 -15.46
CA GLY F 59 -2.83 -11.11 -14.54
C GLY F 59 -3.47 -11.00 -13.17
N TYR F 60 -3.62 -9.77 -12.71
CA TYR F 60 -4.26 -9.52 -11.42
C TYR F 60 -5.72 -9.96 -11.48
N LEU F 61 -6.43 -9.63 -12.56
CA LEU F 61 -7.86 -10.01 -12.62
C LEU F 61 -8.00 -11.54 -12.65
N ARG F 62 -7.21 -12.22 -13.47
CA ARG F 62 -7.27 -13.69 -13.51
C ARG F 62 -7.12 -14.29 -12.12
N HIS F 63 -6.20 -13.76 -11.32
CA HIS F 63 -5.97 -14.18 -9.92
C HIS F 63 -7.18 -13.97 -9.00
N ILE F 64 -7.85 -12.83 -9.15
CA ILE F 64 -9.13 -12.56 -8.45
C ILE F 64 -10.16 -13.66 -8.69
N ILE F 65 -10.37 -13.98 -9.97
CA ILE F 65 -11.31 -15.02 -10.35
C ILE F 65 -10.81 -16.38 -9.90
N ASP F 66 -9.50 -16.65 -10.06
CA ASP F 66 -8.87 -17.91 -9.64
C ASP F 66 -9.16 -18.27 -8.17
N VAL F 67 -8.95 -17.32 -7.26
CA VAL F 67 -9.19 -17.57 -5.83
C VAL F 67 -10.62 -17.16 -5.40
N GLY F 68 -11.44 -16.75 -6.37
CA GLY F 68 -12.87 -16.57 -6.16
C GLY F 68 -13.30 -15.38 -5.32
N HIS F 69 -12.58 -14.27 -5.39
CA HIS F 69 -13.02 -13.01 -4.74
C HIS F 69 -14.02 -12.29 -5.65
N PHE F 70 -15.19 -12.89 -5.84
CA PHE F 70 -16.10 -12.43 -6.88
C PHE F 70 -16.76 -11.09 -6.54
N SER F 71 -16.84 -10.73 -5.25
CA SER F 71 -17.47 -9.46 -4.88
C SER F 71 -16.74 -8.25 -5.43
N VAL F 72 -15.43 -8.38 -5.65
CA VAL F 72 -14.64 -7.29 -6.23
C VAL F 72 -15.09 -6.99 -7.68
N LEU F 73 -15.60 -8.00 -8.38
CA LEU F 73 -16.09 -7.80 -9.74
C LEU F 73 -17.35 -6.92 -9.81
N GLU F 74 -18.03 -6.73 -8.67
CA GLU F 74 -19.29 -5.99 -8.70
C GLU F 74 -19.15 -4.51 -9.00
N HIS F 75 -17.95 -3.92 -8.88
CA HIS F 75 -17.82 -2.48 -9.04
C HIS F 75 -18.02 -1.96 -10.47
N ALA F 76 -17.79 -2.83 -11.45
CA ALA F 76 -17.88 -2.40 -12.84
C ALA F 76 -19.12 -2.99 -13.50
N SER F 77 -19.78 -2.17 -14.31
CA SER F 77 -21.05 -2.55 -15.00
C SER F 77 -21.04 -2.39 -16.53
N VAL F 78 -21.95 -3.10 -17.18
CA VAL F 78 -22.18 -3.01 -18.62
C VAL F 78 -23.70 -3.00 -18.88
N SER F 79 -24.14 -2.14 -19.79
CA SER F 79 -25.53 -2.11 -20.25
C SER F 79 -25.63 -2.50 -21.72
N PHE F 80 -26.68 -3.23 -22.05
CA PHE F 80 -27.00 -3.59 -23.42
C PHE F 80 -28.42 -3.14 -23.75
N TYR F 81 -28.61 -2.69 -24.99
CA TYR F 81 -29.96 -2.55 -25.54
C TYR F 81 -30.21 -3.77 -26.44
N ILE F 82 -31.18 -4.60 -26.03
CA ILE F 82 -31.52 -5.84 -26.71
C ILE F 82 -32.87 -5.71 -27.44
N THR F 83 -32.86 -6.00 -28.75
CA THR F 83 -34.10 -6.03 -29.55
C THR F 83 -34.17 -7.40 -30.25
N GLY F 84 -35.31 -7.70 -30.90
CA GLY F 84 -35.47 -9.04 -31.50
C GLY F 84 -35.46 -10.17 -30.49
N ILE F 85 -36.03 -9.87 -29.32
CA ILE F 85 -36.17 -10.80 -28.22
C ILE F 85 -37.70 -10.97 -28.00
N SER F 86 -38.15 -12.20 -27.77
CA SER F 86 -39.56 -12.51 -27.52
C SER F 86 -39.97 -12.23 -26.08
N ARG F 87 -41.28 -12.04 -25.90
CA ARG F 87 -41.89 -11.94 -24.57
C ARG F 87 -41.66 -13.15 -23.66
N SER F 88 -41.54 -14.34 -24.23
CA SER F 88 -41.23 -15.51 -23.42
C SER F 88 -39.76 -15.52 -23.00
N CYS F 89 -38.89 -14.96 -23.84
CA CYS F 89 -37.49 -14.81 -23.47
C CYS F 89 -37.36 -13.88 -22.28
N THR F 90 -38.00 -12.71 -22.34
CA THR F 90 -37.90 -11.74 -21.26
C THR F 90 -38.53 -12.26 -19.97
N HIS F 91 -39.51 -13.16 -20.07
CA HIS F 91 -40.16 -13.69 -18.87
C HIS F 91 -39.18 -14.57 -18.09
N GLU F 92 -38.22 -15.16 -18.80
CA GLU F 92 -37.13 -15.90 -18.16
C GLU F 92 -36.04 -14.95 -17.75
N LEU F 93 -35.65 -14.05 -18.65
CA LEU F 93 -34.53 -13.12 -18.40
C LEU F 93 -34.71 -12.41 -17.06
N ILE F 94 -35.87 -11.81 -16.85
CA ILE F 94 -36.06 -10.94 -15.70
C ILE F 94 -36.20 -11.71 -14.37
N ARG F 95 -36.14 -13.05 -14.39
CA ARG F 95 -36.00 -13.83 -13.16
C ARG F 95 -34.63 -13.61 -12.49
N HIS F 96 -33.65 -13.08 -13.24
CA HIS F 96 -32.36 -12.70 -12.67
C HIS F 96 -32.47 -11.36 -11.94
N ARG F 97 -32.35 -11.41 -10.61
CA ARG F 97 -32.74 -10.26 -9.78
C ARG F 97 -31.61 -9.28 -9.46
N HIS F 98 -30.39 -9.58 -9.88
CA HIS F 98 -29.31 -8.64 -9.69
C HIS F 98 -28.99 -7.86 -10.95
N PHE F 99 -29.99 -7.72 -11.81
CA PHE F 99 -29.92 -6.84 -12.96
C PHE F 99 -30.93 -5.72 -12.79
N SER F 100 -30.76 -4.69 -13.60
CA SER F 100 -31.72 -3.62 -13.78
C SER F 100 -32.28 -3.67 -15.20
N TYR F 101 -33.56 -3.38 -15.33
CA TYR F 101 -34.27 -3.53 -16.60
C TYR F 101 -35.18 -2.34 -16.90
N SER F 102 -35.24 -1.94 -18.15
CA SER F 102 -36.25 -1.03 -18.64
C SER F 102 -36.73 -1.61 -19.95
N GLN F 103 -38.01 -1.98 -20.00
CA GLN F 103 -38.55 -2.78 -21.11
C GLN F 103 -39.76 -2.09 -21.75
N LEU F 104 -39.81 -2.19 -23.07
CA LEU F 104 -40.97 -1.79 -23.86
C LEU F 104 -42.27 -2.32 -23.26
N SER F 105 -43.23 -1.41 -23.03
CA SER F 105 -44.49 -1.72 -22.34
C SER F 105 -45.62 -1.93 -23.36
N GLN F 106 -46.23 -3.11 -23.34
CA GLN F 106 -47.48 -3.35 -24.11
C GLN F 106 -48.68 -2.54 -23.56
N ARG F 107 -48.66 -2.19 -22.27
CA ARG F 107 -49.69 -1.31 -21.71
C ARG F 107 -49.65 0.09 -22.35
N TYR F 108 -48.46 0.53 -22.74
CA TYR F 108 -48.26 1.94 -23.12
C TYR F 108 -48.04 2.16 -24.62
N VAL F 109 -47.54 1.17 -25.35
CA VAL F 109 -47.14 1.33 -26.76
C VAL F 109 -48.05 0.50 -27.67
N PRO F 110 -48.76 1.14 -28.61
CA PRO F 110 -49.62 0.40 -29.56
C PRO F 110 -48.89 -0.72 -30.30
N GLU F 111 -49.46 -1.92 -30.29
CA GLU F 111 -48.83 -3.10 -30.90
C GLU F 111 -49.53 -3.55 -32.19
N LYS F 112 -50.16 -2.62 -32.91
CA LYS F 112 -50.90 -2.94 -34.14
C LYS F 112 -50.00 -3.54 -35.22
N ASP F 113 -48.70 -3.22 -35.17
CA ASP F 113 -47.73 -3.63 -36.19
C ASP F 113 -46.53 -4.40 -35.63
N SER F 114 -46.63 -4.86 -34.39
CA SER F 114 -45.57 -5.64 -33.75
C SER F 114 -44.97 -6.74 -34.63
N ARG F 115 -43.66 -6.93 -34.47
CA ARG F 115 -42.95 -7.99 -35.14
C ARG F 115 -43.03 -9.22 -34.24
N VAL F 116 -42.59 -10.34 -34.78
CA VAL F 116 -42.58 -11.60 -34.05
C VAL F 116 -41.20 -12.24 -34.14
N VAL F 117 -40.75 -12.84 -33.03
CA VAL F 117 -39.46 -13.52 -32.99
C VAL F 117 -39.67 -15.03 -33.22
N VAL F 118 -39.00 -15.55 -34.24
CA VAL F 118 -39.05 -16.97 -34.57
C VAL F 118 -38.16 -17.72 -33.61
N PRO F 119 -38.70 -18.75 -32.95
CA PRO F 119 -37.86 -19.58 -32.09
C PRO F 119 -36.73 -20.16 -32.92
N PRO F 120 -35.53 -20.27 -32.34
CA PRO F 120 -34.38 -20.82 -33.05
C PRO F 120 -34.57 -22.26 -33.58
N GLY F 121 -35.23 -23.14 -32.81
CA GLY F 121 -35.49 -24.52 -33.25
C GLY F 121 -36.33 -24.65 -34.52
N MET F 122 -36.68 -23.51 -35.10
CA MET F 122 -37.69 -23.38 -36.14
C MET F 122 -37.25 -22.43 -37.27
N GLU F 123 -36.10 -21.78 -37.10
CA GLU F 123 -35.65 -20.67 -37.98
C GLU F 123 -35.42 -21.07 -39.43
N ASP F 124 -34.96 -22.29 -39.64
CA ASP F 124 -34.60 -22.76 -40.96
C ASP F 124 -35.77 -23.44 -41.71
N ASP F 125 -37.00 -23.24 -41.24
CA ASP F 125 -38.17 -23.96 -41.76
C ASP F 125 -39.24 -22.99 -42.28
N ALA F 126 -39.38 -22.94 -43.60
CA ALA F 126 -40.32 -22.03 -44.24
C ALA F 126 -41.76 -22.22 -43.75
N ASP F 127 -42.20 -23.46 -43.56
CA ASP F 127 -43.64 -23.67 -43.27
C ASP F 127 -43.99 -23.59 -41.79
N LEU F 128 -43.07 -24.00 -40.92
CA LEU F 128 -43.20 -23.69 -39.49
C LEU F 128 -43.22 -22.18 -39.31
N ARG F 129 -42.23 -21.49 -39.88
CA ARG F 129 -42.25 -20.02 -39.93
C ARG F 129 -43.58 -19.43 -40.44
N HIS F 130 -44.17 -20.08 -41.44
CA HIS F 130 -45.43 -19.61 -42.01
C HIS F 130 -46.62 -19.82 -41.06
N ILE F 131 -46.61 -20.91 -40.30
CA ILE F 131 -47.68 -21.18 -39.33
C ILE F 131 -47.67 -20.10 -38.24
N LEU F 132 -46.48 -19.79 -37.76
CA LEU F 132 -46.29 -18.79 -36.70
C LEU F 132 -46.74 -17.40 -37.13
N THR F 133 -46.30 -16.98 -38.31
CA THR F 133 -46.59 -15.64 -38.79
C THR F 133 -48.08 -15.45 -39.11
N GLU F 134 -48.73 -16.51 -39.62
CA GLU F 134 -50.20 -16.49 -39.80
C GLU F 134 -50.90 -16.40 -38.44
N ALA F 135 -50.44 -17.23 -37.50
CA ALA F 135 -50.96 -17.22 -36.13
C ALA F 135 -50.92 -15.81 -35.58
N ALA F 136 -49.78 -15.14 -35.76
CA ALA F 136 -49.58 -13.77 -35.28
C ALA F 136 -50.43 -12.73 -36.01
N ASP F 137 -50.60 -12.86 -37.32
CA ASP F 137 -51.54 -11.99 -38.04
C ASP F 137 -52.97 -12.10 -37.48
N ALA F 138 -53.44 -13.33 -37.25
CA ALA F 138 -54.77 -13.51 -36.64
C ALA F 138 -54.81 -12.84 -35.26
N ALA F 139 -53.81 -13.18 -34.46
CA ALA F 139 -53.67 -12.58 -33.13
C ALA F 139 -53.78 -11.06 -33.23
N ARG F 140 -53.10 -10.47 -34.20
CA ARG F 140 -53.04 -9.00 -34.34
C ARG F 140 -54.35 -8.39 -34.80
N ALA F 141 -55.06 -9.10 -35.69
CA ALA F 141 -56.38 -8.68 -36.12
C ALA F 141 -57.33 -8.74 -34.94
N THR F 142 -57.28 -9.83 -34.18
CA THR F 142 -58.11 -10.01 -32.99
C THR F 142 -57.82 -8.91 -31.99
N TYR F 143 -56.53 -8.62 -31.82
CA TYR F 143 -56.12 -7.49 -31.01
C TYR F 143 -56.73 -6.18 -31.51
N SER F 144 -56.57 -5.85 -32.78
CA SER F 144 -57.09 -4.57 -33.32
C SER F 144 -58.61 -4.46 -33.14
N GLU F 145 -59.32 -5.56 -33.41
CA GLU F 145 -60.74 -5.65 -33.16
C GLU F 145 -61.11 -5.37 -31.70
N LEU F 146 -60.39 -6.02 -30.78
CA LEU F 146 -60.62 -5.81 -29.34
C LEU F 146 -60.44 -4.36 -28.96
N LEU F 147 -59.38 -3.73 -29.45
CA LEU F 147 -59.03 -2.36 -29.09
C LEU F 147 -60.17 -1.39 -29.43
N ALA F 148 -60.62 -1.44 -30.68
CA ALA F 148 -61.73 -0.61 -31.11
C ALA F 148 -62.92 -0.78 -30.15
N LYS F 149 -63.32 -2.02 -29.91
CA LYS F 149 -64.49 -2.33 -29.06
C LYS F 149 -64.29 -1.96 -27.58
N LEU F 150 -63.10 -2.24 -27.03
CA LEU F 150 -62.77 -1.83 -25.67
C LEU F 150 -62.80 -0.31 -25.52
N GLU F 151 -62.30 0.42 -26.53
CA GLU F 151 -62.39 1.89 -26.52
C GLU F 151 -63.85 2.36 -26.57
N ALA F 152 -64.68 1.64 -27.31
CA ALA F 152 -66.12 1.84 -27.28
C ALA F 152 -66.63 1.61 -25.85
N LYS F 153 -66.28 0.47 -25.27
CA LYS F 153 -66.81 0.08 -23.96
C LYS F 153 -66.37 1.03 -22.85
N PHE F 154 -65.10 1.42 -22.87
CA PHE F 154 -64.60 2.42 -21.93
C PHE F 154 -64.82 3.85 -22.44
N ALA F 155 -65.78 4.05 -23.35
CA ALA F 155 -66.13 5.39 -23.84
C ALA F 155 -66.54 6.30 -22.70
N ASP F 156 -67.11 5.71 -21.65
CA ASP F 156 -67.51 6.45 -20.45
C ASP F 156 -66.40 7.32 -19.86
N GLN F 157 -65.16 6.81 -19.91
CA GLN F 157 -63.96 7.52 -19.40
C GLN F 157 -63.71 8.91 -20.03
N PRO F 158 -63.65 9.98 -19.20
CA PRO F 158 -63.35 11.33 -19.71
C PRO F 158 -61.91 11.47 -20.23
N ASN F 159 -60.95 11.07 -19.41
CA ASN F 159 -59.53 11.12 -19.75
C ASN F 159 -59.19 10.18 -20.92
N ALA F 160 -58.98 10.75 -22.11
CA ALA F 160 -58.67 9.97 -23.31
C ALA F 160 -57.45 9.07 -23.11
N ILE F 161 -56.38 9.62 -22.55
CA ILE F 161 -55.12 8.88 -22.38
C ILE F 161 -55.34 7.63 -21.50
N LEU F 162 -55.99 7.83 -20.35
CA LEU F 162 -56.42 6.70 -19.50
C LEU F 162 -57.26 5.71 -20.29
N ARG F 163 -58.24 6.23 -21.02
CA ARG F 163 -59.17 5.41 -21.80
C ARG F 163 -58.44 4.44 -22.72
N ARG F 164 -57.42 4.92 -23.42
CA ARG F 164 -56.68 4.09 -24.36
C ARG F 164 -55.80 3.03 -23.68
N LYS F 165 -55.22 3.36 -22.53
CA LYS F 165 -54.42 2.38 -21.78
C LYS F 165 -55.26 1.20 -21.25
N GLN F 166 -56.44 1.51 -20.72
CA GLN F 166 -57.37 0.49 -20.24
C GLN F 166 -57.76 -0.44 -21.37
N ALA F 167 -57.94 0.14 -22.55
CA ALA F 167 -58.26 -0.61 -23.76
C ALA F 167 -57.08 -1.49 -24.17
N ARG F 168 -55.89 -0.90 -24.14
CA ARG F 168 -54.70 -1.56 -24.64
C ARG F 168 -54.20 -2.68 -23.71
N GLN F 169 -54.18 -2.42 -22.41
CA GLN F 169 -53.77 -3.44 -21.45
C GLN F 169 -54.70 -4.66 -21.48
N ALA F 170 -55.98 -4.45 -21.80
CA ALA F 170 -56.90 -5.56 -21.98
C ALA F 170 -56.75 -6.18 -23.37
N ALA F 171 -56.53 -5.35 -24.37
CA ALA F 171 -56.42 -5.85 -25.74
C ALA F 171 -55.24 -6.83 -25.92
N ARG F 172 -54.11 -6.56 -25.25
CA ARG F 172 -52.91 -7.42 -25.39
C ARG F 172 -53.03 -8.83 -24.81
N ALA F 173 -54.16 -9.15 -24.16
CA ALA F 173 -54.38 -10.53 -23.74
C ALA F 173 -54.16 -11.53 -24.87
N VAL F 174 -54.44 -11.15 -26.12
CA VAL F 174 -54.33 -12.09 -27.25
C VAL F 174 -52.98 -12.05 -27.98
N LEU F 175 -52.12 -11.07 -27.68
CA LEU F 175 -50.80 -11.03 -28.31
C LEU F 175 -50.03 -12.29 -27.87
N PRO F 176 -49.27 -12.92 -28.80
CA PRO F 176 -48.53 -14.17 -28.52
C PRO F 176 -47.19 -14.00 -27.77
N ASN F 177 -46.71 -15.11 -27.19
CA ASN F 177 -45.37 -15.19 -26.59
C ASN F 177 -44.25 -14.74 -27.52
N ALA F 178 -44.44 -15.00 -28.81
CA ALA F 178 -43.44 -14.66 -29.85
C ALA F 178 -43.34 -13.17 -30.14
N THR F 179 -44.31 -12.38 -29.67
CA THR F 179 -44.29 -10.94 -29.92
C THR F 179 -42.91 -10.36 -29.54
N GLU F 180 -42.34 -9.52 -30.40
CA GLU F 180 -41.06 -8.88 -30.10
C GLU F 180 -41.18 -7.96 -28.91
N THR F 181 -40.13 -7.93 -28.10
CA THR F 181 -39.96 -6.89 -27.10
C THR F 181 -38.55 -6.28 -27.18
N ARG F 182 -38.32 -5.20 -26.45
CA ARG F 182 -37.03 -4.51 -26.46
C ARG F 182 -36.73 -4.09 -25.03
N ILE F 183 -35.49 -4.25 -24.61
CA ILE F 183 -35.15 -4.10 -23.19
C ILE F 183 -33.70 -3.59 -23.01
N VAL F 184 -33.52 -2.62 -22.10
CA VAL F 184 -32.18 -2.25 -21.64
C VAL F 184 -31.90 -3.10 -20.41
N VAL F 185 -30.76 -3.79 -20.40
CA VAL F 185 -30.37 -4.66 -19.29
C VAL F 185 -29.02 -4.19 -18.76
N THR F 186 -28.96 -3.86 -17.48
CA THR F 186 -27.72 -3.41 -16.85
C THR F 186 -27.28 -4.38 -15.75
N GLY F 187 -26.02 -4.78 -15.78
CA GLY F 187 -25.51 -5.67 -14.76
C GLY F 187 -24.05 -5.42 -14.47
N ASN F 188 -23.65 -5.70 -13.24
CA ASN F 188 -22.23 -5.72 -12.94
C ASN F 188 -21.58 -7.01 -13.44
N TYR F 189 -20.25 -7.03 -13.49
CA TYR F 189 -19.51 -8.20 -13.98
C TYR F 189 -19.86 -9.52 -13.31
N ARG F 190 -20.07 -9.49 -12.00
CA ARG F 190 -20.43 -10.68 -11.28
C ARG F 190 -21.80 -11.19 -11.74
N ALA F 191 -22.76 -10.27 -11.83
CA ALA F 191 -24.12 -10.63 -12.28
C ALA F 191 -24.04 -11.19 -13.69
N TRP F 192 -23.27 -10.55 -14.57
CA TRP F 192 -23.14 -11.05 -15.93
C TRP F 192 -22.57 -12.45 -15.97
N ARG F 193 -21.54 -12.71 -15.16
CA ARG F 193 -20.94 -14.04 -15.05
C ARG F 193 -21.94 -15.12 -14.63
N HIS F 194 -22.76 -14.82 -13.63
CA HIS F 194 -23.75 -15.77 -13.17
C HIS F 194 -24.82 -16.05 -14.27
N PHE F 195 -25.29 -14.99 -14.93
CA PHE F 195 -26.25 -15.12 -16.02
C PHE F 195 -25.75 -16.04 -17.12
N ILE F 196 -24.52 -15.79 -17.56
CA ILE F 196 -23.93 -16.60 -18.62
C ILE F 196 -23.81 -18.06 -18.17
N ALA F 197 -23.28 -18.30 -16.97
CA ALA F 197 -23.20 -19.68 -16.43
C ALA F 197 -24.57 -20.40 -16.47
N MET F 198 -25.62 -19.66 -16.14
CA MET F 198 -26.97 -20.20 -16.01
C MET F 198 -27.68 -20.36 -17.36
N ARG F 199 -27.51 -19.41 -18.27
CA ARG F 199 -28.28 -19.39 -19.51
C ARG F 199 -27.52 -19.90 -20.74
N ALA F 200 -26.18 -19.91 -20.70
CA ALA F 200 -25.37 -20.42 -21.83
C ALA F 200 -25.13 -21.91 -21.65
N SER F 201 -26.17 -22.59 -21.20
CA SER F 201 -26.07 -23.95 -20.70
C SER F 201 -27.00 -24.77 -21.57
N GLU F 202 -26.71 -26.05 -21.71
CA GLU F 202 -27.58 -26.94 -22.47
C GLU F 202 -28.97 -27.10 -21.82
N HIS F 203 -29.08 -26.84 -20.51
CA HIS F 203 -30.37 -26.90 -19.83
C HIS F 203 -31.29 -25.76 -20.22
N ALA F 204 -30.74 -24.63 -20.63
CA ALA F 204 -31.52 -23.45 -20.97
C ALA F 204 -32.23 -23.52 -22.33
N ASP F 205 -33.31 -22.75 -22.43
CA ASP F 205 -34.02 -22.55 -23.70
C ASP F 205 -33.09 -21.95 -24.77
N VAL F 206 -33.24 -22.40 -26.00
CA VAL F 206 -32.34 -22.01 -27.07
C VAL F 206 -32.35 -20.50 -27.36
N GLU F 207 -33.47 -19.82 -27.14
CA GLU F 207 -33.51 -18.37 -27.42
C GLU F 207 -32.67 -17.61 -26.41
N ILE F 208 -32.88 -17.87 -25.12
CA ILE F 208 -32.11 -17.18 -24.08
C ILE F 208 -30.62 -17.61 -24.09
N ARG F 209 -30.33 -18.84 -24.51
CA ARG F 209 -28.95 -19.33 -24.64
C ARG F 209 -28.20 -18.57 -25.73
N ARG F 210 -28.92 -18.25 -26.80
CA ARG F 210 -28.37 -17.46 -27.90
C ARG F 210 -28.08 -16.05 -27.43
N LEU F 211 -28.97 -15.50 -26.62
CA LEU F 211 -28.76 -14.18 -26.07
C LEU F 211 -27.54 -14.18 -25.17
N ALA F 212 -27.46 -15.18 -24.31
CA ALA F 212 -26.36 -15.27 -23.33
C ALA F 212 -24.97 -15.39 -23.97
N ILE F 213 -24.89 -16.18 -25.05
CA ILE F 213 -23.66 -16.29 -25.81
C ILE F 213 -23.23 -14.98 -26.45
N GLU F 214 -24.15 -14.25 -27.05
CA GLU F 214 -23.81 -12.99 -27.68
C GLU F 214 -23.37 -11.96 -26.63
N CYS F 215 -24.06 -11.93 -25.50
CA CYS F 215 -23.65 -11.10 -24.38
C CYS F 215 -22.23 -11.46 -23.96
N LEU F 216 -21.93 -12.75 -23.81
CA LEU F 216 -20.58 -13.16 -23.49
C LEU F 216 -19.56 -12.64 -24.51
N ARG F 217 -19.87 -12.73 -25.80
CA ARG F 217 -18.90 -12.28 -26.81
C ARG F 217 -18.61 -10.79 -26.67
N GLN F 218 -19.65 -10.00 -26.43
CA GLN F 218 -19.42 -8.58 -26.30
C GLN F 218 -18.70 -8.23 -24.99
N LEU F 219 -19.04 -8.91 -23.91
CA LEU F 219 -18.36 -8.69 -22.61
C LEU F 219 -16.88 -9.09 -22.62
N ALA F 220 -16.57 -10.17 -23.32
CA ALA F 220 -15.19 -10.65 -23.44
C ALA F 220 -14.35 -9.63 -24.19
N ALA F 221 -14.96 -8.80 -25.03
CA ALA F 221 -14.25 -7.73 -25.74
C ALA F 221 -13.98 -6.51 -24.83
N VAL F 222 -14.89 -6.24 -23.90
CA VAL F 222 -14.75 -5.17 -22.92
C VAL F 222 -13.83 -5.55 -21.77
N ALA F 223 -13.95 -6.76 -21.26
CA ALA F 223 -13.18 -7.14 -20.11
C ALA F 223 -12.61 -8.53 -20.30
N PRO F 224 -11.64 -8.67 -21.22
CA PRO F 224 -11.15 -9.98 -21.58
C PRO F 224 -10.74 -10.86 -20.41
N ALA F 225 -9.98 -10.32 -19.47
CA ALA F 225 -9.53 -11.06 -18.31
C ALA F 225 -10.67 -11.53 -17.39
N VAL F 226 -11.79 -10.81 -17.40
CA VAL F 226 -12.92 -11.13 -16.51
C VAL F 226 -13.81 -12.28 -17.04
N PHE F 227 -13.81 -12.51 -18.36
CA PHE F 227 -14.65 -13.58 -18.93
C PHE F 227 -13.89 -14.66 -19.68
N ALA F 228 -12.56 -14.56 -19.74
CA ALA F 228 -11.71 -15.48 -20.52
C ALA F 228 -11.91 -16.94 -20.12
N ASP F 229 -12.22 -17.18 -18.86
CA ASP F 229 -12.41 -18.53 -18.37
C ASP F 229 -13.68 -19.22 -18.90
N PHE F 230 -14.56 -18.49 -19.58
CA PHE F 230 -15.70 -19.09 -20.29
C PHE F 230 -15.29 -19.57 -21.68
N GLU F 231 -15.44 -20.87 -21.92
CA GLU F 231 -15.22 -21.51 -23.22
C GLU F 231 -16.55 -21.69 -23.95
N VAL F 232 -16.67 -21.19 -25.18
CA VAL F 232 -17.83 -21.46 -26.01
C VAL F 232 -17.62 -22.74 -26.81
N THR F 233 -18.35 -23.78 -26.46
CA THR F 233 -18.28 -25.04 -27.18
C THR F 233 -19.56 -25.24 -27.98
N THR F 234 -19.48 -26.03 -29.03
CA THR F 234 -20.61 -26.22 -29.95
C THR F 234 -21.18 -27.62 -29.77
N LEU F 235 -22.50 -27.70 -29.76
CA LEU F 235 -23.18 -28.98 -29.64
C LEU F 235 -23.46 -29.54 -31.04
N ALA F 236 -23.98 -30.76 -31.08
CA ALA F 236 -24.35 -31.44 -32.32
C ALA F 236 -25.28 -30.59 -33.22
N ASP F 237 -26.28 -29.96 -32.60
CA ASP F 237 -27.29 -29.21 -33.35
C ASP F 237 -26.83 -27.81 -33.77
N GLY F 238 -25.57 -27.47 -33.51
CA GLY F 238 -25.01 -26.19 -33.93
C GLY F 238 -25.35 -25.02 -33.03
N THR F 239 -25.97 -25.29 -31.88
CA THR F 239 -26.16 -24.24 -30.87
C THR F 239 -24.91 -24.23 -30.02
N GLU F 240 -24.70 -23.09 -29.36
CA GLU F 240 -23.49 -22.84 -28.60
C GLU F 240 -23.75 -22.76 -27.10
N VAL F 241 -22.81 -23.28 -26.33
CA VAL F 241 -22.90 -23.35 -24.88
C VAL F 241 -21.56 -22.84 -24.36
N ALA F 242 -21.56 -22.26 -23.17
CA ALA F 242 -20.37 -21.64 -22.61
C ALA F 242 -20.15 -22.18 -21.21
N THR F 243 -18.94 -22.68 -20.96
CA THR F 243 -18.65 -23.41 -19.72
C THR F 243 -17.40 -22.88 -19.03
N SER F 244 -17.44 -22.92 -17.69
CA SER F 244 -16.33 -22.49 -16.87
C SER F 244 -16.14 -23.48 -15.74
N GLU G 3 -62.03 -22.30 -21.90
CA GLU G 3 -62.17 -22.53 -20.44
C GLU G 3 -61.43 -21.46 -19.66
N THR G 4 -62.13 -20.77 -18.75
CA THR G 4 -61.59 -19.58 -18.09
C THR G 4 -61.29 -19.88 -16.62
N ALA G 5 -60.16 -19.37 -16.12
CA ALA G 5 -59.73 -19.62 -14.76
C ALA G 5 -59.92 -18.35 -13.94
N PRO G 6 -60.55 -18.45 -12.73
CA PRO G 6 -60.66 -17.28 -11.86
C PRO G 6 -59.47 -17.12 -10.92
N LEU G 7 -59.22 -15.89 -10.47
CA LEU G 7 -58.13 -15.63 -9.53
C LEU G 7 -58.34 -16.39 -8.23
N ARG G 8 -57.37 -17.19 -7.83
CA ARG G 8 -57.37 -17.79 -6.52
C ARG G 8 -56.05 -17.53 -5.82
N VAL G 9 -56.13 -17.10 -4.57
CA VAL G 9 -54.97 -16.77 -3.78
C VAL G 9 -55.06 -17.56 -2.50
N GLN G 10 -54.13 -18.48 -2.29
CA GLN G 10 -54.13 -19.36 -1.15
C GLN G 10 -52.86 -19.16 -0.33
N LEU G 11 -53.04 -18.80 0.94
CA LEU G 11 -51.93 -18.59 1.86
C LEU G 11 -51.43 -19.96 2.31
N ILE G 12 -50.15 -20.22 2.06
CA ILE G 12 -49.60 -21.54 2.30
C ILE G 12 -48.43 -21.59 3.30
N ALA G 13 -47.95 -20.43 3.74
CA ALA G 13 -46.86 -20.40 4.72
C ALA G 13 -46.81 -19.08 5.43
N LYS G 14 -46.48 -19.14 6.70
CA LYS G 14 -46.22 -17.95 7.51
C LYS G 14 -45.22 -18.36 8.58
N THR G 15 -44.70 -17.38 9.29
CA THR G 15 -43.65 -17.58 10.28
C THR G 15 -44.21 -18.13 11.59
N ASP G 16 -43.56 -19.16 12.10
CA ASP G 16 -43.75 -19.70 13.45
C ASP G 16 -42.65 -19.10 14.33
N PHE G 17 -42.99 -18.62 15.53
CA PHE G 17 -42.05 -17.93 16.41
C PHE G 17 -41.97 -18.63 17.77
N LEU G 18 -40.76 -18.79 18.29
CA LEU G 18 -40.58 -19.22 19.68
C LEU G 18 -39.60 -18.30 20.37
N ALA G 19 -40.11 -17.52 21.32
CA ALA G 19 -39.28 -16.60 22.11
C ALA G 19 -38.14 -17.34 22.82
N PRO G 20 -36.95 -16.71 22.91
CA PRO G 20 -35.89 -17.36 23.68
C PRO G 20 -36.19 -17.29 25.20
N PRO G 21 -36.04 -18.42 25.91
CA PRO G 21 -36.55 -18.50 27.29
C PRO G 21 -35.97 -17.46 28.26
N ASP G 22 -34.71 -17.07 28.03
CA ASP G 22 -33.96 -16.28 28.98
C ASP G 22 -34.06 -14.78 28.76
N VAL G 23 -34.84 -14.34 27.77
CA VAL G 23 -35.04 -12.93 27.58
C VAL G 23 -36.32 -12.53 28.29
N PRO G 24 -36.22 -11.59 29.25
CA PRO G 24 -37.35 -11.22 30.11
C PRO G 24 -38.35 -10.36 29.35
N TRP G 25 -39.07 -11.00 28.43
CA TRP G 25 -39.98 -10.30 27.54
C TRP G 25 -41.13 -11.23 27.20
N THR G 26 -42.35 -10.67 27.20
CA THR G 26 -43.50 -11.35 26.65
C THR G 26 -44.33 -10.38 25.85
N THR G 27 -45.21 -10.93 25.02
CA THR G 27 -46.13 -10.10 24.32
C THR G 27 -47.43 -10.83 24.00
N ASP G 28 -48.41 -10.06 23.59
CA ASP G 28 -49.76 -10.55 23.31
C ASP G 28 -49.93 -10.86 21.82
N ALA G 29 -49.01 -11.67 21.29
CA ALA G 29 -49.05 -12.12 19.90
C ALA G 29 -48.11 -13.27 19.79
N ASP G 30 -48.24 -14.04 18.71
CA ASP G 30 -47.27 -15.05 18.35
C ASP G 30 -46.98 -14.93 16.85
N GLY G 31 -46.20 -15.87 16.34
CA GLY G 31 -45.83 -15.90 14.94
C GLY G 31 -45.10 -14.65 14.49
N GLY G 32 -45.30 -14.29 13.22
CA GLY G 32 -44.54 -13.20 12.60
C GLY G 32 -44.60 -11.89 13.37
N PRO G 33 -45.84 -11.45 13.72
CA PRO G 33 -45.97 -10.19 14.42
C PRO G 33 -45.16 -10.10 15.70
N ALA G 34 -45.09 -11.21 16.43
CA ALA G 34 -44.30 -11.31 17.66
C ALA G 34 -42.77 -11.26 17.38
N LEU G 35 -42.34 -11.99 16.36
CA LEU G 35 -40.92 -11.98 15.91
C LEU G 35 -40.47 -10.56 15.60
N VAL G 36 -41.28 -9.82 14.85
CA VAL G 36 -40.98 -8.44 14.49
C VAL G 36 -40.80 -7.56 15.73
N GLU G 37 -41.70 -7.66 16.71
CA GLU G 37 -41.52 -6.90 17.93
C GLU G 37 -40.23 -7.33 18.63
N PHE G 38 -39.93 -8.62 18.65
CA PHE G 38 -38.75 -9.09 19.36
C PHE G 38 -37.47 -8.54 18.70
N ALA G 39 -37.46 -8.52 17.38
CA ALA G 39 -36.29 -8.02 16.61
C ALA G 39 -36.11 -6.53 16.84
N GLY G 40 -37.21 -5.79 16.82
CA GLY G 40 -37.18 -4.37 17.11
C GLY G 40 -36.61 -4.04 18.48
N ARG G 41 -37.10 -4.75 19.51
CA ARG G 41 -36.62 -4.57 20.88
C ARG G 41 -35.17 -5.03 21.06
N ALA G 42 -34.74 -6.05 20.30
CA ALA G 42 -33.34 -6.48 20.34
C ALA G 42 -32.36 -5.32 20.10
N CYS G 43 -32.72 -4.39 19.21
CA CYS G 43 -31.89 -3.25 18.86
C CYS G 43 -31.60 -2.31 20.02
N TYR G 44 -32.58 -2.12 20.89
CA TYR G 44 -32.44 -1.26 22.06
C TYR G 44 -32.25 -2.04 23.34
N GLN G 45 -32.38 -3.38 23.26
CA GLN G 45 -32.47 -4.27 24.42
C GLN G 45 -33.55 -3.78 25.41
N SER G 46 -34.70 -3.41 24.86
CA SER G 46 -35.75 -2.69 25.59
C SER G 46 -36.84 -3.68 25.92
N TRP G 47 -36.52 -4.64 26.76
CA TRP G 47 -37.39 -5.78 27.01
C TRP G 47 -38.54 -5.45 27.97
N SER G 48 -38.31 -4.47 28.84
CA SER G 48 -39.30 -4.12 29.87
C SER G 48 -40.49 -3.37 29.32
N LYS G 49 -40.35 -2.81 28.10
CA LYS G 49 -41.44 -2.10 27.45
C LYS G 49 -42.12 -1.09 28.39
N PRO G 50 -41.40 0.00 28.73
CA PRO G 50 -41.96 0.99 29.65
C PRO G 50 -43.20 1.71 29.09
N ASN G 51 -43.05 2.24 27.87
CA ASN G 51 -44.08 3.04 27.22
C ASN G 51 -45.36 2.21 26.99
N PRO G 52 -46.50 2.66 27.58
CA PRO G 52 -47.76 1.95 27.42
C PRO G 52 -48.39 2.13 26.04
N LYS G 53 -48.01 3.18 25.33
CA LYS G 53 -48.47 3.38 23.95
C LYS G 53 -47.84 2.38 22.98
N THR G 54 -46.76 1.73 23.42
CA THR G 54 -46.10 0.64 22.65
C THR G 54 -46.06 -0.68 23.44
N ALA G 55 -46.79 -0.75 24.56
CA ALA G 55 -46.81 -1.92 25.42
C ALA G 55 -47.63 -3.12 24.90
N THR G 56 -48.43 -2.91 23.85
CA THR G 56 -49.10 -4.00 23.15
C THR G 56 -48.26 -4.36 21.91
N ASN G 57 -48.49 -5.54 21.33
CA ASN G 57 -47.81 -5.91 20.08
C ASN G 57 -48.25 -4.99 18.92
N ALA G 58 -49.55 -4.72 18.76
CA ALA G 58 -50.03 -3.84 17.71
C ALA G 58 -49.52 -2.40 17.90
N GLY G 59 -49.54 -1.94 19.14
CA GLY G 59 -48.99 -0.63 19.45
C GLY G 59 -47.50 -0.57 19.08
N TYR G 60 -46.75 -1.59 19.48
CA TYR G 60 -45.33 -1.64 19.09
C TYR G 60 -45.12 -1.64 17.57
N LEU G 61 -45.79 -2.56 16.86
CA LEU G 61 -45.74 -2.59 15.40
C LEU G 61 -46.19 -1.26 14.75
N ARG G 62 -47.26 -0.63 15.25
CA ARG G 62 -47.70 0.65 14.70
C ARG G 62 -46.61 1.72 14.91
N HIS G 63 -45.93 1.69 16.05
CA HIS G 63 -44.78 2.57 16.32
C HIS G 63 -43.59 2.37 15.33
N ILE G 64 -43.14 1.13 15.16
CA ILE G 64 -42.08 0.79 14.18
C ILE G 64 -42.36 1.40 12.83
N ILE G 65 -43.59 1.23 12.36
CA ILE G 65 -43.96 1.69 11.04
C ILE G 65 -43.96 3.22 10.99
N ASP G 66 -44.38 3.89 12.07
CA ASP G 66 -44.47 5.35 12.06
C ASP G 66 -43.10 6.03 12.05
N VAL G 67 -42.14 5.51 12.82
CA VAL G 67 -40.77 6.02 12.80
C VAL G 67 -39.99 5.45 11.60
N GLY G 68 -40.65 4.68 10.73
CA GLY G 68 -40.00 4.13 9.54
C GLY G 68 -38.83 3.15 9.74
N HIS G 69 -38.89 2.30 10.77
CA HIS G 69 -37.85 1.26 10.93
C HIS G 69 -38.25 0.02 10.14
N PHE G 70 -38.33 0.16 8.83
CA PHE G 70 -38.95 -0.89 8.02
C PHE G 70 -38.11 -2.17 7.92
N SER G 71 -36.81 -2.07 8.16
CA SER G 71 -35.95 -3.25 8.09
C SER G 71 -36.34 -4.32 9.12
N VAL G 72 -36.88 -3.91 10.26
CA VAL G 72 -37.35 -4.84 11.28
C VAL G 72 -38.51 -5.73 10.78
N LEU G 73 -39.31 -5.21 9.86
CA LEU G 73 -40.40 -5.98 9.24
C LEU G 73 -39.91 -7.15 8.42
N GLU G 74 -38.61 -7.17 8.03
CA GLU G 74 -38.16 -8.17 7.08
C GLU G 74 -38.02 -9.57 7.66
N HIS G 75 -38.06 -9.73 8.99
CA HIS G 75 -37.81 -11.05 9.59
C HIS G 75 -38.93 -12.07 9.40
N ALA G 76 -40.14 -11.59 9.14
CA ALA G 76 -41.31 -12.44 8.98
C ALA G 76 -41.75 -12.52 7.52
N SER G 77 -42.14 -13.72 7.08
CA SER G 77 -42.59 -13.89 5.70
C SER G 77 -43.92 -14.66 5.55
N VAL G 78 -44.52 -14.49 4.37
CA VAL G 78 -45.75 -15.17 3.98
C VAL G 78 -45.59 -15.65 2.54
N SER G 79 -46.03 -16.88 2.29
CA SER G 79 -46.11 -17.44 0.95
C SER G 79 -47.56 -17.67 0.52
N PHE G 80 -47.85 -17.39 -0.76
CA PHE G 80 -49.13 -17.68 -1.39
C PHE G 80 -48.96 -18.61 -2.59
N TYR G 81 -49.92 -19.52 -2.78
CA TYR G 81 -50.06 -20.22 -4.04
C TYR G 81 -51.13 -19.49 -4.83
N ILE G 82 -50.74 -18.95 -6.01
CA ILE G 82 -51.65 -18.13 -6.79
C ILE G 82 -51.98 -18.83 -8.13
N THR G 83 -53.28 -19.04 -8.36
CA THR G 83 -53.76 -19.62 -9.60
C THR G 83 -54.73 -18.66 -10.25
N GLY G 84 -55.01 -18.88 -11.53
CA GLY G 84 -55.96 -18.03 -12.23
C GLY G 84 -55.38 -16.66 -12.49
N ILE G 85 -54.08 -16.63 -12.82
CA ILE G 85 -53.35 -15.39 -13.08
C ILE G 85 -52.74 -15.55 -14.47
N SER G 86 -52.77 -14.49 -15.29
CA SER G 86 -52.29 -14.59 -16.66
C SER G 86 -50.76 -14.48 -16.73
N ARG G 87 -50.24 -14.79 -17.91
CA ARG G 87 -48.82 -14.63 -18.20
C ARG G 87 -48.38 -13.17 -18.24
N SER G 88 -49.20 -12.26 -18.75
CA SER G 88 -48.83 -10.85 -18.67
C SER G 88 -48.84 -10.32 -17.24
N CYS G 89 -49.72 -10.86 -16.40
CA CYS G 89 -49.72 -10.45 -14.99
C CYS G 89 -48.43 -10.96 -14.31
N THR G 90 -47.98 -12.18 -14.59
CA THR G 90 -46.75 -12.66 -13.93
C THR G 90 -45.48 -11.99 -14.47
N HIS G 91 -45.50 -11.56 -15.72
CA HIS G 91 -44.36 -10.83 -16.31
C HIS G 91 -44.18 -9.48 -15.59
N GLU G 92 -45.27 -8.91 -15.07
CA GLU G 92 -45.19 -7.70 -14.24
C GLU G 92 -44.81 -7.99 -12.80
N LEU G 93 -45.49 -8.99 -12.22
CA LEU G 93 -45.25 -9.43 -10.86
C LEU G 93 -43.78 -9.72 -10.60
N ILE G 94 -43.13 -10.52 -11.47
CA ILE G 94 -41.72 -10.94 -11.24
C ILE G 94 -40.67 -9.82 -11.36
N ARG G 95 -41.11 -8.60 -11.70
CA ARG G 95 -40.21 -7.46 -11.71
C ARG G 95 -39.91 -6.98 -10.31
N HIS G 96 -40.68 -7.48 -9.32
CA HIS G 96 -40.37 -7.24 -7.92
C HIS G 96 -39.26 -8.22 -7.48
N ARG G 97 -38.09 -7.67 -7.20
CA ARG G 97 -36.90 -8.50 -7.04
C ARG G 97 -36.64 -9.01 -5.63
N HIS G 98 -37.35 -8.50 -4.62
CA HIS G 98 -37.22 -9.03 -3.27
C HIS G 98 -38.34 -10.01 -2.93
N PHE G 99 -38.74 -10.80 -3.90
CA PHE G 99 -39.64 -11.93 -3.69
C PHE G 99 -38.92 -13.14 -4.18
N SER G 100 -39.37 -14.30 -3.70
CA SER G 100 -38.96 -15.57 -4.26
C SER G 100 -40.16 -16.18 -4.97
N TYR G 101 -39.90 -16.76 -6.14
CA TYR G 101 -40.94 -17.27 -7.05
C TYR G 101 -40.68 -18.73 -7.46
N SER G 102 -41.74 -19.56 -7.50
CA SER G 102 -41.69 -20.83 -8.25
C SER G 102 -42.93 -20.92 -9.13
N GLN G 103 -42.73 -20.96 -10.44
CA GLN G 103 -43.82 -20.80 -11.39
C GLN G 103 -43.96 -21.95 -12.39
N LEU G 104 -45.21 -22.25 -12.73
CA LEU G 104 -45.56 -23.19 -13.79
C LEU G 104 -44.80 -22.90 -15.07
N SER G 105 -44.07 -23.90 -15.54
CA SER G 105 -43.19 -23.77 -16.72
C SER G 105 -43.84 -24.30 -17.99
N GLN G 106 -43.97 -23.44 -19.00
CA GLN G 106 -44.42 -23.88 -20.33
C GLN G 106 -43.37 -24.72 -21.06
N ARG G 107 -42.10 -24.59 -20.71
CA ARG G 107 -41.07 -25.47 -21.26
C ARG G 107 -41.28 -26.92 -20.83
N TYR G 108 -41.86 -27.13 -19.65
CA TYR G 108 -41.89 -28.44 -19.00
C TYR G 108 -43.27 -29.09 -18.89
N VAL G 109 -44.32 -28.30 -18.82
CA VAL G 109 -45.69 -28.79 -18.65
C VAL G 109 -46.48 -28.63 -19.94
N PRO G 110 -47.00 -29.74 -20.52
CA PRO G 110 -47.82 -29.64 -21.72
C PRO G 110 -49.06 -28.75 -21.53
N GLU G 111 -49.37 -27.94 -22.54
CA GLU G 111 -50.39 -26.88 -22.40
C GLU G 111 -51.56 -27.02 -23.38
N LYS G 112 -51.68 -28.18 -24.01
CA LYS G 112 -52.72 -28.35 -25.03
C LYS G 112 -54.13 -28.02 -24.52
N ASP G 113 -54.36 -28.16 -23.21
CA ASP G 113 -55.67 -27.91 -22.60
C ASP G 113 -55.68 -26.73 -21.62
N SER G 114 -54.86 -25.72 -21.88
CA SER G 114 -54.73 -24.59 -20.95
C SER G 114 -55.97 -23.70 -20.93
N ARG G 115 -56.12 -23.01 -19.81
CA ARG G 115 -57.24 -22.14 -19.55
C ARG G 115 -56.76 -20.70 -19.79
N VAL G 116 -57.68 -19.76 -19.94
CA VAL G 116 -57.30 -18.35 -20.03
C VAL G 116 -57.88 -17.55 -18.87
N VAL G 117 -57.24 -16.40 -18.61
CA VAL G 117 -57.72 -15.44 -17.63
C VAL G 117 -58.34 -14.29 -18.43
N VAL G 118 -59.57 -13.95 -18.08
CA VAL G 118 -60.26 -12.85 -18.72
C VAL G 118 -59.79 -11.57 -18.09
N PRO G 119 -59.34 -10.59 -18.90
CA PRO G 119 -58.99 -9.29 -18.32
C PRO G 119 -60.19 -8.66 -17.60
N PRO G 120 -60.00 -8.12 -16.38
CA PRO G 120 -61.15 -7.61 -15.61
C PRO G 120 -61.98 -6.54 -16.36
N GLY G 121 -61.34 -5.79 -17.25
CA GLY G 121 -62.03 -4.77 -18.03
C GLY G 121 -63.05 -5.29 -19.03
N MET G 122 -63.00 -6.58 -19.36
CA MET G 122 -63.99 -7.17 -20.27
C MET G 122 -64.75 -8.33 -19.62
N GLU G 123 -64.75 -8.36 -18.29
CA GLU G 123 -65.40 -9.44 -17.56
C GLU G 123 -66.91 -9.47 -17.74
N ASP G 124 -67.54 -8.29 -17.84
CA ASP G 124 -69.01 -8.18 -17.96
C ASP G 124 -69.44 -7.91 -19.41
N ASP G 125 -68.91 -8.71 -20.32
CA ASP G 125 -69.21 -8.56 -21.73
C ASP G 125 -68.99 -9.90 -22.42
N ALA G 126 -70.07 -10.66 -22.62
CA ALA G 126 -69.96 -12.01 -23.23
C ALA G 126 -69.50 -11.98 -24.70
N ASP G 127 -69.57 -10.81 -25.35
CA ASP G 127 -69.07 -10.70 -26.72
C ASP G 127 -67.55 -10.74 -26.72
N LEU G 128 -66.95 -9.77 -26.04
CA LEU G 128 -65.49 -9.68 -25.87
C LEU G 128 -64.93 -11.00 -25.38
N ARG G 129 -65.54 -11.55 -24.33
CA ARG G 129 -65.13 -12.84 -23.80
C ARG G 129 -65.19 -13.96 -24.85
N HIS G 130 -66.14 -13.85 -25.77
CA HIS G 130 -66.21 -14.82 -26.87
C HIS G 130 -65.03 -14.64 -27.82
N ILE G 131 -64.73 -13.39 -28.19
CA ILE G 131 -63.59 -13.08 -29.06
C ILE G 131 -62.30 -13.69 -28.51
N LEU G 132 -62.09 -13.53 -27.20
CA LEU G 132 -60.89 -14.01 -26.50
C LEU G 132 -60.77 -15.52 -26.47
N THR G 133 -61.79 -16.21 -25.98
CA THR G 133 -61.75 -17.68 -25.85
C THR G 133 -61.70 -18.36 -27.21
N GLU G 134 -62.29 -17.69 -28.21
CA GLU G 134 -62.18 -18.13 -29.60
C GLU G 134 -60.74 -17.98 -30.08
N ALA G 135 -60.15 -16.80 -29.85
CA ALA G 135 -58.71 -16.60 -30.14
C ALA G 135 -57.87 -17.67 -29.47
N ALA G 136 -58.16 -17.94 -28.19
CA ALA G 136 -57.41 -18.92 -27.42
C ALA G 136 -57.49 -20.31 -28.04
N ASP G 137 -58.70 -20.72 -28.42
CA ASP G 137 -58.90 -22.01 -29.08
C ASP G 137 -58.07 -22.09 -30.37
N ALA G 138 -58.10 -21.03 -31.17
CA ALA G 138 -57.32 -20.99 -32.40
C ALA G 138 -55.84 -21.16 -32.07
N ALA G 139 -55.38 -20.36 -31.10
CA ALA G 139 -53.98 -20.38 -30.69
C ALA G 139 -53.60 -21.76 -30.15
N ARG G 140 -54.51 -22.45 -29.48
CA ARG G 140 -54.21 -23.77 -28.94
C ARG G 140 -54.20 -24.81 -30.04
N ALA G 141 -55.02 -24.61 -31.06
CA ALA G 141 -55.01 -25.47 -32.24
C ALA G 141 -53.62 -25.40 -32.90
N THR G 142 -53.18 -24.18 -33.22
CA THR G 142 -51.85 -23.96 -33.79
C THR G 142 -50.75 -24.60 -32.94
N TYR G 143 -50.87 -24.46 -31.62
CA TYR G 143 -49.85 -24.94 -30.69
C TYR G 143 -49.61 -26.44 -30.85
N SER G 144 -50.70 -27.22 -30.89
CA SER G 144 -50.63 -28.67 -31.09
C SER G 144 -50.10 -29.06 -32.47
N GLU G 145 -50.44 -28.25 -33.46
CA GLU G 145 -49.94 -28.44 -34.83
C GLU G 145 -48.43 -28.24 -34.89
N LEU G 146 -47.96 -27.11 -34.37
CA LEU G 146 -46.52 -26.85 -34.28
C LEU G 146 -45.83 -27.94 -33.48
N LEU G 147 -46.49 -28.38 -32.41
CA LEU G 147 -45.88 -29.35 -31.48
C LEU G 147 -45.65 -30.70 -32.15
N ALA G 148 -46.62 -31.17 -32.94
CA ALA G 148 -46.47 -32.43 -33.67
C ALA G 148 -45.42 -32.29 -34.78
N LYS G 149 -45.54 -31.24 -35.57
CA LYS G 149 -44.59 -30.96 -36.66
C LYS G 149 -43.16 -30.73 -36.18
N LEU G 150 -43.00 -30.17 -34.99
CA LEU G 150 -41.68 -29.95 -34.38
C LEU G 150 -41.09 -31.26 -33.86
N GLU G 151 -41.94 -32.10 -33.26
CA GLU G 151 -41.51 -33.43 -32.83
C GLU G 151 -41.10 -34.32 -34.02
N ALA G 152 -41.79 -34.19 -35.15
CA ALA G 152 -41.38 -34.83 -36.41
C ALA G 152 -40.05 -34.27 -36.93
N LYS G 153 -39.84 -32.97 -36.76
CA LYS G 153 -38.60 -32.33 -37.19
C LYS G 153 -37.43 -32.80 -36.33
N PHE G 154 -37.62 -32.86 -35.01
CA PHE G 154 -36.60 -33.40 -34.11
C PHE G 154 -36.73 -34.91 -33.96
N ALA G 155 -37.42 -35.57 -34.89
CA ALA G 155 -37.61 -37.02 -34.86
C ALA G 155 -36.29 -37.73 -34.64
N ASP G 156 -35.22 -37.17 -35.23
CA ASP G 156 -33.87 -37.71 -35.11
C ASP G 156 -33.10 -37.36 -33.81
N GLN G 157 -33.80 -36.85 -32.79
CA GLN G 157 -33.23 -36.76 -31.42
C GLN G 157 -33.65 -38.01 -30.62
N PRO G 158 -32.67 -38.82 -30.15
CA PRO G 158 -32.98 -40.09 -29.49
C PRO G 158 -33.65 -39.98 -28.12
N ASN G 159 -33.14 -39.07 -27.28
CA ASN G 159 -33.70 -38.85 -25.94
C ASN G 159 -35.10 -38.22 -26.08
N ALA G 160 -36.13 -38.97 -25.69
CA ALA G 160 -37.52 -38.58 -25.96
C ALA G 160 -38.00 -37.41 -25.11
N ILE G 161 -37.64 -37.42 -23.83
CA ILE G 161 -37.87 -36.29 -22.91
C ILE G 161 -37.31 -34.98 -23.47
N LEU G 162 -36.05 -35.02 -23.90
CA LEU G 162 -35.38 -33.89 -24.51
C LEU G 162 -36.08 -33.46 -25.80
N ARG G 163 -36.48 -34.43 -26.63
CA ARG G 163 -37.18 -34.11 -27.88
C ARG G 163 -38.46 -33.32 -27.63
N ARG G 164 -39.20 -33.71 -26.60
CA ARG G 164 -40.49 -33.07 -26.29
C ARG G 164 -40.29 -31.65 -25.77
N LYS G 165 -39.29 -31.48 -24.91
CA LYS G 165 -38.94 -30.16 -24.38
C LYS G 165 -38.54 -29.20 -25.49
N GLN G 166 -37.73 -29.66 -26.44
CA GLN G 166 -37.33 -28.83 -27.57
C GLN G 166 -38.52 -28.41 -28.41
N ALA G 167 -39.46 -29.32 -28.62
CA ALA G 167 -40.66 -29.02 -29.41
C ALA G 167 -41.57 -28.03 -28.66
N ARG G 168 -41.76 -28.32 -27.37
CA ARG G 168 -42.69 -27.58 -26.55
C ARG G 168 -42.25 -26.10 -26.38
N GLN G 169 -40.98 -25.88 -26.04
CA GLN G 169 -40.48 -24.49 -25.91
C GLN G 169 -40.59 -23.65 -27.20
N ALA G 170 -40.50 -24.28 -28.37
CA ALA G 170 -40.78 -23.56 -29.62
C ALA G 170 -42.29 -23.39 -29.86
N ALA G 171 -43.06 -24.47 -29.61
CA ALA G 171 -44.52 -24.44 -29.82
C ALA G 171 -45.25 -23.34 -29.01
N ARG G 172 -44.82 -23.14 -27.77
CA ARG G 172 -45.42 -22.09 -26.89
C ARG G 172 -45.31 -20.66 -27.42
N ALA G 173 -44.58 -20.44 -28.52
CA ALA G 173 -44.52 -19.14 -29.18
C ALA G 173 -45.89 -18.55 -29.51
N VAL G 174 -46.83 -19.43 -29.84
CA VAL G 174 -48.15 -19.01 -30.29
C VAL G 174 -49.12 -18.79 -29.13
N LEU G 175 -48.73 -19.16 -27.91
CA LEU G 175 -49.62 -19.00 -26.74
C LEU G 175 -49.79 -17.53 -26.33
N PRO G 176 -51.05 -17.13 -26.06
CA PRO G 176 -51.35 -15.75 -25.74
C PRO G 176 -50.95 -15.34 -24.33
N ASN G 177 -50.79 -14.04 -24.13
CA ASN G 177 -50.65 -13.42 -22.80
C ASN G 177 -51.69 -13.87 -21.76
N ALA G 178 -52.93 -14.07 -22.21
CA ALA G 178 -54.04 -14.46 -21.34
C ALA G 178 -53.96 -15.88 -20.82
N THR G 179 -53.03 -16.70 -21.34
CA THR G 179 -52.81 -18.08 -20.89
C THR G 179 -52.61 -18.14 -19.38
N GLU G 180 -53.32 -19.06 -18.71
CA GLU G 180 -53.25 -19.17 -17.25
C GLU G 180 -51.89 -19.70 -16.83
N THR G 181 -51.34 -19.12 -15.77
CA THR G 181 -50.17 -19.67 -15.09
C THR G 181 -50.44 -19.77 -13.58
N ARG G 182 -49.56 -20.45 -12.87
CA ARG G 182 -49.67 -20.70 -11.43
C ARG G 182 -48.30 -20.49 -10.82
N ILE G 183 -48.25 -19.94 -9.61
CA ILE G 183 -47.01 -19.46 -9.04
C ILE G 183 -47.07 -19.43 -7.52
N VAL G 184 -45.97 -19.85 -6.91
CA VAL G 184 -45.77 -19.69 -5.49
C VAL G 184 -44.95 -18.42 -5.33
N VAL G 185 -45.49 -17.46 -4.56
CA VAL G 185 -44.78 -16.20 -4.25
C VAL G 185 -44.52 -16.10 -2.76
N THR G 186 -43.25 -15.92 -2.40
CA THR G 186 -42.83 -15.75 -1.02
C THR G 186 -42.13 -14.42 -0.86
N GLY G 187 -42.55 -13.68 0.17
CA GLY G 187 -41.87 -12.46 0.51
C GLY G 187 -42.00 -12.16 1.96
N ASN G 188 -41.06 -11.33 2.45
CA ASN G 188 -41.18 -10.81 3.82
C ASN G 188 -42.15 -9.64 3.92
N TYR G 189 -42.50 -9.23 5.15
CA TYR G 189 -43.55 -8.21 5.29
C TYR G 189 -43.22 -6.93 4.52
N ARG G 190 -41.95 -6.51 4.58
CA ARG G 190 -41.50 -5.27 3.92
C ARG G 190 -41.65 -5.34 2.40
N ALA G 191 -41.26 -6.47 1.83
CA ALA G 191 -41.44 -6.73 0.39
C ALA G 191 -42.91 -6.67 0.01
N TRP G 192 -43.76 -7.31 0.83
CA TRP G 192 -45.21 -7.25 0.60
C TRP G 192 -45.78 -5.84 0.61
N ARG G 193 -45.39 -5.03 1.60
CA ARG G 193 -45.82 -3.64 1.69
C ARG G 193 -45.47 -2.84 0.42
N HIS G 194 -44.25 -3.04 -0.08
CA HIS G 194 -43.84 -2.36 -1.31
C HIS G 194 -44.69 -2.76 -2.54
N PHE G 195 -44.91 -4.06 -2.71
CA PHE G 195 -45.71 -4.57 -3.80
C PHE G 195 -47.14 -4.01 -3.78
N ILE G 196 -47.74 -3.97 -2.59
CA ILE G 196 -49.08 -3.44 -2.40
C ILE G 196 -49.10 -1.97 -2.80
N ALA G 197 -48.12 -1.21 -2.30
CA ALA G 197 -48.03 0.20 -2.60
C ALA G 197 -47.88 0.45 -4.09
N MET G 198 -47.10 -0.37 -4.78
CA MET G 198 -46.88 -0.19 -6.22
C MET G 198 -48.05 -0.71 -7.07
N ARG G 199 -48.66 -1.83 -6.67
CA ARG G 199 -49.60 -2.52 -7.54
C ARG G 199 -51.11 -2.32 -7.21
N ALA G 200 -51.42 -2.01 -5.97
CA ALA G 200 -52.81 -1.72 -5.57
C ALA G 200 -53.15 -0.27 -5.81
N SER G 201 -52.53 0.37 -6.79
CA SER G 201 -52.78 1.78 -7.05
C SER G 201 -53.48 1.95 -8.40
N GLU G 202 -53.99 3.15 -8.63
CA GLU G 202 -54.67 3.45 -9.87
C GLU G 202 -53.76 3.42 -11.10
N HIS G 203 -52.45 3.58 -10.91
CA HIS G 203 -51.51 3.56 -12.04
C HIS G 203 -51.30 2.18 -12.64
N ALA G 204 -51.54 1.14 -11.84
CA ALA G 204 -51.27 -0.24 -12.25
C ALA G 204 -52.41 -0.87 -13.07
N ASP G 205 -52.05 -1.89 -13.86
CA ASP G 205 -53.02 -2.72 -14.58
C ASP G 205 -54.03 -3.26 -13.60
N VAL G 206 -55.28 -3.34 -14.04
CA VAL G 206 -56.39 -3.82 -13.21
C VAL G 206 -56.24 -5.28 -12.76
N GLU G 207 -55.58 -6.13 -13.54
CA GLU G 207 -55.42 -7.53 -13.09
C GLU G 207 -54.48 -7.65 -11.88
N ILE G 208 -53.32 -6.98 -11.92
CA ILE G 208 -52.35 -7.11 -10.84
C ILE G 208 -52.82 -6.31 -9.62
N ARG G 209 -53.59 -5.26 -9.87
CA ARG G 209 -54.21 -4.50 -8.80
C ARG G 209 -55.19 -5.37 -8.03
N ARG G 210 -55.94 -6.19 -8.74
CA ARG G 210 -56.90 -7.08 -8.10
C ARG G 210 -56.17 -8.09 -7.25
N LEU G 211 -55.07 -8.62 -7.80
CA LEU G 211 -54.20 -9.52 -7.07
C LEU G 211 -53.64 -8.85 -5.80
N ALA G 212 -53.12 -7.63 -5.95
CA ALA G 212 -52.54 -6.86 -4.84
C ALA G 212 -53.55 -6.68 -3.72
N ILE G 213 -54.79 -6.33 -4.08
CA ILE G 213 -55.85 -6.11 -3.08
C ILE G 213 -56.17 -7.39 -2.28
N GLU G 214 -56.28 -8.52 -2.97
CA GLU G 214 -56.54 -9.79 -2.31
C GLU G 214 -55.39 -10.20 -1.39
N CYS G 215 -54.15 -10.03 -1.87
CA CYS G 215 -53.00 -10.31 -1.00
C CYS G 215 -53.06 -9.48 0.27
N LEU G 216 -53.32 -8.18 0.15
CA LEU G 216 -53.34 -7.26 1.28
C LEU G 216 -54.40 -7.69 2.29
N ARG G 217 -55.55 -8.15 1.81
CA ARG G 217 -56.63 -8.58 2.72
C ARG G 217 -56.22 -9.79 3.51
N GLN G 218 -55.56 -10.75 2.87
CA GLN G 218 -55.12 -11.95 3.57
C GLN G 218 -53.93 -11.69 4.48
N LEU G 219 -53.03 -10.81 4.03
CA LEU G 219 -51.87 -10.41 4.84
C LEU G 219 -52.28 -9.67 6.12
N ALA G 220 -53.24 -8.76 5.98
CA ALA G 220 -53.73 -7.99 7.12
C ALA G 220 -54.30 -8.92 8.18
N ALA G 221 -54.97 -9.98 7.73
CA ALA G 221 -55.51 -11.04 8.60
C ALA G 221 -54.43 -11.82 9.33
N VAL G 222 -53.41 -12.31 8.62
CA VAL G 222 -52.30 -13.00 9.31
C VAL G 222 -51.34 -12.09 10.07
N ALA G 223 -51.28 -10.81 9.73
CA ALA G 223 -50.31 -9.90 10.36
C ALA G 223 -50.96 -8.57 10.76
N PRO G 224 -51.82 -8.61 11.78
CA PRO G 224 -52.53 -7.39 12.16
C PRO G 224 -51.58 -6.25 12.57
N ALA G 225 -51.91 -5.03 12.16
CA ALA G 225 -51.12 -3.86 12.50
C ALA G 225 -49.98 -3.63 11.48
N VAL G 226 -49.41 -4.69 10.92
CA VAL G 226 -48.29 -4.57 9.95
C VAL G 226 -48.74 -3.85 8.66
N PHE G 227 -50.01 -4.05 8.27
CA PHE G 227 -50.55 -3.48 7.01
C PHE G 227 -51.71 -2.50 7.29
N ALA G 228 -51.91 -2.15 8.55
CA ALA G 228 -53.06 -1.32 8.95
C ALA G 228 -53.03 0.08 8.37
N ASP G 229 -51.87 0.62 8.05
CA ASP G 229 -51.83 1.95 7.42
C ASP G 229 -52.31 1.99 5.95
N PHE G 230 -52.49 0.83 5.31
CA PHE G 230 -53.09 0.79 3.99
C PHE G 230 -54.61 0.83 4.13
N GLU G 231 -55.22 1.82 3.49
CA GLU G 231 -56.67 1.97 3.42
C GLU G 231 -57.15 1.57 2.05
N VAL G 232 -58.12 0.67 1.99
CA VAL G 232 -58.75 0.30 0.74
C VAL G 232 -59.88 1.28 0.42
N THR G 233 -59.82 1.92 -0.74
CA THR G 233 -60.93 2.75 -1.22
C THR G 233 -61.43 2.13 -2.51
N THR G 234 -62.68 2.39 -2.85
CA THR G 234 -63.26 1.82 -4.08
C THR G 234 -63.42 2.91 -5.11
N LEU G 235 -62.87 2.71 -6.31
CA LEU G 235 -62.93 3.72 -7.37
C LEU G 235 -64.30 3.80 -8.04
N ALA G 236 -64.54 4.88 -8.79
CA ALA G 236 -65.78 5.06 -9.58
C ALA G 236 -66.18 3.84 -10.42
N ASP G 237 -65.21 3.21 -11.10
CA ASP G 237 -65.47 1.99 -11.89
C ASP G 237 -65.61 0.73 -11.06
N GLY G 238 -65.61 0.89 -9.74
CA GLY G 238 -65.79 -0.23 -8.84
C GLY G 238 -64.55 -1.05 -8.54
N THR G 239 -63.39 -0.69 -9.11
CA THR G 239 -62.15 -1.36 -8.70
C THR G 239 -61.66 -0.76 -7.39
N GLU G 240 -60.77 -1.47 -6.71
CA GLU G 240 -60.31 -1.03 -5.40
C GLU G 240 -58.83 -0.75 -5.44
N VAL G 241 -58.41 0.28 -4.71
CA VAL G 241 -56.99 0.59 -4.56
C VAL G 241 -56.66 0.67 -3.10
N ALA G 242 -55.38 0.67 -2.80
CA ALA G 242 -54.92 0.71 -1.43
C ALA G 242 -53.87 1.80 -1.37
N THR G 243 -53.99 2.69 -0.38
CA THR G 243 -53.12 3.85 -0.25
C THR G 243 -52.64 3.98 1.18
N SER G 244 -51.36 4.30 1.34
CA SER G 244 -50.82 4.64 2.65
C SER G 244 -50.06 5.96 2.62
N PRO G 245 -50.23 6.80 3.67
CA PRO G 245 -49.35 7.98 3.79
C PRO G 245 -47.88 7.61 4.05
N LEU G 246 -47.63 6.37 4.47
CA LEU G 246 -46.26 5.88 4.68
C LEU G 246 -45.69 5.13 3.47
N ALA G 247 -46.38 5.19 2.32
CA ALA G 247 -46.00 4.45 1.10
C ALA G 247 -44.50 4.23 1.01
N GLU H 3 -1.64 11.06 13.05
CA GLU H 3 -2.55 10.41 13.98
C GLU H 3 -4.07 10.52 13.85
N THR H 4 -4.65 11.62 13.34
CA THR H 4 -6.05 11.52 12.92
C THR H 4 -6.17 11.63 11.40
N ALA H 5 -7.24 11.04 10.86
CA ALA H 5 -7.50 11.04 9.43
C ALA H 5 -8.76 11.83 9.13
N PRO H 6 -8.68 12.81 8.22
CA PRO H 6 -9.91 13.51 7.85
C PRO H 6 -10.66 12.73 6.78
N LEU H 7 -11.96 12.99 6.67
CA LEU H 7 -12.81 12.44 5.62
C LEU H 7 -12.30 12.89 4.28
N ARG H 8 -12.18 11.95 3.36
CA ARG H 8 -11.85 12.26 1.97
C ARG H 8 -12.70 11.35 1.11
N VAL H 9 -13.41 11.95 0.17
CA VAL H 9 -14.29 11.23 -0.74
C VAL H 9 -13.81 11.54 -2.16
N GLN H 10 -13.46 10.51 -2.89
CA GLN H 10 -12.90 10.69 -4.22
C GLN H 10 -13.68 9.89 -5.21
N LEU H 11 -14.20 10.58 -6.23
CA LEU H 11 -14.96 9.90 -7.26
C LEU H 11 -13.98 9.18 -8.19
N ILE H 12 -14.10 7.86 -8.31
CA ILE H 12 -13.11 7.10 -9.08
C ILE H 12 -13.68 6.41 -10.33
N ALA H 13 -14.99 6.27 -10.38
CA ALA H 13 -15.61 5.66 -11.56
C ALA H 13 -17.02 6.14 -11.76
N LYS H 14 -17.43 6.16 -13.02
CA LYS H 14 -18.78 6.49 -13.42
C LYS H 14 -19.10 5.87 -14.78
N THR H 15 -20.39 5.75 -15.07
CA THR H 15 -20.89 5.27 -16.34
C THR H 15 -20.38 6.03 -17.57
N ASP H 16 -19.99 5.28 -18.59
CA ASP H 16 -19.68 5.79 -19.92
C ASP H 16 -20.79 5.30 -20.84
N PHE H 17 -21.44 6.23 -21.55
CA PHE H 17 -22.60 5.91 -22.42
C PHE H 17 -22.22 5.92 -23.90
N LEU H 18 -22.62 4.86 -24.62
CA LEU H 18 -22.40 4.77 -26.08
C LEU H 18 -23.75 4.63 -26.77
N ALA H 19 -24.28 5.76 -27.23
CA ALA H 19 -25.58 5.80 -27.91
C ALA H 19 -25.58 4.80 -29.07
N PRO H 20 -26.64 3.97 -29.17
CA PRO H 20 -26.70 2.94 -30.20
C PRO H 20 -27.12 3.56 -31.53
N PRO H 21 -26.31 3.37 -32.58
CA PRO H 21 -26.41 4.23 -33.77
C PRO H 21 -27.77 4.22 -34.48
N ASP H 22 -28.46 3.09 -34.50
CA ASP H 22 -29.70 2.96 -35.28
C ASP H 22 -30.98 3.28 -34.50
N VAL H 23 -30.86 3.98 -33.37
CA VAL H 23 -32.05 4.49 -32.69
C VAL H 23 -32.14 5.98 -32.93
N PRO H 24 -33.27 6.45 -33.52
CA PRO H 24 -33.42 7.82 -33.99
C PRO H 24 -33.63 8.81 -32.84
N TRP H 25 -32.59 8.95 -32.02
CA TRP H 25 -32.69 9.71 -30.79
C TRP H 25 -31.36 10.33 -30.49
N THR H 26 -31.41 11.57 -30.02
CA THR H 26 -30.25 12.29 -29.50
C THR H 26 -30.67 13.06 -28.26
N THR H 27 -29.71 13.49 -27.46
CA THR H 27 -30.04 14.34 -26.35
C THR H 27 -28.90 15.25 -25.99
N ASP H 28 -29.14 16.20 -25.10
CA ASP H 28 -28.14 17.23 -24.76
C ASP H 28 -27.39 16.86 -23.46
N ALA H 29 -26.89 15.64 -23.44
CA ALA H 29 -26.09 15.13 -22.30
C ALA H 29 -25.34 13.90 -22.74
N ASP H 30 -24.39 13.48 -21.91
CA ASP H 30 -23.63 12.25 -22.12
C ASP H 30 -23.61 11.47 -20.83
N GLY H 31 -22.95 10.33 -20.82
CA GLY H 31 -22.75 9.59 -19.61
C GLY H 31 -24.01 9.05 -18.93
N GLY H 32 -23.93 8.94 -17.61
CA GLY H 32 -25.02 8.34 -16.82
C GLY H 32 -26.34 9.01 -17.07
N PRO H 33 -26.36 10.35 -17.04
CA PRO H 33 -27.66 11.00 -17.28
C PRO H 33 -28.28 10.67 -18.65
N ALA H 34 -27.47 10.58 -19.70
CA ALA H 34 -27.95 10.22 -21.04
C ALA H 34 -28.48 8.81 -21.10
N LEU H 35 -27.79 7.89 -20.42
CA LEU H 35 -28.20 6.49 -20.38
C LEU H 35 -29.58 6.36 -19.72
N VAL H 36 -29.77 7.08 -18.62
CA VAL H 36 -31.03 7.01 -17.86
C VAL H 36 -32.20 7.46 -18.73
N GLU H 37 -32.03 8.59 -19.44
CA GLU H 37 -33.00 9.01 -20.47
C GLU H 37 -33.25 7.92 -21.51
N PHE H 38 -32.18 7.32 -22.02
CA PHE H 38 -32.33 6.32 -23.06
C PHE H 38 -33.20 5.17 -22.54
N ALA H 39 -32.91 4.72 -21.31
CA ALA H 39 -33.63 3.61 -20.71
C ALA H 39 -35.10 3.94 -20.54
N GLY H 40 -35.38 5.12 -20.00
CA GLY H 40 -36.75 5.63 -19.83
C GLY H 40 -37.54 5.66 -21.14
N ARG H 41 -36.97 6.26 -22.18
CA ARG H 41 -37.65 6.32 -23.50
C ARG H 41 -37.85 4.96 -24.17
N ALA H 42 -36.98 3.98 -23.87
CA ALA H 42 -37.11 2.61 -24.38
C ALA H 42 -38.41 1.92 -23.94
N CYS H 43 -38.90 2.25 -22.75
CA CYS H 43 -40.17 1.74 -22.28
C CYS H 43 -41.34 2.14 -23.18
N TYR H 44 -41.34 3.40 -23.61
CA TYR H 44 -42.40 3.94 -24.47
C TYR H 44 -42.00 4.05 -25.95
N GLN H 45 -40.75 3.71 -26.30
CA GLN H 45 -40.19 3.99 -27.65
C GLN H 45 -40.47 5.43 -28.05
N SER H 46 -40.23 6.36 -27.12
CA SER H 46 -40.52 7.75 -27.34
C SER H 46 -39.31 8.49 -27.89
N TRP H 47 -38.67 7.93 -28.91
CA TRP H 47 -37.43 8.50 -29.48
C TRP H 47 -37.56 9.90 -30.10
N SER H 48 -38.72 10.20 -30.70
CA SER H 48 -38.93 11.51 -31.34
C SER H 48 -39.08 12.67 -30.34
N LYS H 49 -39.25 12.36 -29.05
CA LYS H 49 -39.45 13.37 -28.01
C LYS H 49 -40.68 14.25 -28.30
N PRO H 50 -41.88 13.64 -28.33
CA PRO H 50 -43.07 14.38 -28.74
C PRO H 50 -43.53 15.47 -27.76
N ASN H 51 -43.11 15.39 -26.48
CA ASN H 51 -43.49 16.42 -25.50
C ASN H 51 -42.34 17.41 -25.31
N PRO H 52 -42.54 18.68 -25.72
CA PRO H 52 -41.50 19.71 -25.57
C PRO H 52 -41.07 19.99 -24.14
N LYS H 53 -41.97 19.81 -23.17
CA LYS H 53 -41.64 20.08 -21.76
C LYS H 53 -40.52 19.16 -21.24
N THR H 54 -40.43 17.96 -21.80
CA THR H 54 -39.46 16.99 -21.34
C THR H 54 -38.45 16.66 -22.43
N ALA H 55 -38.23 17.59 -23.37
CA ALA H 55 -37.36 17.32 -24.53
C ALA H 55 -35.87 17.64 -24.29
N THR H 56 -35.52 18.17 -23.12
CA THR H 56 -34.12 18.26 -22.73
C THR H 56 -33.83 17.10 -21.77
N ASN H 57 -32.57 16.71 -21.65
CA ASN H 57 -32.20 15.65 -20.69
C ASN H 57 -32.57 15.99 -19.23
N ALA H 58 -32.30 17.22 -18.81
CA ALA H 58 -32.58 17.62 -17.43
C ALA H 58 -34.08 17.64 -17.15
N GLY H 59 -34.86 18.05 -18.15
CA GLY H 59 -36.32 18.09 -18.03
C GLY H 59 -36.92 16.70 -17.97
N TYR H 60 -36.36 15.78 -18.75
CA TYR H 60 -36.81 14.41 -18.76
C TYR H 60 -36.50 13.71 -17.43
N LEU H 61 -35.28 13.88 -16.92
CA LEU H 61 -34.92 13.23 -15.66
C LEU H 61 -35.70 13.82 -14.50
N ARG H 62 -35.93 15.14 -14.52
CA ARG H 62 -36.80 15.78 -13.54
C ARG H 62 -38.18 15.14 -13.55
N HIS H 63 -38.69 14.88 -14.75
CA HIS H 63 -39.99 14.22 -14.94
C HIS H 63 -40.02 12.78 -14.44
N ILE H 64 -38.98 12.00 -14.77
CA ILE H 64 -38.82 10.64 -14.23
C ILE H 64 -38.97 10.58 -12.69
N ILE H 65 -38.37 11.54 -11.99
CA ILE H 65 -38.38 11.55 -10.54
C ILE H 65 -39.72 12.07 -9.99
N ASP H 66 -40.23 13.15 -10.58
CA ASP H 66 -41.56 13.70 -10.23
C ASP H 66 -42.65 12.63 -10.25
N VAL H 67 -42.63 11.76 -11.26
CA VAL H 67 -43.61 10.70 -11.46
C VAL H 67 -43.22 9.38 -10.78
N GLY H 68 -42.12 9.40 -10.04
CA GLY H 68 -41.69 8.26 -9.25
C GLY H 68 -41.28 7.03 -10.02
N HIS H 69 -40.72 7.18 -11.23
CA HIS H 69 -40.23 6.02 -11.98
C HIS H 69 -38.75 5.73 -11.64
N PHE H 70 -38.52 5.33 -10.39
CA PHE H 70 -37.14 5.24 -9.87
C PHE H 70 -36.29 4.08 -10.42
N SER H 71 -36.91 3.01 -10.90
CA SER H 71 -36.13 1.90 -11.44
C SER H 71 -35.28 2.32 -12.63
N VAL H 72 -35.72 3.30 -13.44
CA VAL H 72 -34.93 3.77 -14.59
C VAL H 72 -33.57 4.40 -14.15
N LEU H 73 -33.53 4.96 -12.95
CA LEU H 73 -32.30 5.53 -12.39
C LEU H 73 -31.22 4.48 -12.11
N GLU H 74 -31.58 3.20 -12.09
CA GLU H 74 -30.64 2.18 -11.66
C GLU H 74 -29.57 1.86 -12.68
N HIS H 75 -29.79 2.25 -13.94
CA HIS H 75 -28.83 1.91 -15.00
C HIS H 75 -27.46 2.60 -14.88
N ALA H 76 -27.42 3.79 -14.28
CA ALA H 76 -26.20 4.60 -14.15
C ALA H 76 -25.60 4.44 -12.77
N SER H 77 -24.27 4.32 -12.70
CA SER H 77 -23.61 4.22 -11.40
C SER H 77 -22.41 5.13 -11.22
N VAL H 78 -21.99 5.25 -9.96
CA VAL H 78 -20.81 6.03 -9.53
C VAL H 78 -20.11 5.25 -8.43
N SER H 79 -18.78 5.24 -8.45
CA SER H 79 -17.97 4.64 -7.41
C SER H 79 -17.14 5.71 -6.73
N PHE H 80 -17.04 5.62 -5.40
CA PHE H 80 -16.13 6.47 -4.62
C PHE H 80 -15.06 5.64 -3.87
N TYR H 81 -13.90 6.25 -3.66
CA TYR H 81 -12.91 5.74 -2.71
C TYR H 81 -12.95 6.68 -1.52
N ILE H 82 -13.31 6.12 -0.37
CA ILE H 82 -13.52 6.87 0.84
C ILE H 82 -12.47 6.46 1.86
N THR H 83 -11.79 7.46 2.40
CA THR H 83 -10.84 7.28 3.46
C THR H 83 -11.18 8.24 4.60
N GLY H 84 -10.54 8.08 5.76
CA GLY H 84 -10.84 8.91 6.92
C GLY H 84 -12.25 8.70 7.45
N ILE H 85 -12.71 7.45 7.36
CA ILE H 85 -13.99 6.99 7.91
C ILE H 85 -13.66 5.95 9.02
N SER H 86 -14.42 5.98 10.11
CA SER H 86 -14.23 5.04 11.21
C SER H 86 -14.86 3.67 10.94
N ARG H 87 -14.40 2.67 11.68
CA ARG H 87 -14.99 1.34 11.69
C ARG H 87 -16.45 1.31 12.18
N SER H 88 -16.83 2.24 13.05
CA SER H 88 -18.24 2.36 13.47
C SER H 88 -19.10 2.89 12.32
N CYS H 89 -18.56 3.85 11.57
CA CYS H 89 -19.24 4.37 10.40
C CYS H 89 -19.43 3.31 9.30
N THR H 90 -18.39 2.54 9.01
CA THR H 90 -18.52 1.46 8.01
C THR H 90 -19.51 0.38 8.46
N HIS H 91 -19.58 0.12 9.76
CA HIS H 91 -20.54 -0.86 10.28
C HIS H 91 -22.01 -0.42 10.01
N GLU H 92 -22.27 0.87 9.96
CA GLU H 92 -23.56 1.37 9.53
C GLU H 92 -23.72 1.39 8.01
N LEU H 93 -22.69 1.87 7.32
CA LEU H 93 -22.73 2.04 5.88
C LEU H 93 -23.10 0.74 5.16
N ILE H 94 -22.46 -0.35 5.56
CA ILE H 94 -22.59 -1.60 4.83
C ILE H 94 -23.92 -2.29 5.09
N ARG H 95 -24.75 -1.74 5.99
CA ARG H 95 -26.15 -2.16 6.10
C ARG H 95 -26.97 -1.83 4.84
N HIS H 96 -26.47 -0.89 4.01
CA HIS H 96 -27.08 -0.64 2.71
C HIS H 96 -26.68 -1.75 1.74
N ARG H 97 -27.66 -2.58 1.42
CA ARG H 97 -27.43 -3.81 0.72
C ARG H 97 -27.47 -3.67 -0.81
N HIS H 98 -27.83 -2.51 -1.35
CA HIS H 98 -27.80 -2.33 -2.80
C HIS H 98 -26.60 -1.48 -3.25
N PHE H 99 -25.52 -1.58 -2.48
CA PHE H 99 -24.21 -1.06 -2.89
C PHE H 99 -23.26 -2.24 -2.98
N SER H 100 -22.11 -2.02 -3.61
CA SER H 100 -21.06 -3.01 -3.63
C SER H 100 -19.87 -2.40 -2.92
N TYR H 101 -19.14 -3.22 -2.17
CA TYR H 101 -18.08 -2.75 -1.29
C TYR H 101 -16.76 -3.51 -1.46
N SER H 102 -15.64 -2.79 -1.34
CA SER H 102 -14.34 -3.42 -1.10
C SER H 102 -13.62 -2.57 -0.06
N GLN H 103 -13.28 -3.21 1.06
CA GLN H 103 -12.83 -2.49 2.25
C GLN H 103 -11.53 -3.04 2.81
N LEU H 104 -10.73 -2.10 3.31
CA LEU H 104 -9.49 -2.40 4.02
C LEU H 104 -9.71 -3.44 5.10
N SER H 105 -8.94 -4.54 5.03
CA SER H 105 -9.14 -5.66 5.97
C SER H 105 -8.16 -5.72 7.14
N GLN H 106 -8.69 -5.74 8.36
CA GLN H 106 -7.84 -5.86 9.55
C GLN H 106 -7.26 -7.28 9.71
N ARG H 107 -7.82 -8.27 9.05
CA ARG H 107 -7.18 -9.60 9.05
C ARG H 107 -5.91 -9.60 8.22
N TYR H 108 -5.84 -8.74 7.22
CA TYR H 108 -4.73 -8.78 6.27
C TYR H 108 -3.72 -7.63 6.47
N VAL H 109 -4.20 -6.48 6.93
CA VAL H 109 -3.43 -5.27 6.95
C VAL H 109 -2.93 -4.96 8.36
N PRO H 110 -1.60 -4.86 8.55
CA PRO H 110 -0.98 -4.44 9.82
C PRO H 110 -1.56 -3.11 10.29
N GLU H 111 -2.01 -3.04 11.54
CA GLU H 111 -2.69 -1.85 12.04
C GLU H 111 -1.96 -1.19 13.18
N LYS H 112 -0.70 -1.55 13.45
CA LYS H 112 -0.06 -0.95 14.62
C LYS H 112 0.20 0.54 14.46
N ASP H 113 0.24 1.04 13.22
CA ASP H 113 0.41 2.47 12.95
C ASP H 113 -0.88 3.16 12.47
N SER H 114 -2.03 2.57 12.72
CA SER H 114 -3.29 3.16 12.28
C SER H 114 -3.63 4.53 12.88
N ARG H 115 -4.27 5.35 12.07
CA ARG H 115 -4.86 6.61 12.50
C ARG H 115 -6.25 6.35 13.10
N VAL H 116 -6.74 7.34 13.85
CA VAL H 116 -8.15 7.31 14.27
C VAL H 116 -8.90 8.44 13.64
N VAL H 117 -10.22 8.27 13.55
CA VAL H 117 -11.12 9.29 13.07
C VAL H 117 -11.83 9.88 14.29
N VAL H 118 -11.76 11.19 14.43
CA VAL H 118 -12.39 11.88 15.56
C VAL H 118 -13.90 12.03 15.28
N PRO H 119 -14.75 11.62 16.24
CA PRO H 119 -16.17 11.87 16.15
C PRO H 119 -16.45 13.33 15.96
N PRO H 120 -17.29 13.68 14.98
CA PRO H 120 -17.57 15.10 14.74
C PRO H 120 -17.99 15.91 16.01
N GLY H 121 -18.68 15.25 16.94
CA GLY H 121 -19.14 15.89 18.15
C GLY H 121 -18.04 16.30 19.12
N MET H 122 -16.82 15.82 18.91
CA MET H 122 -15.70 16.22 19.75
C MET H 122 -14.50 16.80 19.01
N GLU H 123 -14.69 17.14 17.73
CA GLU H 123 -13.62 17.68 16.88
C GLU H 123 -13.06 19.02 17.35
N ASP H 124 -13.93 19.89 17.86
CA ASP H 124 -13.50 21.23 18.32
C ASP H 124 -13.02 21.24 19.78
N ASP H 125 -12.81 20.05 20.37
CA ASP H 125 -12.46 19.94 21.78
C ASP H 125 -11.11 19.30 21.99
N ALA H 126 -10.11 20.11 22.35
CA ALA H 126 -8.74 19.61 22.46
C ALA H 126 -8.63 18.52 23.53
N ASP H 127 -9.27 18.74 24.67
CA ASP H 127 -9.20 17.80 25.78
C ASP H 127 -9.86 16.46 25.47
N LEU H 128 -10.99 16.48 24.78
CA LEU H 128 -11.69 15.24 24.44
C LEU H 128 -10.90 14.50 23.36
N ARG H 129 -10.36 15.24 22.41
CA ARG H 129 -9.49 14.62 21.40
C ARG H 129 -8.28 13.97 22.04
N HIS H 130 -7.72 14.63 23.07
CA HIS H 130 -6.57 14.08 23.79
C HIS H 130 -6.90 12.75 24.49
N ILE H 131 -8.08 12.68 25.11
CA ILE H 131 -8.53 11.47 25.78
C ILE H 131 -8.65 10.33 24.76
N LEU H 132 -9.20 10.65 23.60
CA LEU H 132 -9.40 9.68 22.53
C LEU H 132 -8.08 9.15 21.97
N THR H 133 -7.16 10.06 21.65
CA THR H 133 -5.89 9.66 21.02
C THR H 133 -4.96 8.95 22.04
N GLU H 134 -5.01 9.33 23.31
CA GLU H 134 -4.31 8.56 24.36
C GLU H 134 -4.86 7.13 24.42
N ALA H 135 -6.19 6.99 24.45
CA ALA H 135 -6.82 5.67 24.47
C ALA H 135 -6.42 4.81 23.25
N ALA H 136 -6.40 5.44 22.08
CA ALA H 136 -6.02 4.76 20.84
C ALA H 136 -4.57 4.24 20.91
N ASP H 137 -3.64 5.08 21.41
CA ASP H 137 -2.23 4.69 21.60
C ASP H 137 -2.12 3.46 22.53
N ALA H 138 -2.85 3.48 23.63
CA ALA H 138 -2.86 2.33 24.53
C ALA H 138 -3.34 1.06 23.82
N ALA H 139 -4.39 1.20 23.01
CA ALA H 139 -4.95 0.07 22.25
C ALA H 139 -3.97 -0.48 21.20
N ARG H 140 -3.31 0.39 20.47
CA ARG H 140 -2.30 -0.06 19.50
C ARG H 140 -1.09 -0.72 20.17
N ALA H 141 -0.67 -0.19 21.31
CA ALA H 141 0.36 -0.83 22.14
C ALA H 141 -0.04 -2.25 22.55
N THR H 142 -1.28 -2.42 22.99
CA THR H 142 -1.82 -3.74 23.33
C THR H 142 -1.89 -4.62 22.10
N TYR H 143 -2.35 -4.05 20.98
CA TYR H 143 -2.41 -4.75 19.70
C TYR H 143 -1.05 -5.38 19.35
N SER H 144 0.00 -4.60 19.44
CA SER H 144 1.36 -5.09 19.16
C SER H 144 1.83 -6.14 20.16
N GLU H 145 1.56 -5.91 21.44
CA GLU H 145 1.83 -6.88 22.51
C GLU H 145 1.16 -8.22 22.22
N LEU H 146 -0.13 -8.18 21.89
CA LEU H 146 -0.88 -9.40 21.59
C LEU H 146 -0.35 -10.06 20.32
N LEU H 147 -0.02 -9.25 19.32
CA LEU H 147 0.45 -9.76 18.03
C LEU H 147 1.74 -10.58 18.20
N ALA H 148 2.70 -10.07 18.98
CA ALA H 148 3.97 -10.79 19.18
C ALA H 148 3.72 -12.11 19.92
N LYS H 149 2.93 -12.04 20.99
CA LYS H 149 2.61 -13.23 21.75
C LYS H 149 1.84 -14.29 20.96
N LEU H 150 0.92 -13.85 20.10
CA LEU H 150 0.13 -14.77 19.26
C LEU H 150 0.96 -15.39 18.14
N GLU H 151 1.86 -14.61 17.55
CA GLU H 151 2.78 -15.19 16.56
C GLU H 151 3.59 -16.36 17.17
N ALA H 152 4.07 -16.17 18.41
CA ALA H 152 4.85 -17.17 19.12
C ALA H 152 3.98 -18.38 19.49
N LYS H 153 2.79 -18.09 20.01
CA LYS H 153 1.82 -19.12 20.37
C LYS H 153 1.49 -20.01 19.18
N PHE H 154 1.41 -19.42 17.98
CA PHE H 154 1.14 -20.18 16.76
C PHE H 154 2.41 -20.63 16.02
N ALA H 155 3.53 -20.74 16.74
CA ALA H 155 4.81 -21.15 16.14
C ALA H 155 4.71 -22.52 15.46
N ASP H 156 3.92 -23.42 16.05
CA ASP H 156 3.72 -24.75 15.48
C ASP H 156 3.06 -24.72 14.08
N GLN H 157 2.48 -23.59 13.70
CA GLN H 157 1.94 -23.39 12.35
C GLN H 157 3.07 -23.14 11.35
N PRO H 158 3.37 -24.13 10.47
CA PRO H 158 4.51 -24.02 9.54
C PRO H 158 4.41 -22.90 8.50
N ASN H 159 3.20 -22.65 7.99
CA ASN H 159 3.02 -21.56 7.02
C ASN H 159 3.09 -20.20 7.71
N ALA H 160 4.14 -19.43 7.38
CA ALA H 160 4.39 -18.13 8.02
C ALA H 160 3.26 -17.13 7.79
N ILE H 161 2.76 -17.06 6.55
CA ILE H 161 1.68 -16.13 6.17
C ILE H 161 0.36 -16.38 6.92
N LEU H 162 -0.05 -17.63 7.02
CA LEU H 162 -1.23 -18.01 7.81
C LEU H 162 -1.00 -17.75 9.30
N ARG H 163 0.21 -18.04 9.76
CA ARG H 163 0.59 -17.81 11.15
C ARG H 163 0.37 -16.34 11.54
N ARG H 164 0.76 -15.42 10.65
CA ARG H 164 0.62 -13.98 10.91
C ARG H 164 -0.83 -13.49 10.79
N LYS H 165 -1.59 -14.09 9.89
CA LYS H 165 -3.01 -13.76 9.73
C LYS H 165 -3.80 -14.22 10.96
N GLN H 166 -3.55 -15.44 11.42
CA GLN H 166 -4.17 -15.96 12.62
C GLN H 166 -3.85 -15.07 13.82
N ALA H 167 -2.62 -14.59 13.87
CA ALA H 167 -2.22 -13.68 14.96
C ALA H 167 -2.98 -12.36 14.85
N ARG H 168 -3.04 -11.84 13.64
CA ARG H 168 -3.55 -10.49 13.41
C ARG H 168 -5.07 -10.42 13.67
N GLN H 169 -5.78 -11.44 13.24
CA GLN H 169 -7.23 -11.46 13.37
C GLN H 169 -7.66 -11.56 14.83
N ALA H 170 -6.83 -12.19 15.65
CA ALA H 170 -7.01 -12.14 17.09
C ALA H 170 -6.58 -10.81 17.71
N ALA H 171 -5.43 -10.23 17.29
CA ALA H 171 -4.91 -9.03 17.99
C ALA H 171 -5.78 -7.79 17.75
N ARG H 172 -6.43 -7.75 16.59
CA ARG H 172 -7.30 -6.62 16.28
C ARG H 172 -8.52 -6.52 17.21
N ALA H 173 -8.78 -7.54 18.02
CA ALA H 173 -9.83 -7.50 19.06
C ALA H 173 -9.77 -6.22 19.90
N VAL H 174 -8.56 -5.70 20.16
CA VAL H 174 -8.42 -4.50 20.99
C VAL H 174 -8.48 -3.14 20.27
N LEU H 175 -8.56 -3.16 18.93
CA LEU H 175 -8.59 -1.94 18.12
C LEU H 175 -9.94 -1.25 18.29
N PRO H 176 -9.94 0.06 18.54
CA PRO H 176 -11.19 0.70 18.83
C PRO H 176 -12.02 0.99 17.57
N ASN H 177 -13.29 1.30 17.80
CA ASN H 177 -14.22 1.75 16.77
C ASN H 177 -13.73 2.90 15.90
N ALA H 178 -13.00 3.84 16.51
CA ALA H 178 -12.46 5.03 15.88
C ALA H 178 -11.35 4.75 14.87
N THR H 179 -10.81 3.52 14.85
CA THR H 179 -9.76 3.18 13.89
C THR H 179 -10.18 3.52 12.46
N GLU H 180 -9.29 4.18 11.72
CA GLU H 180 -9.57 4.51 10.33
C GLU H 180 -9.73 3.24 9.50
N THR H 181 -10.65 3.31 8.56
CA THR H 181 -10.77 2.31 7.53
C THR H 181 -10.88 3.00 6.19
N ARG H 182 -10.86 2.20 5.11
CA ARG H 182 -10.80 2.74 3.75
C ARG H 182 -11.64 1.81 2.89
N ILE H 183 -12.43 2.37 1.99
CA ILE H 183 -13.47 1.58 1.31
C ILE H 183 -13.83 2.11 -0.08
N VAL H 184 -14.02 1.20 -1.03
CA VAL H 184 -14.59 1.49 -2.34
C VAL H 184 -16.07 1.19 -2.25
N VAL H 185 -16.89 2.17 -2.59
CA VAL H 185 -18.34 2.04 -2.54
C VAL H 185 -18.87 2.38 -3.92
N THR H 186 -19.63 1.44 -4.46
CA THR H 186 -20.24 1.57 -5.76
C THR H 186 -21.74 1.38 -5.64
N GLY H 187 -22.48 2.31 -6.25
CA GLY H 187 -23.94 2.32 -6.24
C GLY H 187 -24.51 2.92 -7.50
N ASN H 188 -25.70 2.47 -7.87
CA ASN H 188 -26.47 3.14 -8.93
C ASN H 188 -27.20 4.35 -8.36
N TYR H 189 -27.76 5.21 -9.24
CA TYR H 189 -28.36 6.47 -8.79
C TYR H 189 -29.49 6.27 -7.82
N ARG H 190 -30.28 5.22 -8.00
CA ARG H 190 -31.43 4.99 -7.09
C ARG H 190 -30.91 4.61 -5.70
N ALA H 191 -29.93 3.72 -5.67
CA ALA H 191 -29.27 3.35 -4.42
C ALA H 191 -28.65 4.56 -3.71
N TRP H 192 -27.97 5.43 -4.46
CA TRP H 192 -27.39 6.64 -3.85
C TRP H 192 -28.47 7.58 -3.30
N ARG H 193 -29.57 7.77 -4.04
CA ARG H 193 -30.66 8.58 -3.53
C ARG H 193 -31.18 8.08 -2.19
N HIS H 194 -31.42 6.76 -2.09
CA HIS H 194 -31.95 6.16 -0.86
C HIS H 194 -30.98 6.33 0.29
N PHE H 195 -29.70 6.09 0.04
CA PHE H 195 -28.65 6.33 1.02
C PHE H 195 -28.63 7.76 1.62
N ILE H 196 -28.63 8.73 0.73
CA ILE H 196 -28.62 10.14 1.09
C ILE H 196 -29.89 10.50 1.91
N ALA H 197 -31.05 10.06 1.43
CA ALA H 197 -32.33 10.24 2.16
C ALA H 197 -32.25 9.69 3.59
N MET H 198 -31.69 8.50 3.76
CA MET H 198 -31.62 7.88 5.07
C MET H 198 -30.52 8.46 5.96
N ARG H 199 -29.38 8.80 5.37
CA ARG H 199 -28.21 9.12 6.16
C ARG H 199 -27.91 10.60 6.30
N ALA H 200 -28.37 11.43 5.37
CA ALA H 200 -28.19 12.87 5.47
C ALA H 200 -29.36 13.47 6.24
N SER H 201 -29.73 12.85 7.36
CA SER H 201 -30.90 13.25 8.10
C SER H 201 -30.54 13.51 9.54
N GLU H 202 -31.39 14.28 10.23
CA GLU H 202 -31.12 14.57 11.62
C GLU H 202 -31.12 13.31 12.47
N HIS H 203 -31.76 12.22 12.04
CA HIS H 203 -31.78 10.98 12.85
C HIS H 203 -30.47 10.22 12.80
N ALA H 204 -29.69 10.46 11.75
CA ALA H 204 -28.45 9.69 11.53
C ALA H 204 -27.30 10.22 12.36
N ASP H 205 -26.39 9.32 12.70
CA ASP H 205 -25.14 9.69 13.36
C ASP H 205 -24.42 10.76 12.52
N VAL H 206 -23.77 11.70 13.21
CA VAL H 206 -23.20 12.83 12.54
C VAL H 206 -22.03 12.44 11.63
N GLU H 207 -21.32 11.35 11.96
CA GLU H 207 -20.22 10.93 11.03
C GLU H 207 -20.74 10.49 9.65
N ILE H 208 -21.70 9.58 9.61
CA ILE H 208 -22.23 9.08 8.34
C ILE H 208 -23.06 10.17 7.68
N ARG H 209 -23.63 11.08 8.48
CA ARG H 209 -24.36 12.21 7.92
C ARG H 209 -23.39 13.08 7.09
N ARG H 210 -22.21 13.33 7.66
CA ARG H 210 -21.20 14.15 6.99
C ARG H 210 -20.79 13.46 5.69
N LEU H 211 -20.62 12.13 5.73
CA LEU H 211 -20.31 11.35 4.51
C LEU H 211 -21.36 11.42 3.41
N ALA H 212 -22.63 11.27 3.80
CA ALA H 212 -23.78 11.36 2.89
C ALA H 212 -23.85 12.71 2.14
N ILE H 213 -23.65 13.81 2.87
CA ILE H 213 -23.69 15.17 2.29
C ILE H 213 -22.59 15.37 1.26
N GLU H 214 -21.41 14.85 1.57
CA GLU H 214 -20.25 14.98 0.69
C GLU H 214 -20.52 14.19 -0.58
N CYS H 215 -21.07 12.99 -0.46
CA CYS H 215 -21.39 12.19 -1.63
C CYS H 215 -22.45 12.90 -2.46
N LEU H 216 -23.48 13.43 -1.79
CA LEU H 216 -24.51 14.20 -2.48
C LEU H 216 -23.92 15.35 -3.31
N ARG H 217 -22.98 16.09 -2.74
CA ARG H 217 -22.38 17.23 -3.48
C ARG H 217 -21.67 16.78 -4.75
N GLN H 218 -20.90 15.68 -4.62
CA GLN H 218 -20.20 15.12 -5.77
C GLN H 218 -21.14 14.47 -6.80
N LEU H 219 -22.18 13.80 -6.33
CA LEU H 219 -23.18 13.26 -7.23
C LEU H 219 -23.98 14.37 -7.95
N ALA H 220 -24.34 15.42 -7.23
CA ALA H 220 -25.01 16.60 -7.82
C ALA H 220 -24.21 17.25 -8.97
N ALA H 221 -22.87 17.20 -8.90
CA ALA H 221 -22.03 17.65 -10.00
C ALA H 221 -22.07 16.71 -11.22
N VAL H 222 -22.19 15.41 -10.96
CA VAL H 222 -22.26 14.39 -12.03
C VAL H 222 -23.61 14.40 -12.71
N ALA H 223 -24.67 14.46 -11.93
CA ALA H 223 -26.00 14.35 -12.47
C ALA H 223 -26.94 15.29 -11.74
N PRO H 224 -26.98 16.60 -12.11
CA PRO H 224 -27.71 17.58 -11.30
C PRO H 224 -29.21 17.37 -11.21
N ALA H 225 -29.84 16.96 -12.30
CA ALA H 225 -31.30 16.75 -12.31
C ALA H 225 -31.73 15.53 -11.47
N VAL H 226 -30.82 14.57 -11.27
CA VAL H 226 -31.13 13.37 -10.49
C VAL H 226 -31.10 13.64 -8.97
N PHE H 227 -30.32 14.64 -8.53
CA PHE H 227 -30.15 14.95 -7.11
C PHE H 227 -30.67 16.37 -6.72
N ALA H 228 -31.33 17.05 -7.67
CA ALA H 228 -31.80 18.43 -7.48
C ALA H 228 -32.93 18.63 -6.46
N ASP H 229 -33.68 17.57 -6.12
CA ASP H 229 -34.70 17.66 -5.06
C ASP H 229 -34.14 17.62 -3.64
N PHE H 230 -32.87 17.25 -3.50
CA PHE H 230 -32.20 17.33 -2.21
C PHE H 230 -31.67 18.74 -2.04
N GLU H 231 -32.02 19.35 -0.90
CA GLU H 231 -31.55 20.67 -0.52
C GLU H 231 -30.76 20.54 0.78
N VAL H 232 -29.53 21.04 0.80
CA VAL H 232 -28.70 20.97 2.01
C VAL H 232 -29.12 22.13 2.90
N THR H 233 -29.33 21.86 4.20
CA THR H 233 -29.55 22.93 5.17
C THR H 233 -28.68 22.70 6.41
N THR H 234 -28.38 23.80 7.10
CA THR H 234 -27.49 23.77 8.27
C THR H 234 -28.30 23.91 9.53
N LEU H 235 -28.09 23.00 10.47
CA LEU H 235 -28.84 23.00 11.71
C LEU H 235 -28.17 23.92 12.75
N ALA H 236 -28.84 24.12 13.88
CA ALA H 236 -28.33 24.98 14.96
C ALA H 236 -26.87 24.66 15.29
N ASP H 237 -26.52 23.37 15.30
CA ASP H 237 -25.19 22.93 15.75
C ASP H 237 -24.12 23.02 14.67
N GLY H 238 -24.49 23.57 13.51
CA GLY H 238 -23.55 23.72 12.41
C GLY H 238 -23.42 22.49 11.53
N THR H 239 -24.12 21.40 11.86
CA THR H 239 -24.10 20.21 11.01
C THR H 239 -25.11 20.40 9.90
N GLU H 240 -24.91 19.69 8.79
CA GLU H 240 -25.78 19.77 7.63
C GLU H 240 -26.64 18.51 7.44
N VAL H 241 -27.81 18.73 6.85
CA VAL H 241 -28.75 17.69 6.52
C VAL H 241 -29.29 17.98 5.11
N ALA H 242 -29.73 16.93 4.42
CA ALA H 242 -30.32 17.07 3.10
C ALA H 242 -31.76 16.65 3.20
N THR H 243 -32.65 17.38 2.55
CA THR H 243 -34.06 17.00 2.57
C THR H 243 -34.70 17.06 1.19
N SER H 244 -35.52 16.06 0.92
CA SER H 244 -36.30 16.00 -0.32
C SER H 244 -37.75 15.63 -0.03
N PRO H 245 -38.71 16.42 -0.56
CA PRO H 245 -40.14 16.10 -0.43
C PRO H 245 -40.44 14.60 -0.62
#